data_6VG1
#
_entry.id   6VG1
#
_cell.length_a   146.645
_cell.length_b   42.393
_cell.length_c   167.471
_cell.angle_alpha   90.000
_cell.angle_beta   110.603
_cell.angle_gamma   90.000
#
_symmetry.space_group_name_H-M   'P 1 21 1'
#
loop_
_entity.id
_entity.type
_entity.pdbx_description
1 polymer 'protocadherin protein'
2 branched beta-D-mannopyranose-(1-4)-2-acetamido-2-deoxy-beta-D-glucopyranose-(1-4)-[alpha-L-fucopyranose-(1-6)]2-acetamido-2-deoxy-beta-D-glucopyranose
3 non-polymer 1,2-ETHANEDIOL
4 non-polymer 'CALCIUM ION'
5 non-polymer 'CHLORIDE ION'
6 non-polymer alpha-D-mannopyranose
7 non-polymer 'SODIUM ION'
8 water water
#
_entity_poly.entity_id   1
_entity_poly.type   'polypeptide(L)'
_entity_poly.pdbx_seq_one_letter_code
;KTVRYRTYEEDEPGTVIGTLAEDLHLEGEGSFRLMKQFNNSLIHVRESDGQLSIGERIDRERICRQSPHCTLALDVVSVA
KEQFKLIHVEVEVRDINDNSPRFPGAEIPVEVSESAPVGTRIPLDIATDEDVGVNSIQSFQISENSHFSIDVQTRADGVK
YADLVLMKELDRESQSAYTLELLAMDGGSPSRSGTTMVNVRVLDFNDNSPVFERSSVMVELMEDAPVGHLLLDLDALDPD
EGANGEIVYGFSPQVPQEVRQLFKIDAKSGRLTLEGQVDFETKQTYEFDAQAQDMALNPLTATCKVIVRVIDVNDNAPVI
GITPLTSISAGVAYITEAAARESFVALISTTDRDSGQNGQVHCTLYGHEHFRLQQAYEDSYMIVTTSALDREKIAEYNLT
VVAEDLGSPPFKTVKQYTIRVSDENDNAPVFAKPVYEVSVLENNAPGAYITTVVARDPDFGHNGKVIYRLVETEVMGAPI
TTYVSLDPATGAVYALRTFNHEILQQLDLRIQASDGGSPQLTSSAIIKVKIVDQNDNAPVIVQPALSNGSAEVVVPSRAP
HGFLVTHIKAKDADEGVNAELTYSIADEGRNVFTINKATGEVFLVADVSEAIGQVFRATVSVSDSGRPPLSSTATITFLV
THHHHHH
;
_entity_poly.pdbx_strand_id   A,B
#
# COMPACT_ATOMS: atom_id res chain seq x y z
N LYS A 1 -8.75 -58.15 46.25
CA LYS A 1 -10.04 -57.41 46.20
C LYS A 1 -9.85 -55.89 46.26
N THR A 2 -10.80 -55.14 45.69
CA THR A 2 -10.71 -53.69 45.58
C THR A 2 -11.60 -53.03 46.63
N VAL A 3 -10.98 -52.44 47.64
CA VAL A 3 -11.68 -51.65 48.66
C VAL A 3 -11.42 -50.18 48.37
N ARG A 4 -12.46 -49.35 48.49
CA ARG A 4 -12.39 -47.97 48.02
C ARG A 4 -12.65 -46.99 49.15
N TYR A 5 -11.79 -45.97 49.24
CA TYR A 5 -11.96 -44.88 50.18
C TYR A 5 -11.94 -43.55 49.47
N ARG A 6 -11.95 -42.44 50.22
CA ARG A 6 -12.03 -41.11 49.63
C ARG A 6 -11.33 -40.14 50.56
N THR A 7 -10.45 -39.32 50.02
CA THR A 7 -9.74 -38.29 50.77
C THR A 7 -10.00 -36.92 50.13
N TYR A 8 -9.47 -35.87 50.77
CA TYR A 8 -9.56 -34.51 50.26
C TYR A 8 -8.17 -33.91 50.26
N GLU A 9 -7.69 -33.52 49.08
CA GLU A 9 -6.30 -33.15 48.89
C GLU A 9 -5.85 -32.12 49.93
N GLU A 10 -4.54 -32.05 50.17
CA GLU A 10 -3.96 -31.08 51.09
C GLU A 10 -4.61 -31.15 52.47
N ASP A 11 -4.99 -32.34 52.91
CA ASP A 11 -5.45 -32.49 54.28
C ASP A 11 -4.25 -32.61 55.21
N GLU A 12 -4.48 -32.35 56.48
CA GLU A 12 -3.43 -32.49 57.47
C GLU A 12 -3.02 -33.96 57.58
N PRO A 13 -1.73 -34.29 57.50
CA PRO A 13 -1.32 -35.67 57.74
C PRO A 13 -1.96 -36.22 59.01
N GLY A 14 -2.26 -37.52 58.98
CA GLY A 14 -2.84 -38.19 60.12
C GLY A 14 -4.34 -38.16 60.21
N THR A 15 -5.03 -37.93 59.10
CA THR A 15 -6.49 -37.94 59.09
C THR A 15 -6.99 -39.35 58.79
N VAL A 16 -8.19 -39.66 59.30
CA VAL A 16 -8.72 -41.01 59.20
C VAL A 16 -9.42 -41.18 57.84
N ILE A 17 -8.78 -41.92 56.94
CA ILE A 17 -9.43 -42.37 55.72
C ILE A 17 -10.37 -43.52 56.01
N GLY A 18 -9.88 -44.48 56.78
CA GLY A 18 -10.60 -45.69 57.09
C GLY A 18 -9.63 -46.66 57.74
N THR A 19 -10.17 -47.79 58.19
CA THR A 19 -9.36 -48.84 58.79
C THR A 19 -9.80 -50.16 58.20
N LEU A 20 -8.87 -50.85 57.52
CA LEU A 20 -9.20 -52.06 56.79
C LEU A 20 -9.79 -53.13 57.71
N ALA A 21 -9.07 -53.46 58.79
CA ALA A 21 -9.49 -54.54 59.67
C ALA A 21 -10.95 -54.40 60.06
N GLU A 22 -11.37 -53.19 60.44
CA GLU A 22 -12.72 -52.97 60.93
C GLU A 22 -13.71 -52.86 59.77
N ASP A 23 -13.33 -52.19 58.69
CA ASP A 23 -14.27 -51.95 57.58
C ASP A 23 -14.70 -53.25 56.93
N LEU A 24 -13.79 -54.24 56.86
CA LEU A 24 -14.07 -55.50 56.18
C LEU A 24 -14.25 -56.67 57.14
N HIS A 25 -14.60 -56.40 58.40
CA HIS A 25 -14.86 -57.45 59.39
C HIS A 25 -13.75 -58.50 59.41
N LEU A 26 -12.52 -58.04 59.59
CA LEU A 26 -11.35 -58.91 59.52
C LEU A 26 -10.94 -59.35 60.92
N GLU A 27 -11.49 -60.47 61.36
CA GLU A 27 -11.06 -61.10 62.61
C GLU A 27 -9.93 -62.08 62.32
N GLY A 28 -9.03 -62.18 63.29
CA GLY A 28 -7.77 -62.88 63.09
C GLY A 28 -6.62 -61.99 63.48
N GLU A 29 -5.53 -62.06 62.72
CA GLU A 29 -4.35 -61.22 62.94
C GLU A 29 -4.18 -60.26 61.78
N GLY A 30 -3.24 -59.34 61.94
CA GLY A 30 -2.83 -58.46 60.86
C GLY A 30 -1.42 -57.94 61.03
N SER A 31 -0.57 -58.19 60.04
CA SER A 31 0.75 -57.56 59.95
C SER A 31 0.75 -56.63 58.75
N PHE A 32 -0.10 -55.60 58.79
CA PHE A 32 -0.43 -54.82 57.60
C PHE A 32 0.77 -53.99 57.16
N ARG A 33 1.19 -54.17 55.91
CA ARG A 33 2.29 -53.40 55.35
C ARG A 33 1.93 -53.02 53.92
N LEU A 34 2.60 -51.98 53.42
CA LEU A 34 2.59 -51.69 52.00
C LEU A 34 3.59 -52.61 51.31
N MET A 35 3.27 -53.00 50.07
CA MET A 35 4.08 -54.03 49.42
C MET A 35 5.40 -53.47 48.93
N LYS A 36 5.42 -52.22 48.46
CA LYS A 36 6.68 -51.61 48.04
C LYS A 36 6.51 -50.10 47.99
N GLN A 37 7.58 -49.40 48.33
CA GLN A 37 7.60 -47.95 48.45
C GLN A 37 8.80 -47.43 47.64
N PHE A 38 8.64 -47.40 46.30
CA PHE A 38 9.72 -46.89 45.45
C PHE A 38 9.97 -45.42 45.71
N ASN A 39 8.91 -44.63 45.84
CA ASN A 39 8.92 -43.26 46.33
C ASN A 39 8.32 -43.27 47.73
N ASN A 40 8.65 -42.26 48.53
CA ASN A 40 8.14 -42.24 49.90
C ASN A 40 6.63 -42.00 49.86
N SER A 41 5.87 -43.06 50.14
CA SER A 41 4.43 -43.07 49.94
C SER A 41 3.75 -41.94 50.70
N LEU A 42 2.59 -41.54 50.20
CA LEU A 42 1.81 -40.46 50.76
C LEU A 42 0.79 -40.91 51.81
N ILE A 43 0.52 -42.20 51.90
CA ILE A 43 -0.45 -42.74 52.85
C ILE A 43 0.27 -43.73 53.74
N HIS A 44 0.00 -43.66 55.04
CA HIS A 44 0.57 -44.63 55.97
C HIS A 44 -0.52 -45.57 56.46
N VAL A 45 -0.10 -46.78 56.78
CA VAL A 45 -1.00 -47.87 57.17
C VAL A 45 -0.55 -48.34 58.54
N ARG A 46 -1.49 -48.43 59.47
CA ARG A 46 -1.17 -48.92 60.81
C ARG A 46 -0.92 -50.42 60.75
N GLU A 47 0.29 -50.85 61.13
CA GLU A 47 0.63 -52.26 61.07
C GLU A 47 -0.33 -53.09 61.93
N SER A 48 -0.79 -52.52 63.05
CA SER A 48 -1.67 -53.25 63.96
C SER A 48 -2.93 -53.73 63.24
N ASP A 49 -3.69 -52.81 62.66
CA ASP A 49 -5.04 -53.11 62.18
C ASP A 49 -5.34 -52.55 60.80
N GLY A 50 -4.37 -52.01 60.09
CA GLY A 50 -4.61 -51.51 58.75
C GLY A 50 -5.42 -50.23 58.72
N GLN A 51 -5.00 -49.25 59.51
CA GLN A 51 -5.60 -47.93 59.49
C GLN A 51 -4.83 -47.06 58.51
N LEU A 52 -5.54 -46.46 57.56
CA LEU A 52 -4.90 -45.65 56.54
C LEU A 52 -5.07 -44.18 56.92
N SER A 53 -3.94 -43.53 57.14
CA SER A 53 -3.89 -42.13 57.53
C SER A 53 -3.10 -41.35 56.49
N ILE A 54 -3.43 -40.06 56.37
CA ILE A 54 -2.70 -39.18 55.47
C ILE A 54 -1.25 -39.09 55.96
N GLY A 55 -0.33 -39.57 55.13
CA GLY A 55 1.07 -39.59 55.50
C GLY A 55 1.75 -38.25 55.30
N GLU A 56 2.12 -37.97 54.05
CA GLU A 56 2.72 -36.69 53.73
C GLU A 56 1.66 -35.77 53.13
N ARG A 57 2.12 -34.66 52.55
CA ARG A 57 1.23 -33.73 51.85
C ARG A 57 0.71 -34.36 50.57
N ILE A 58 -0.59 -34.18 50.32
CA ILE A 58 -1.24 -34.73 49.14
C ILE A 58 -1.77 -33.57 48.30
N ASP A 59 -1.09 -33.27 47.19
CA ASP A 59 -1.49 -32.19 46.29
C ASP A 59 -1.99 -32.79 44.99
N ARG A 60 -3.31 -32.72 44.77
CA ARG A 60 -3.89 -33.32 43.56
C ARG A 60 -3.27 -32.72 42.30
N GLU A 61 -3.16 -31.39 42.26
CA GLU A 61 -2.65 -30.72 41.07
C GLU A 61 -1.20 -31.12 40.75
N ARG A 62 -0.49 -31.77 41.68
CA ARG A 62 0.88 -32.20 41.44
C ARG A 62 0.98 -33.66 41.01
N ILE A 63 0.03 -34.50 41.42
CA ILE A 63 0.08 -35.92 41.09
C ILE A 63 -0.85 -36.30 39.95
N CYS A 64 -1.86 -35.48 39.64
CA CYS A 64 -2.77 -35.75 38.54
C CYS A 64 -2.98 -34.55 37.62
N ARG A 65 -2.37 -33.40 37.88
CA ARG A 65 -2.52 -32.24 37.02
C ARG A 65 -3.98 -32.06 36.63
N GLN A 66 -4.28 -31.97 35.33
CA GLN A 66 -5.64 -31.66 34.88
C GLN A 66 -6.44 -32.90 34.54
N SER A 67 -6.21 -34.01 35.23
CA SER A 67 -6.93 -35.25 34.98
C SER A 67 -8.20 -35.32 35.81
N PRO A 68 -9.36 -35.60 35.21
CA PRO A 68 -10.62 -35.51 35.97
C PRO A 68 -10.69 -36.40 37.19
N HIS A 69 -10.00 -37.53 37.19
CA HIS A 69 -9.98 -38.42 38.34
C HIS A 69 -8.57 -38.55 38.88
N CYS A 70 -8.46 -38.71 40.19
CA CYS A 70 -7.17 -38.86 40.84
C CYS A 70 -7.34 -39.91 41.94
N THR A 71 -6.97 -41.14 41.62
CA THR A 71 -7.09 -42.25 42.57
C THR A 71 -5.69 -42.75 42.89
N LEU A 72 -5.35 -42.75 44.17
CA LEU A 72 -4.11 -43.32 44.66
C LEU A 72 -4.34 -44.80 44.94
N ALA A 73 -3.56 -45.66 44.29
CA ALA A 73 -3.75 -47.11 44.39
C ALA A 73 -2.63 -47.71 45.24
N LEU A 74 -3.01 -48.50 46.25
CA LEU A 74 -2.01 -49.12 47.12
C LEU A 74 -2.39 -50.56 47.39
N ASP A 75 -1.38 -51.42 47.50
CA ASP A 75 -1.57 -52.83 47.77
C ASP A 75 -1.01 -53.11 49.15
N VAL A 76 -1.88 -53.51 50.09
CA VAL A 76 -1.47 -53.88 51.43
C VAL A 76 -1.54 -55.39 51.53
N VAL A 77 -0.65 -55.97 52.32
CA VAL A 77 -0.65 -57.40 52.57
C VAL A 77 -0.75 -57.62 54.07
N SER A 78 -1.51 -58.64 54.46
CA SER A 78 -1.71 -58.99 55.86
C SER A 78 -1.47 -60.47 56.03
N VAL A 79 -1.48 -60.91 57.27
CA VAL A 79 -1.30 -62.31 57.63
C VAL A 79 -2.34 -62.66 58.68
N ALA A 80 -3.22 -63.60 58.36
CA ALA A 80 -4.28 -64.04 59.27
C ALA A 80 -4.23 -65.56 59.33
N LYS A 81 -3.75 -66.09 60.46
CA LYS A 81 -3.64 -67.54 60.66
C LYS A 81 -2.66 -68.16 59.67
N GLU A 82 -1.51 -67.52 59.50
CA GLU A 82 -0.42 -67.98 58.65
C GLU A 82 -0.78 -68.00 57.17
N GLN A 83 -1.83 -67.29 56.78
CA GLN A 83 -2.15 -67.08 55.37
C GLN A 83 -1.82 -65.63 55.02
N PHE A 84 -0.90 -65.45 54.09
CA PHE A 84 -0.61 -64.11 53.57
C PHE A 84 -1.73 -63.68 52.63
N LYS A 85 -2.29 -62.50 52.87
CA LYS A 85 -3.36 -61.97 52.06
C LYS A 85 -2.93 -60.68 51.39
N LEU A 86 -3.67 -60.29 50.35
CA LEU A 86 -3.46 -59.03 49.67
C LEU A 86 -4.80 -58.32 49.52
N ILE A 87 -4.80 -57.03 49.82
CA ILE A 87 -5.96 -56.15 49.65
C ILE A 87 -5.51 -54.99 48.77
N HIS A 88 -6.23 -54.76 47.68
CA HIS A 88 -6.03 -53.61 46.81
C HIS A 88 -6.97 -52.50 47.29
N VAL A 89 -6.43 -51.30 47.51
CA VAL A 89 -7.22 -50.18 47.97
C VAL A 89 -7.03 -49.02 47.00
N GLU A 90 -8.14 -48.38 46.66
CA GLU A 90 -8.15 -47.20 45.80
C GLU A 90 -8.71 -46.04 46.60
N VAL A 91 -7.91 -44.99 46.74
CA VAL A 91 -8.30 -43.79 47.49
C VAL A 91 -8.53 -42.69 46.47
N GLU A 92 -9.80 -42.36 46.23
CA GLU A 92 -10.13 -41.19 45.41
C GLU A 92 -9.65 -39.93 46.10
N VAL A 93 -8.90 -39.10 45.38
CA VAL A 93 -8.44 -37.82 45.89
C VAL A 93 -9.38 -36.75 45.35
N ARG A 94 -10.21 -36.19 46.23
CA ARG A 94 -11.15 -35.16 45.82
C ARG A 94 -10.44 -33.83 45.65
N ASP A 95 -10.92 -33.03 44.71
CA ASP A 95 -10.27 -31.78 44.34
C ASP A 95 -10.78 -30.64 45.23
N ILE A 96 -9.84 -29.77 45.63
CA ILE A 96 -10.14 -28.56 46.38
C ILE A 96 -9.83 -27.38 45.49
N ASN A 97 -10.51 -26.26 45.75
CA ASN A 97 -10.41 -25.08 44.90
C ASN A 97 -9.30 -24.14 45.37
N ASP A 98 -8.10 -24.70 45.52
CA ASP A 98 -6.94 -23.95 45.99
C ASP A 98 -6.14 -23.34 44.85
N ASN A 99 -6.74 -23.22 43.67
CA ASN A 99 -6.09 -22.56 42.55
C ASN A 99 -7.10 -21.68 41.84
N SER A 100 -6.65 -20.46 41.50
CA SER A 100 -7.47 -19.46 40.88
C SER A 100 -7.09 -19.28 39.43
N PRO A 101 -8.02 -18.84 38.59
CA PRO A 101 -7.67 -18.58 37.18
C PRO A 101 -6.52 -17.59 37.07
N ARG A 102 -5.63 -17.85 36.12
CA ARG A 102 -4.46 -17.02 35.90
C ARG A 102 -4.30 -16.76 34.41
N PHE A 103 -3.81 -15.57 34.09
CA PHE A 103 -3.46 -15.20 32.74
C PHE A 103 -1.94 -15.13 32.60
N PRO A 104 -1.38 -15.50 31.45
CA PRO A 104 0.09 -15.39 31.30
C PRO A 104 0.63 -14.04 31.69
N GLY A 105 0.01 -12.97 31.18
CA GLY A 105 0.49 -11.63 31.41
C GLY A 105 -0.62 -10.71 31.85
N ALA A 106 -0.22 -9.63 32.52
CA ALA A 106 -1.18 -8.66 33.05
C ALA A 106 -1.80 -7.81 31.96
N GLU A 107 -1.19 -7.79 30.78
CA GLU A 107 -1.68 -7.02 29.65
C GLU A 107 -1.52 -7.89 28.40
N ILE A 108 -2.53 -7.87 27.55
CA ILE A 108 -2.51 -8.60 26.27
C ILE A 108 -2.59 -7.55 25.17
N PRO A 109 -1.49 -7.31 24.43
CA PRO A 109 -1.58 -6.33 23.33
C PRO A 109 -2.04 -7.00 22.05
N VAL A 110 -3.02 -6.42 21.37
CA VAL A 110 -3.55 -6.98 20.14
C VAL A 110 -3.83 -5.87 19.14
N GLU A 111 -3.80 -6.22 17.87
CA GLU A 111 -3.92 -5.25 16.79
C GLU A 111 -5.06 -5.63 15.87
N VAL A 112 -5.80 -4.63 15.40
CA VAL A 112 -6.86 -4.84 14.43
C VAL A 112 -6.97 -3.60 13.57
N SER A 113 -7.30 -3.79 12.30
CA SER A 113 -7.49 -2.70 11.37
C SER A 113 -8.86 -2.09 11.54
N GLU A 114 -8.96 -0.79 11.28
CA GLU A 114 -10.27 -0.14 11.32
C GLU A 114 -11.16 -0.63 10.18
N SER A 115 -10.59 -1.30 9.19
CA SER A 115 -11.32 -1.76 8.02
C SER A 115 -11.78 -3.21 8.14
N ALA A 116 -11.69 -3.81 9.31
CA ALA A 116 -12.04 -5.20 9.44
C ALA A 116 -13.55 -5.34 9.61
N PRO A 117 -14.18 -6.32 8.96
CA PRO A 117 -15.63 -6.48 9.09
C PRO A 117 -16.04 -6.92 10.48
N VAL A 118 -17.29 -6.59 10.83
CA VAL A 118 -17.84 -7.11 12.08
C VAL A 118 -17.73 -8.63 12.05
N GLY A 119 -17.45 -9.22 13.20
CA GLY A 119 -17.29 -10.64 13.30
C GLY A 119 -15.87 -11.14 13.20
N THR A 120 -14.94 -10.30 12.78
CA THR A 120 -13.54 -10.73 12.75
C THR A 120 -13.09 -11.12 14.15
N ARG A 121 -12.36 -12.22 14.24
CA ARG A 121 -11.89 -12.74 15.52
C ARG A 121 -10.43 -12.36 15.75
N ILE A 122 -10.10 -12.06 17.01
CA ILE A 122 -8.78 -11.62 17.42
C ILE A 122 -8.36 -12.53 18.55
N PRO A 123 -7.26 -13.29 18.41
CA PRO A 123 -6.88 -14.23 19.46
C PRO A 123 -6.42 -13.57 20.75
N LEU A 124 -6.69 -14.26 21.86
CA LEU A 124 -6.31 -13.81 23.19
C LEU A 124 -5.57 -14.93 23.91
N ASP A 125 -4.69 -14.55 24.83
CA ASP A 125 -3.97 -15.53 25.63
C ASP A 125 -4.95 -16.24 26.56
N ILE A 126 -4.86 -17.57 26.59
CA ILE A 126 -5.82 -18.36 27.35
C ILE A 126 -5.56 -18.24 28.84
N ALA A 127 -6.62 -18.24 29.63
CA ALA A 127 -6.50 -18.34 31.08
C ALA A 127 -6.41 -19.81 31.48
N THR A 128 -5.85 -20.05 32.68
CA THR A 128 -5.69 -21.40 33.18
C THR A 128 -6.01 -21.47 34.67
N ASP A 129 -6.74 -22.51 35.05
CA ASP A 129 -7.06 -22.83 36.44
C ASP A 129 -6.65 -24.27 36.66
N GLU A 130 -5.68 -24.50 37.55
CA GLU A 130 -5.09 -25.82 37.69
C GLU A 130 -6.00 -26.81 38.43
N ASP A 131 -7.16 -26.39 38.91
CA ASP A 131 -8.14 -27.33 39.43
C ASP A 131 -8.85 -28.02 38.27
N VAL A 132 -9.84 -28.87 38.58
CA VAL A 132 -10.60 -29.56 37.55
C VAL A 132 -12.09 -29.40 37.83
N GLY A 133 -12.91 -29.86 36.88
CA GLY A 133 -14.35 -29.86 37.09
C GLY A 133 -14.89 -28.46 37.25
N VAL A 134 -15.84 -28.31 38.18
CA VAL A 134 -16.41 -26.98 38.45
C VAL A 134 -15.32 -26.03 38.91
N ASN A 135 -14.31 -26.54 39.61
CA ASN A 135 -13.21 -25.70 40.07
C ASN A 135 -12.33 -25.20 38.94
N SER A 136 -12.62 -25.60 37.71
CA SER A 136 -11.91 -25.10 36.53
C SER A 136 -12.60 -23.84 36.02
N ILE A 137 -12.02 -23.22 35.01
CA ILE A 137 -12.57 -21.98 34.45
C ILE A 137 -13.91 -22.30 33.79
N GLN A 138 -14.96 -21.64 34.26
CA GLN A 138 -16.30 -21.83 33.72
C GLN A 138 -16.78 -20.65 32.90
N SER A 139 -16.61 -19.42 33.37
CA SER A 139 -17.13 -18.27 32.65
C SER A 139 -16.05 -17.23 32.41
N PHE A 140 -16.25 -16.44 31.35
CA PHE A 140 -15.41 -15.32 30.99
C PHE A 140 -16.27 -14.07 30.87
N GLN A 141 -15.78 -12.95 31.40
CA GLN A 141 -16.44 -11.67 31.24
C GLN A 141 -15.48 -10.65 30.62
N ILE A 142 -16.04 -9.76 29.79
CA ILE A 142 -15.32 -8.63 29.23
C ILE A 142 -15.99 -7.35 29.73
N SER A 143 -15.19 -6.30 29.88
CA SER A 143 -15.71 -5.05 30.41
C SER A 143 -16.64 -4.38 29.39
N GLU A 144 -17.65 -3.69 29.92
CA GLU A 144 -18.67 -3.08 29.09
C GLU A 144 -18.06 -2.08 28.12
N ASN A 145 -18.31 -2.28 26.83
CA ASN A 145 -17.84 -1.38 25.80
C ASN A 145 -18.78 -1.49 24.61
N SER A 146 -18.49 -0.70 23.58
CA SER A 146 -19.37 -0.63 22.42
C SER A 146 -19.04 -1.65 21.35
N HIS A 147 -17.78 -2.00 21.20
CA HIS A 147 -17.31 -2.71 20.01
C HIS A 147 -17.00 -4.18 20.21
N PHE A 148 -16.35 -4.57 21.30
CA PHE A 148 -15.77 -5.90 21.43
C PHE A 148 -16.51 -6.76 22.43
N SER A 149 -16.67 -8.04 22.08
CA SER A 149 -17.21 -9.04 23.00
C SER A 149 -16.29 -10.25 22.93
N ILE A 150 -16.42 -11.18 23.87
CA ILE A 150 -15.63 -12.39 23.82
C ILE A 150 -16.54 -13.59 23.57
N ASP A 151 -15.93 -14.66 23.09
CA ASP A 151 -16.59 -15.95 22.95
C ASP A 151 -15.53 -17.00 23.26
N VAL A 152 -15.90 -17.98 24.07
CA VAL A 152 -14.98 -19.06 24.43
C VAL A 152 -15.27 -20.27 23.57
N GLN A 153 -14.22 -20.92 23.10
CA GLN A 153 -14.31 -22.09 22.24
C GLN A 153 -13.34 -23.13 22.75
N THR A 154 -13.65 -24.40 22.51
CA THR A 154 -12.85 -25.52 22.97
C THR A 154 -12.27 -26.28 21.79
N ARG A 155 -11.01 -26.69 21.92
CA ARG A 155 -10.35 -27.47 20.88
C ARG A 155 -10.63 -28.97 21.04
N ALA A 156 -10.34 -29.72 19.97
CA ALA A 156 -10.71 -31.13 19.92
C ALA A 156 -10.02 -31.95 21.00
N ASP A 157 -8.83 -31.54 21.42
CA ASP A 157 -8.18 -32.13 22.58
C ASP A 157 -8.49 -31.35 23.85
N GLY A 158 -9.64 -30.67 23.88
CA GLY A 158 -10.19 -30.15 25.10
C GLY A 158 -9.59 -28.86 25.62
N VAL A 159 -8.63 -28.27 24.93
CA VAL A 159 -8.05 -27.00 25.38
C VAL A 159 -9.05 -25.87 25.08
N LYS A 160 -9.30 -25.04 26.08
CA LYS A 160 -10.40 -24.07 26.06
C LYS A 160 -9.86 -22.66 25.88
N TYR A 161 -9.80 -22.22 24.61
CA TYR A 161 -9.26 -20.92 24.28
C TYR A 161 -10.37 -19.88 24.07
N ALA A 162 -9.95 -18.62 24.05
CA ALA A 162 -10.86 -17.48 24.04
C ALA A 162 -10.59 -16.57 22.85
N ASP A 163 -11.66 -16.00 22.30
CA ASP A 163 -11.55 -15.13 21.14
C ASP A 163 -12.24 -13.80 21.44
N LEU A 164 -11.59 -12.72 21.04
CA LEU A 164 -12.18 -11.39 21.07
C LEU A 164 -12.82 -11.14 19.70
N VAL A 165 -14.10 -10.87 19.68
CA VAL A 165 -14.84 -10.70 18.43
C VAL A 165 -15.32 -9.26 18.32
N LEU A 166 -15.31 -8.75 17.09
CA LEU A 166 -15.63 -7.37 16.81
C LEU A 166 -17.10 -7.27 16.44
N MET A 167 -17.84 -6.46 17.19
CA MET A 167 -19.29 -6.33 17.02
C MET A 167 -19.69 -5.16 16.14
N LYS A 168 -18.98 -4.03 16.24
CA LYS A 168 -19.31 -2.81 15.51
C LYS A 168 -18.12 -2.37 14.67
N GLU A 169 -18.42 -1.65 13.58
CA GLU A 169 -17.37 -1.13 12.72
C GLU A 169 -16.49 -0.12 13.45
N LEU A 170 -15.18 -0.21 13.23
CA LEU A 170 -14.25 0.68 13.90
C LEU A 170 -13.96 1.92 13.05
N ASP A 171 -13.48 2.98 13.72
CA ASP A 171 -13.03 4.21 13.07
C ASP A 171 -11.86 4.73 13.88
N ARG A 172 -10.64 4.56 13.34
CA ARG A 172 -9.45 4.97 14.09
C ARG A 172 -9.42 6.47 14.34
N GLU A 173 -10.07 7.26 13.48
CA GLU A 173 -10.07 8.70 13.66
C GLU A 173 -10.95 9.12 14.84
N SER A 174 -12.01 8.34 15.14
CA SER A 174 -12.82 8.57 16.32
C SER A 174 -12.15 7.99 17.57
N GLN A 175 -11.68 6.75 17.49
CA GLN A 175 -11.02 6.10 18.62
C GLN A 175 -9.97 5.14 18.09
N SER A 176 -8.73 5.30 18.56
CA SER A 176 -7.60 4.57 18.01
C SER A 176 -7.08 3.47 18.92
N ALA A 177 -7.56 3.39 20.16
CA ALA A 177 -7.14 2.35 21.08
C ALA A 177 -8.29 2.03 22.02
N TYR A 178 -8.24 0.83 22.58
CA TYR A 178 -9.23 0.40 23.57
C TYR A 178 -8.52 -0.29 24.71
N THR A 179 -8.99 -0.06 25.93
CA THR A 179 -8.50 -0.74 27.13
C THR A 179 -9.66 -1.49 27.75
N LEU A 180 -9.59 -2.81 27.74
CA LEU A 180 -10.69 -3.65 28.20
C LEU A 180 -10.18 -4.55 29.32
N GLU A 181 -10.97 -4.69 30.36
CA GLU A 181 -10.66 -5.62 31.44
C GLU A 181 -11.27 -6.97 31.08
N LEU A 182 -10.46 -8.02 31.12
CA LEU A 182 -10.88 -9.39 30.82
C LEU A 182 -10.75 -10.20 32.08
N LEU A 183 -11.77 -10.98 32.42
CA LEU A 183 -11.67 -11.81 33.61
C LEU A 183 -12.28 -13.18 33.38
N ALA A 184 -11.77 -14.16 34.12
CA ALA A 184 -12.25 -15.52 34.08
C ALA A 184 -12.53 -15.98 35.50
N MET A 185 -13.56 -16.81 35.67
CA MET A 185 -13.89 -17.31 37.00
C MET A 185 -14.45 -18.72 36.92
N ASP A 186 -14.24 -19.45 38.02
CA ASP A 186 -14.58 -20.86 38.13
C ASP A 186 -15.88 -21.05 38.91
N GLY A 187 -16.29 -22.32 39.05
CA GLY A 187 -17.55 -22.66 39.67
C GLY A 187 -17.44 -22.85 41.18
N GLY A 188 -18.59 -23.12 41.80
CA GLY A 188 -18.66 -23.23 43.25
C GLY A 188 -18.85 -21.88 43.90
N SER A 189 -19.67 -21.82 44.95
CA SER A 189 -19.90 -20.56 45.64
C SER A 189 -18.62 -19.94 46.19
N PRO A 190 -17.66 -20.71 46.70
CA PRO A 190 -16.29 -20.18 46.82
C PRO A 190 -15.71 -20.02 45.42
N SER A 191 -15.78 -18.82 44.87
CA SER A 191 -15.40 -18.58 43.47
C SER A 191 -14.15 -17.71 43.40
N ARG A 192 -13.26 -18.03 42.47
CA ARG A 192 -11.98 -17.35 42.32
C ARG A 192 -11.87 -16.80 40.90
N SER A 193 -11.56 -15.52 40.81
CA SER A 193 -11.45 -14.81 39.55
C SER A 193 -9.98 -14.54 39.24
N GLY A 194 -9.74 -14.32 37.95
CA GLY A 194 -8.43 -13.91 37.49
C GLY A 194 -8.62 -12.90 36.37
N THR A 195 -7.67 -11.99 36.26
CA THR A 195 -7.87 -10.79 35.46
C THR A 195 -6.69 -10.50 34.55
N THR A 196 -6.97 -9.74 33.50
CA THR A 196 -5.94 -9.23 32.61
C THR A 196 -6.51 -8.01 31.88
N MET A 197 -5.63 -7.31 31.17
CA MET A 197 -6.00 -6.16 30.38
C MET A 197 -5.73 -6.45 28.90
N VAL A 198 -6.75 -6.20 28.08
CA VAL A 198 -6.64 -6.23 26.62
C VAL A 198 -6.38 -4.81 26.16
N ASN A 199 -5.30 -4.63 25.41
CA ASN A 199 -4.96 -3.35 24.81
C ASN A 199 -5.15 -3.51 23.31
N VAL A 200 -6.26 -2.99 22.81
CA VAL A 200 -6.57 -3.09 21.39
C VAL A 200 -5.98 -1.88 20.69
N ARG A 201 -5.14 -2.14 19.69
CA ARG A 201 -4.47 -1.13 18.89
C ARG A 201 -5.17 -1.10 17.53
N VAL A 202 -5.89 -0.02 17.26
CA VAL A 202 -6.60 0.10 15.99
C VAL A 202 -5.61 0.58 14.94
N LEU A 203 -5.42 -0.22 13.88
CA LEU A 203 -4.50 0.10 12.82
C LEU A 203 -5.19 0.88 11.72
N ASP A 204 -4.48 1.86 11.15
CA ASP A 204 -5.12 2.82 10.27
C ASP A 204 -5.31 2.26 8.87
N PHE A 205 -6.45 2.59 8.27
CA PHE A 205 -6.73 2.42 6.86
C PHE A 205 -6.85 3.80 6.24
N ASN A 206 -6.54 3.91 4.95
CA ASN A 206 -6.61 5.20 4.25
C ASN A 206 -8.02 5.39 3.70
N ASP A 207 -8.94 5.67 4.62
CA ASP A 207 -10.34 5.88 4.29
C ASP A 207 -10.74 7.34 4.34
N ASN A 208 -9.78 8.25 4.38
CA ASN A 208 -10.07 9.68 4.35
C ASN A 208 -9.21 10.34 3.30
N SER A 209 -9.85 10.91 2.29
CA SER A 209 -9.15 11.72 1.32
C SER A 209 -8.82 13.06 1.94
N PRO A 210 -7.77 13.73 1.46
CA PRO A 210 -7.46 15.07 1.98
C PRO A 210 -8.60 16.04 1.66
N VAL A 211 -8.57 17.18 2.33
CA VAL A 211 -9.52 18.25 2.07
C VAL A 211 -8.83 19.58 2.34
N PHE A 212 -9.07 20.54 1.46
CA PHE A 212 -8.43 21.84 1.60
C PHE A 212 -9.12 22.67 2.67
N GLU A 213 -8.33 23.49 3.36
CA GLU A 213 -8.89 24.38 4.38
C GLU A 213 -10.01 25.24 3.80
N ARG A 214 -9.87 25.67 2.55
CA ARG A 214 -10.91 26.43 1.85
C ARG A 214 -11.16 25.77 0.50
N SER A 215 -12.44 25.64 0.16
CA SER A 215 -12.81 24.91 -1.05
C SER A 215 -12.37 25.63 -2.30
N SER A 216 -12.41 26.96 -2.30
CA SER A 216 -12.00 27.75 -3.46
C SER A 216 -11.23 28.95 -2.96
N VAL A 217 -10.37 29.49 -3.83
CA VAL A 217 -9.58 30.65 -3.47
C VAL A 217 -9.41 31.55 -4.70
N MET A 218 -9.51 32.85 -4.47
CA MET A 218 -9.23 33.85 -5.48
C MET A 218 -8.06 34.68 -4.99
N VAL A 219 -7.16 35.00 -5.91
CA VAL A 219 -6.01 35.84 -5.63
C VAL A 219 -5.90 36.84 -6.76
N GLU A 220 -5.42 38.04 -6.43
CA GLU A 220 -5.19 39.10 -7.40
C GLU A 220 -3.69 39.16 -7.70
N LEU A 221 -3.36 39.40 -8.96
CA LEU A 221 -1.97 39.31 -9.42
C LEU A 221 -1.71 40.45 -10.37
N MET A 222 -0.92 41.43 -9.93
CA MET A 222 -0.52 42.51 -10.83
C MET A 222 0.10 41.93 -12.09
N GLU A 223 -0.21 42.53 -13.24
CA GLU A 223 0.31 41.96 -14.48
C GLU A 223 1.82 42.17 -14.62
N ASP A 224 2.42 43.00 -13.76
CA ASP A 224 3.87 43.18 -13.78
C ASP A 224 4.50 42.56 -12.53
N ALA A 225 3.85 41.55 -11.96
CA ALA A 225 4.43 40.85 -10.82
C ALA A 225 5.72 40.12 -11.23
N PRO A 226 6.73 40.11 -10.38
CA PRO A 226 8.03 39.54 -10.77
C PRO A 226 8.05 38.03 -10.64
N VAL A 227 8.99 37.41 -11.35
CA VAL A 227 9.15 35.97 -11.28
C VAL A 227 9.47 35.59 -9.84
N GLY A 228 8.92 34.45 -9.42
CA GLY A 228 8.97 34.06 -8.03
C GLY A 228 7.93 34.66 -7.12
N HIS A 229 7.10 35.58 -7.62
CA HIS A 229 6.05 36.17 -6.81
C HIS A 229 5.20 35.09 -6.17
N LEU A 230 5.00 35.18 -4.85
CA LEU A 230 4.17 34.23 -4.14
C LEU A 230 2.70 34.63 -4.29
N LEU A 231 1.93 33.82 -5.00
CA LEU A 231 0.49 34.07 -5.04
C LEU A 231 -0.18 33.60 -3.77
N LEU A 232 0.14 32.38 -3.32
CA LEU A 232 -0.66 31.87 -2.22
C LEU A 232 -0.11 30.56 -1.68
N ASP A 233 -0.16 30.41 -0.37
CA ASP A 233 0.33 29.20 0.31
C ASP A 233 -0.86 28.28 0.54
N LEU A 234 -1.03 27.30 -0.34
CA LEU A 234 -2.14 26.35 -0.22
C LEU A 234 -1.91 25.41 0.95
N ASP A 235 -2.99 25.13 1.67
CA ASP A 235 -2.96 24.27 2.85
C ASP A 235 -4.09 23.25 2.74
N ALA A 236 -3.77 22.01 3.12
CA ALA A 236 -4.79 20.98 3.19
C ALA A 236 -4.51 20.14 4.42
N LEU A 237 -5.40 19.19 4.70
CA LEU A 237 -5.27 18.37 5.88
C LEU A 237 -5.92 17.03 5.61
N ASP A 238 -5.42 16.01 6.30
CA ASP A 238 -5.82 14.61 6.15
C ASP A 238 -5.84 13.98 7.54
N PRO A 239 -6.96 13.45 8.00
CA PRO A 239 -7.01 12.92 9.38
C PRO A 239 -6.26 11.60 9.55
N ASP A 240 -5.98 10.89 8.46
CA ASP A 240 -5.35 9.57 8.55
C ASP A 240 -3.97 9.69 9.18
N GLU A 241 -3.36 8.53 9.43
CA GLU A 241 -2.12 8.44 10.21
C GLU A 241 -0.92 8.32 9.28
N GLY A 242 0.20 8.88 9.75
CA GLY A 242 1.46 8.71 9.03
C GLY A 242 1.33 9.05 7.56
N ALA A 243 1.84 8.16 6.72
CA ALA A 243 1.89 8.45 5.29
C ALA A 243 0.49 8.67 4.72
N ASN A 244 -0.50 7.93 5.21
CA ASN A 244 -1.85 8.10 4.70
C ASN A 244 -2.41 9.50 4.92
N GLY A 245 -1.76 10.30 5.76
CA GLY A 245 -2.22 11.63 6.05
C GLY A 245 -1.23 12.71 5.63
N GLU A 246 -0.16 12.29 4.96
CA GLU A 246 0.88 13.20 4.51
C GLU A 246 0.56 13.64 3.09
N ILE A 247 0.51 14.94 2.86
CA ILE A 247 -0.08 15.50 1.66
C ILE A 247 1.00 16.03 0.72
N VAL A 248 0.72 15.98 -0.57
CA VAL A 248 1.57 16.55 -1.61
C VAL A 248 0.68 17.29 -2.58
N TYR A 249 1.03 18.55 -2.83
CA TYR A 249 0.23 19.46 -3.63
C TYR A 249 0.73 19.49 -5.08
N GLY A 250 -0.16 19.91 -5.96
CA GLY A 250 0.20 20.05 -7.35
C GLY A 250 -1.00 20.47 -8.16
N PHE A 251 -0.95 20.18 -9.46
CA PHE A 251 -2.06 20.51 -10.34
C PHE A 251 -2.96 19.31 -10.56
N SER A 252 -4.25 19.58 -10.74
CA SER A 252 -5.13 18.54 -11.26
C SER A 252 -4.61 18.11 -12.64
N PRO A 253 -4.71 16.82 -12.97
CA PRO A 253 -4.15 16.36 -14.25
C PRO A 253 -4.74 17.07 -15.47
N GLN A 254 -5.93 17.66 -15.34
CA GLN A 254 -6.58 18.29 -16.49
C GLN A 254 -6.12 19.72 -16.71
N VAL A 255 -5.33 20.27 -15.81
CA VAL A 255 -4.89 21.67 -15.98
C VAL A 255 -4.04 21.76 -17.23
N PRO A 256 -4.34 22.66 -18.16
CA PRO A 256 -3.53 22.76 -19.38
C PRO A 256 -2.05 23.01 -19.08
N GLN A 257 -1.26 23.02 -20.15
CA GLN A 257 0.19 23.19 -20.01
C GLN A 257 0.57 24.65 -19.81
N GLU A 258 -0.20 25.58 -20.38
CA GLU A 258 0.09 27.00 -20.16
C GLU A 258 0.18 27.31 -18.67
N VAL A 259 -0.78 26.81 -17.89
CA VAL A 259 -0.80 27.11 -16.46
C VAL A 259 0.41 26.47 -15.78
N ARG A 260 0.76 25.25 -16.18
CA ARG A 260 1.87 24.56 -15.54
C ARG A 260 3.19 25.24 -15.82
N GLN A 261 3.31 25.94 -16.94
CA GLN A 261 4.50 26.72 -17.20
C GLN A 261 4.46 28.09 -16.56
N LEU A 262 3.27 28.71 -16.50
CA LEU A 262 3.13 30.04 -15.92
C LEU A 262 3.22 29.98 -14.41
N PHE A 263 2.55 29.01 -13.78
CA PHE A 263 2.47 28.91 -12.34
C PHE A 263 3.06 27.60 -11.86
N LYS A 264 3.64 27.65 -10.68
CA LYS A 264 4.30 26.49 -10.08
C LYS A 264 3.74 26.26 -8.68
N ILE A 265 3.64 24.98 -8.31
CA ILE A 265 3.12 24.57 -7.00
C ILE A 265 4.18 23.69 -6.35
N ASP A 266 4.69 24.14 -5.20
CA ASP A 266 5.63 23.33 -4.44
C ASP A 266 4.90 22.10 -3.88
N ALA A 267 5.40 20.91 -4.21
CA ALA A 267 4.67 19.70 -3.86
C ALA A 267 4.67 19.46 -2.35
N LYS A 268 5.68 19.97 -1.64
CA LYS A 268 5.75 19.77 -0.19
C LYS A 268 4.88 20.77 0.56
N SER A 269 5.05 22.06 0.25
CA SER A 269 4.41 23.12 1.02
C SER A 269 3.10 23.60 0.44
N GLY A 270 2.86 23.40 -0.86
CA GLY A 270 1.68 23.95 -1.48
C GLY A 270 1.80 25.37 -1.95
N ARG A 271 2.95 26.02 -1.76
CA ARG A 271 3.13 27.37 -2.26
C ARG A 271 2.88 27.43 -3.76
N LEU A 272 2.06 28.39 -4.17
CA LEU A 272 1.75 28.68 -5.55
C LEU A 272 2.41 29.99 -5.92
N THR A 273 3.29 29.93 -6.93
CA THR A 273 4.15 31.02 -7.32
C THR A 273 4.08 31.23 -8.82
N LEU A 274 4.42 32.44 -9.23
CA LEU A 274 4.55 32.79 -10.64
C LEU A 274 5.96 32.49 -11.11
N GLU A 275 6.07 31.75 -12.21
CA GLU A 275 7.36 31.52 -12.84
C GLU A 275 7.49 32.23 -14.18
N GLY A 276 6.38 32.43 -14.90
CA GLY A 276 6.39 33.16 -16.14
C GLY A 276 6.02 34.61 -15.92
N GLN A 277 5.50 35.22 -16.98
CA GLN A 277 4.96 36.57 -16.91
C GLN A 277 3.56 36.57 -17.52
N VAL A 278 2.64 37.25 -16.84
CA VAL A 278 1.27 37.36 -17.31
C VAL A 278 1.12 38.69 -18.03
N ASP A 279 0.03 38.83 -18.79
CA ASP A 279 -0.21 40.05 -19.55
C ASP A 279 -1.70 40.30 -19.59
N PHE A 280 -2.14 41.33 -18.86
CA PHE A 280 -3.57 41.62 -18.75
C PHE A 280 -4.19 41.81 -20.13
N GLU A 281 -3.46 42.43 -21.05
CA GLU A 281 -4.01 42.65 -22.38
C GLU A 281 -4.16 41.38 -23.20
N THR A 282 -3.73 40.24 -22.68
CA THR A 282 -3.79 38.97 -23.39
C THR A 282 -4.74 38.00 -22.71
N LYS A 283 -4.61 37.83 -21.41
CA LYS A 283 -5.51 36.97 -20.64
C LYS A 283 -5.57 37.56 -19.25
N GLN A 284 -6.77 37.90 -18.78
CA GLN A 284 -6.90 38.58 -17.50
C GLN A 284 -7.44 37.69 -16.41
N THR A 285 -7.81 36.45 -16.72
CA THR A 285 -8.35 35.55 -15.71
C THR A 285 -7.88 34.13 -15.98
N TYR A 286 -7.34 33.51 -14.94
CA TYR A 286 -6.94 32.11 -14.97
C TYR A 286 -7.80 31.36 -13.97
N GLU A 287 -8.17 30.13 -14.32
CA GLU A 287 -9.09 29.32 -13.53
C GLU A 287 -8.61 27.89 -13.62
N PHE A 288 -8.14 27.33 -12.50
CA PHE A 288 -7.63 25.97 -12.55
C PHE A 288 -7.81 25.28 -11.21
N ASP A 289 -7.90 23.96 -11.27
CA ASP A 289 -7.99 23.14 -10.07
C ASP A 289 -6.57 22.78 -9.62
N ALA A 290 -6.21 23.21 -8.40
CA ALA A 290 -5.07 22.64 -7.72
C ALA A 290 -5.53 21.38 -7.00
N GLN A 291 -4.59 20.48 -6.70
CA GLN A 291 -4.99 19.26 -6.02
C GLN A 291 -4.00 18.92 -4.92
N ALA A 292 -4.49 18.14 -3.97
CA ALA A 292 -3.72 17.60 -2.87
C ALA A 292 -3.93 16.09 -2.85
N GLN A 293 -2.87 15.35 -2.55
CA GLN A 293 -2.91 13.90 -2.59
C GLN A 293 -2.15 13.36 -1.40
N ASP A 294 -2.68 12.31 -0.78
CA ASP A 294 -1.96 11.68 0.32
C ASP A 294 -1.01 10.62 -0.23
N MET A 295 0.05 10.33 0.54
CA MET A 295 1.06 9.37 0.12
C MET A 295 0.73 8.02 0.74
N ALA A 296 -0.25 7.35 0.14
CA ALA A 296 -0.70 6.04 0.60
C ALA A 296 -0.68 5.06 -0.56
N LEU A 297 -0.87 3.78 -0.22
CA LEU A 297 -0.88 2.72 -1.22
C LEU A 297 -1.90 3.02 -2.31
N ASN A 298 -3.14 3.28 -1.92
CA ASN A 298 -4.20 3.71 -2.83
C ASN A 298 -4.46 5.19 -2.56
N PRO A 299 -3.76 6.09 -3.26
CA PRO A 299 -3.82 7.51 -2.87
C PRO A 299 -5.19 8.13 -3.09
N LEU A 300 -5.51 9.07 -2.21
CA LEU A 300 -6.75 9.84 -2.26
C LEU A 300 -6.41 11.29 -2.58
N THR A 301 -7.36 11.97 -3.25
CA THR A 301 -7.11 13.29 -3.80
C THR A 301 -8.27 14.23 -3.51
N ALA A 302 -7.94 15.51 -3.39
CA ALA A 302 -8.92 16.58 -3.23
C ALA A 302 -8.50 17.75 -4.09
N THR A 303 -9.48 18.53 -4.54
CA THR A 303 -9.18 19.66 -5.41
C THR A 303 -9.70 20.96 -4.80
N CYS A 304 -9.05 22.04 -5.22
CA CYS A 304 -9.35 23.39 -4.78
C CYS A 304 -9.33 24.28 -6.00
N LYS A 305 -10.42 24.99 -6.25
CA LYS A 305 -10.55 25.84 -7.42
C LYS A 305 -9.83 27.16 -7.16
N VAL A 306 -8.76 27.42 -7.90
CA VAL A 306 -7.98 28.64 -7.79
C VAL A 306 -8.34 29.55 -8.94
N ILE A 307 -8.65 30.80 -8.60
CA ILE A 307 -8.93 31.83 -9.58
C ILE A 307 -7.87 32.92 -9.42
N VAL A 308 -7.16 33.22 -10.50
CA VAL A 308 -6.20 34.32 -10.51
C VAL A 308 -6.78 35.42 -11.40
N ARG A 309 -7.03 36.58 -10.80
CA ARG A 309 -7.50 37.76 -11.51
C ARG A 309 -6.30 38.66 -11.73
N VAL A 310 -5.93 38.83 -12.99
CA VAL A 310 -4.83 39.72 -13.34
C VAL A 310 -5.32 41.15 -13.34
N ILE A 311 -4.49 42.06 -12.83
CA ILE A 311 -4.84 43.47 -12.69
C ILE A 311 -4.05 44.28 -13.71
N ASP A 312 -4.72 45.24 -14.34
CA ASP A 312 -4.14 45.96 -15.45
C ASP A 312 -3.16 47.02 -14.98
N VAL A 313 -2.05 47.12 -15.69
CA VAL A 313 -1.04 48.15 -15.43
C VAL A 313 -0.91 49.02 -16.66
N ASN A 314 -0.55 50.28 -16.46
CA ASN A 314 -0.38 51.20 -17.59
C ASN A 314 0.95 50.86 -18.24
N ASP A 315 0.94 49.79 -19.04
CA ASP A 315 2.13 49.32 -19.72
C ASP A 315 2.03 49.47 -21.24
N ASN A 316 1.09 50.29 -21.70
CA ASN A 316 0.99 50.62 -23.12
C ASN A 316 0.78 52.12 -23.28
N ALA A 317 1.35 52.67 -24.34
CA ALA A 317 1.16 54.06 -24.69
C ALA A 317 0.18 54.17 -25.84
N PRO A 318 -0.37 55.36 -26.07
CA PRO A 318 -1.26 55.53 -27.23
C PRO A 318 -0.56 55.28 -28.55
N VAL A 319 -1.31 54.70 -29.48
CA VAL A 319 -0.89 54.45 -30.85
C VAL A 319 -1.69 55.37 -31.75
N ILE A 320 -0.99 56.15 -32.56
CA ILE A 320 -1.57 57.13 -33.47
C ILE A 320 -1.45 56.58 -34.88
N GLY A 321 -2.59 56.35 -35.51
CA GLY A 321 -2.65 55.94 -36.91
C GLY A 321 -3.41 56.99 -37.70
N ILE A 322 -2.93 57.30 -38.89
CA ILE A 322 -3.54 58.36 -39.69
C ILE A 322 -3.75 57.86 -41.11
N THR A 323 -5.02 57.80 -41.54
CA THR A 323 -5.35 57.29 -42.85
C THR A 323 -6.04 58.36 -43.69
N PRO A 324 -5.45 58.78 -44.81
CA PRO A 324 -6.01 59.90 -45.57
C PRO A 324 -7.01 59.46 -46.61
N LEU A 325 -7.99 60.35 -46.85
CA LEU A 325 -8.91 60.13 -47.96
C LEU A 325 -8.13 59.86 -49.23
N THR A 326 -7.20 60.75 -49.55
CA THR A 326 -6.46 60.72 -50.80
C THR A 326 -5.02 61.10 -50.52
N SER A 327 -4.08 60.28 -50.97
CA SER A 327 -2.67 60.64 -50.82
C SER A 327 -1.82 59.76 -51.72
N ILE A 328 -0.61 60.24 -51.98
CA ILE A 328 0.38 59.53 -52.78
C ILE A 328 1.57 59.23 -51.90
N SER A 329 2.15 60.26 -51.30
CA SER A 329 3.30 60.09 -50.44
C SER A 329 2.89 59.58 -49.07
N ALA A 330 3.79 58.84 -48.44
CA ALA A 330 3.54 58.31 -47.10
C ALA A 330 3.51 59.45 -46.09
N GLY A 331 2.51 59.42 -45.22
CA GLY A 331 2.40 60.45 -44.21
C GLY A 331 2.07 61.81 -44.77
N VAL A 332 1.41 61.86 -45.92
CA VAL A 332 0.96 63.12 -46.51
C VAL A 332 -0.44 62.90 -47.06
N ALA A 333 -1.39 63.72 -46.61
CA ALA A 333 -2.75 63.68 -47.13
C ALA A 333 -2.94 64.81 -48.13
N TYR A 334 -3.57 64.50 -49.25
CA TYR A 334 -3.85 65.50 -50.27
C TYR A 334 -5.33 65.86 -50.26
N ILE A 335 -5.63 67.10 -50.64
CA ILE A 335 -7.01 67.54 -50.74
C ILE A 335 -7.09 68.68 -51.75
N THR A 336 -8.16 68.66 -52.55
CA THR A 336 -8.36 69.68 -53.58
C THR A 336 -8.68 71.03 -52.95
N GLU A 337 -8.14 72.10 -53.54
CA GLU A 337 -8.49 73.44 -53.06
C GLU A 337 -9.97 73.71 -53.22
N ALA A 338 -10.69 72.90 -54.00
CA ALA A 338 -12.12 73.04 -54.20
C ALA A 338 -12.95 72.50 -53.06
N ALA A 339 -12.35 71.85 -52.06
CA ALA A 339 -13.12 71.21 -51.01
C ALA A 339 -13.92 72.25 -50.23
N ALA A 340 -15.16 71.93 -49.92
CA ALA A 340 -16.01 72.86 -49.20
C ALA A 340 -15.65 72.87 -47.72
N ARG A 341 -16.28 73.81 -47.00
CA ARG A 341 -16.16 73.84 -45.55
C ARG A 341 -16.45 72.47 -44.96
N GLU A 342 -15.75 72.15 -43.87
CA GLU A 342 -15.99 70.93 -43.09
C GLU A 342 -15.92 69.69 -43.96
N SER A 343 -14.92 69.65 -44.84
CA SER A 343 -14.61 68.47 -45.62
C SER A 343 -13.66 67.57 -44.83
N PHE A 344 -13.93 66.27 -44.86
CA PHE A 344 -13.07 65.30 -44.22
C PHE A 344 -11.79 65.12 -45.03
N VAL A 345 -10.65 65.24 -44.35
CA VAL A 345 -9.34 65.17 -44.99
C VAL A 345 -8.65 63.85 -44.69
N ALA A 346 -8.66 63.43 -43.43
CA ALA A 346 -7.99 62.21 -43.00
C ALA A 346 -8.53 61.82 -41.63
N LEU A 347 -8.47 60.53 -41.34
CA LEU A 347 -9.02 60.00 -40.11
C LEU A 347 -7.90 59.56 -39.17
N ILE A 348 -7.98 60.02 -37.94
CA ILE A 348 -6.96 59.73 -36.93
C ILE A 348 -7.54 58.73 -35.93
N SER A 349 -6.77 57.68 -35.69
CA SER A 349 -7.09 56.67 -34.69
C SER A 349 -6.09 56.84 -33.54
N THR A 350 -6.60 57.02 -32.33
CA THR A 350 -5.77 57.07 -31.13
C THR A 350 -6.24 55.95 -30.22
N THR A 351 -5.40 54.93 -30.03
CA THR A 351 -5.80 53.77 -29.25
C THR A 351 -4.80 53.49 -28.14
N ASP A 352 -5.25 52.78 -27.10
CA ASP A 352 -4.41 52.40 -25.96
C ASP A 352 -4.81 51.00 -25.56
N ARG A 353 -3.86 50.06 -25.58
CA ARG A 353 -4.19 48.66 -25.32
C ARG A 353 -4.72 48.43 -23.91
N ASP A 354 -4.39 49.32 -22.97
CA ASP A 354 -4.79 49.08 -21.59
C ASP A 354 -6.30 49.31 -21.42
N SER A 355 -6.74 49.23 -20.17
CA SER A 355 -8.15 49.40 -19.79
C SER A 355 -8.29 50.48 -18.73
N GLY A 356 -9.53 50.93 -18.55
CA GLY A 356 -9.78 51.99 -17.58
C GLY A 356 -9.20 53.32 -18.03
N GLN A 357 -8.91 54.17 -17.05
CA GLN A 357 -8.23 55.43 -17.34
C GLN A 357 -6.92 55.19 -18.07
N ASN A 358 -6.24 54.09 -17.77
CA ASN A 358 -4.96 53.82 -18.40
C ASN A 358 -5.11 53.61 -19.90
N GLY A 359 -6.31 53.25 -20.37
CA GLY A 359 -6.55 53.03 -21.78
C GLY A 359 -7.37 54.08 -22.47
N GLN A 360 -7.68 55.19 -21.80
CA GLN A 360 -8.55 56.22 -22.32
C GLN A 360 -7.69 57.34 -22.87
N VAL A 361 -7.95 57.73 -24.12
CA VAL A 361 -7.05 58.62 -24.86
C VAL A 361 -7.72 59.96 -25.13
N HIS A 362 -6.93 61.02 -24.97
CA HIS A 362 -7.29 62.37 -25.36
C HIS A 362 -6.37 62.81 -26.49
N CYS A 363 -6.98 63.23 -27.60
CA CYS A 363 -6.26 63.58 -28.82
C CYS A 363 -6.37 65.06 -29.12
N THR A 364 -5.25 65.68 -29.47
CA THR A 364 -5.20 67.12 -29.71
C THR A 364 -4.43 67.39 -30.99
N LEU A 365 -4.92 68.36 -31.75
CA LEU A 365 -4.38 68.68 -33.07
C LEU A 365 -3.77 70.06 -33.01
N TYR A 366 -2.56 70.20 -33.57
CA TYR A 366 -1.83 71.44 -33.58
C TYR A 366 -1.49 71.78 -35.01
N GLY A 367 -1.84 72.97 -35.44
CA GLY A 367 -1.58 73.38 -36.81
C GLY A 367 -2.48 74.52 -37.20
N HIS A 368 -2.34 74.91 -38.45
CA HIS A 368 -3.07 76.05 -38.98
C HIS A 368 -4.55 75.95 -38.67
N GLU A 369 -5.18 77.09 -38.41
CA GLU A 369 -6.58 77.11 -38.01
C GLU A 369 -7.50 76.58 -39.09
N HIS A 370 -7.02 76.39 -40.32
CA HIS A 370 -7.86 75.90 -41.40
C HIS A 370 -8.32 74.47 -41.15
N PHE A 371 -7.68 73.74 -40.25
CA PHE A 371 -8.03 72.36 -39.97
C PHE A 371 -8.43 72.19 -38.51
N ARG A 372 -9.45 71.37 -38.30
CA ARG A 372 -10.05 71.14 -36.99
C ARG A 372 -10.16 69.65 -36.77
N LEU A 373 -10.27 69.28 -35.50
CA LEU A 373 -10.46 67.89 -35.10
C LEU A 373 -11.95 67.69 -34.81
N GLN A 374 -12.51 66.63 -35.41
CA GLN A 374 -13.91 66.30 -35.21
C GLN A 374 -14.01 64.81 -34.93
N GLN A 375 -14.53 64.46 -33.74
CA GLN A 375 -14.60 63.05 -33.37
C GLN A 375 -15.69 62.37 -34.20
N ALA A 376 -15.31 61.28 -34.88
CA ALA A 376 -16.24 60.49 -35.69
C ALA A 376 -16.83 59.34 -34.87
N TYR A 377 -15.99 58.61 -34.15
CA TYR A 377 -16.49 57.55 -33.28
C TYR A 377 -15.42 57.25 -32.23
N GLU A 378 -15.59 56.15 -31.50
CA GLU A 378 -14.69 55.88 -30.38
C GLU A 378 -13.25 55.88 -30.85
N ASP A 379 -12.42 56.70 -30.19
CA ASP A 379 -10.98 56.76 -30.49
C ASP A 379 -10.72 57.01 -31.96
N SER A 380 -11.64 57.67 -32.65
CA SER A 380 -11.49 57.95 -34.07
C SER A 380 -11.96 59.36 -34.36
N TYR A 381 -10.99 60.23 -34.66
CA TYR A 381 -11.19 61.66 -34.83
C TYR A 381 -10.88 62.04 -36.27
N MET A 382 -11.72 62.89 -36.84
CA MET A 382 -11.53 63.35 -38.21
C MET A 382 -10.80 64.68 -38.22
N ILE A 383 -9.94 64.87 -39.21
CA ILE A 383 -9.42 66.19 -39.56
C ILE A 383 -10.36 66.80 -40.58
N VAL A 384 -10.94 67.96 -40.27
CA VAL A 384 -11.90 68.60 -41.17
C VAL A 384 -11.45 70.03 -41.41
N THR A 385 -11.76 70.53 -42.61
CA THR A 385 -11.47 71.92 -42.95
C THR A 385 -12.48 72.82 -42.26
N THR A 386 -12.02 73.99 -41.82
CA THR A 386 -12.90 74.95 -41.16
C THR A 386 -13.21 76.15 -42.04
N SER A 387 -12.41 76.38 -43.08
CA SER A 387 -12.58 77.48 -44.01
C SER A 387 -12.30 76.97 -45.41
N ALA A 388 -12.50 77.83 -46.40
CA ALA A 388 -12.16 77.48 -47.77
C ALA A 388 -10.64 77.43 -47.93
N LEU A 389 -10.18 76.55 -48.79
CA LEU A 389 -8.77 76.42 -49.09
C LEU A 389 -8.43 77.03 -50.43
N ASP A 390 -7.22 77.55 -50.53
CA ASP A 390 -6.75 78.23 -51.73
C ASP A 390 -5.29 77.86 -51.93
N ARG A 391 -5.03 76.95 -52.87
CA ARG A 391 -3.66 76.50 -53.10
C ARG A 391 -2.74 77.68 -53.36
N GLU A 392 -3.21 78.66 -54.11
CA GLU A 392 -2.40 79.81 -54.48
C GLU A 392 -1.98 80.65 -53.27
N LYS A 393 -2.69 80.52 -52.15
CA LYS A 393 -2.36 81.23 -50.92
C LYS A 393 -1.55 80.38 -49.95
N ILE A 394 -1.91 79.11 -49.78
CA ILE A 394 -1.18 78.18 -48.90
C ILE A 394 -1.23 76.81 -49.56
N ALA A 395 -0.08 76.24 -49.88
CA ALA A 395 -0.01 74.99 -50.63
C ALA A 395 0.16 73.75 -49.77
N GLU A 396 0.68 73.87 -48.54
CA GLU A 396 0.81 72.70 -47.69
C GLU A 396 0.77 73.14 -46.24
N TYR A 397 0.45 72.18 -45.38
CA TYR A 397 0.34 72.39 -43.94
C TYR A 397 1.09 71.28 -43.22
N ASN A 398 1.82 71.62 -42.17
CA ASN A 398 2.47 70.66 -41.29
C ASN A 398 1.70 70.66 -39.97
N LEU A 399 1.19 69.50 -39.60
CA LEU A 399 0.33 69.34 -38.44
C LEU A 399 0.99 68.41 -37.41
N THR A 400 0.49 68.48 -36.18
CA THR A 400 0.99 67.60 -35.12
C THR A 400 -0.16 67.06 -34.29
N VAL A 401 -0.16 65.75 -34.10
CA VAL A 401 -1.19 65.05 -33.35
C VAL A 401 -0.57 64.55 -32.06
N VAL A 402 -1.17 64.88 -30.93
CA VAL A 402 -0.73 64.36 -29.65
C VAL A 402 -1.87 63.52 -29.07
N ALA A 403 -1.53 62.41 -28.43
CA ALA A 403 -2.50 61.51 -27.84
C ALA A 403 -1.99 61.11 -26.47
N GLU A 404 -2.70 61.46 -25.42
CA GLU A 404 -2.30 61.10 -24.07
C GLU A 404 -3.34 60.15 -23.49
N ASP A 405 -2.90 59.24 -22.62
CA ASP A 405 -3.85 58.43 -21.86
C ASP A 405 -4.06 59.10 -20.50
N LEU A 406 -4.95 58.53 -19.69
CA LEU A 406 -5.30 59.11 -18.40
C LEU A 406 -4.67 58.33 -17.24
N GLY A 407 -3.52 57.71 -17.48
CA GLY A 407 -2.79 57.08 -16.41
C GLY A 407 -2.16 58.11 -15.48
N SER A 408 -1.55 57.60 -14.41
CA SER A 408 -0.92 58.45 -13.40
C SER A 408 0.43 57.81 -13.09
N PRO A 409 1.49 58.26 -13.75
CA PRO A 409 1.53 59.32 -14.76
C PRO A 409 1.05 58.84 -16.12
N PRO A 410 0.75 59.77 -17.01
CA PRO A 410 0.22 59.38 -18.33
C PRO A 410 1.31 59.19 -19.39
N PHE A 411 0.98 58.33 -20.34
CA PHE A 411 1.80 58.16 -21.54
C PHE A 411 1.37 59.19 -22.57
N LYS A 412 2.33 59.77 -23.28
CA LYS A 412 2.05 60.72 -24.34
C LYS A 412 2.71 60.27 -25.62
N THR A 413 1.92 60.15 -26.68
CA THR A 413 2.44 59.85 -28.01
C THR A 413 2.25 61.05 -28.91
N VAL A 414 3.28 61.37 -29.68
CA VAL A 414 3.24 62.50 -30.61
C VAL A 414 3.54 61.99 -32.00
N LYS A 415 2.86 62.56 -33.00
CA LYS A 415 3.08 62.19 -34.38
C LYS A 415 2.89 63.42 -35.24
N GLN A 416 3.62 63.49 -36.35
CA GLN A 416 3.53 64.60 -37.27
C GLN A 416 2.81 64.17 -38.54
N TYR A 417 2.19 65.13 -39.20
CA TYR A 417 1.44 64.85 -40.42
C TYR A 417 1.49 66.08 -41.31
N THR A 418 1.36 65.84 -42.60
CA THR A 418 1.41 66.90 -43.60
C THR A 418 0.18 66.82 -44.49
N ILE A 419 -0.38 67.97 -44.78
CA ILE A 419 -1.46 68.10 -45.76
C ILE A 419 -0.93 68.93 -46.92
N ARG A 420 -1.21 68.49 -48.14
CA ARG A 420 -0.88 69.22 -49.36
C ARG A 420 -2.16 69.44 -50.13
N VAL A 421 -2.37 70.66 -50.62
CA VAL A 421 -3.61 71.00 -51.30
C VAL A 421 -3.44 70.81 -52.80
N SER A 422 -4.36 70.06 -53.41
CA SER A 422 -4.30 69.76 -54.83
C SER A 422 -4.79 70.94 -55.65
N ASP A 423 -4.14 71.17 -56.79
CA ASP A 423 -4.48 72.33 -57.62
C ASP A 423 -5.73 72.06 -58.44
N GLU A 424 -6.68 73.00 -58.39
CA GLU A 424 -7.72 73.11 -59.39
C GLU A 424 -7.45 74.35 -60.23
N ASN A 425 -8.03 74.39 -61.43
CA ASN A 425 -7.81 75.51 -62.35
C ASN A 425 -8.80 76.63 -61.98
N ASP A 426 -8.54 77.24 -60.82
CA ASP A 426 -9.44 78.21 -60.21
C ASP A 426 -9.18 79.64 -60.65
N ASN A 427 -8.10 79.89 -61.40
CA ASN A 427 -7.77 81.24 -61.84
C ASN A 427 -7.49 81.24 -63.34
N ALA A 428 -7.94 82.29 -63.99
CA ALA A 428 -7.75 82.45 -65.42
C ALA A 428 -6.62 83.44 -65.70
N PRO A 429 -6.09 83.45 -66.93
CA PRO A 429 -5.06 84.44 -67.27
C PRO A 429 -5.62 85.84 -67.08
N VAL A 430 -4.74 86.76 -66.69
CA VAL A 430 -5.14 88.13 -66.40
C VAL A 430 -4.11 89.07 -67.01
N PHE A 431 -4.54 89.92 -67.95
CA PHE A 431 -3.67 90.95 -68.49
C PHE A 431 -3.52 92.08 -67.47
N ALA A 432 -2.31 92.65 -67.41
CA ALA A 432 -2.05 93.76 -66.51
C ALA A 432 -3.17 94.80 -66.61
N LYS A 433 -3.45 95.25 -67.81
CA LYS A 433 -4.56 96.16 -68.04
C LYS A 433 -5.32 95.73 -69.28
N PRO A 434 -6.63 95.99 -69.31
CA PRO A 434 -7.44 95.49 -70.45
C PRO A 434 -7.06 96.11 -71.78
N VAL A 435 -6.70 97.39 -71.80
CA VAL A 435 -6.37 98.09 -73.04
C VAL A 435 -4.95 98.60 -72.94
N TYR A 436 -4.11 98.23 -73.90
CA TYR A 436 -2.76 98.74 -74.01
C TYR A 436 -2.72 99.77 -75.12
N GLU A 437 -1.90 100.80 -74.93
CA GLU A 437 -1.76 101.89 -75.89
C GLU A 437 -0.29 102.10 -76.18
N VAL A 438 0.08 101.95 -77.45
CA VAL A 438 1.44 102.17 -77.90
C VAL A 438 1.36 102.88 -79.25
N SER A 439 2.45 103.55 -79.60
CA SER A 439 2.52 104.32 -80.83
C SER A 439 3.66 103.83 -81.70
N VAL A 440 3.49 103.95 -83.00
CA VAL A 440 4.50 103.55 -83.98
C VAL A 440 4.58 104.63 -85.04
N LEU A 441 5.80 105.12 -85.28
CA LEU A 441 5.99 106.16 -86.29
C LEU A 441 5.81 105.56 -87.69
N GLU A 442 5.08 106.29 -88.52
CA GLU A 442 4.83 105.91 -89.90
C GLU A 442 6.11 105.51 -90.61
N ASN A 443 5.99 104.75 -91.71
CA ASN A 443 7.13 104.37 -92.53
C ASN A 443 8.17 103.60 -91.72
N ASN A 444 7.70 102.58 -91.00
CA ASN A 444 8.64 101.73 -90.28
C ASN A 444 9.19 100.66 -91.21
N ALA A 445 10.16 99.91 -90.69
CA ALA A 445 10.66 98.75 -91.41
C ALA A 445 9.70 97.58 -91.20
N PRO A 446 9.73 96.57 -92.07
CA PRO A 446 8.91 95.38 -91.83
C PRO A 446 9.58 94.47 -90.82
N GLY A 447 8.75 93.81 -90.03
CA GLY A 447 9.26 93.01 -88.93
C GLY A 447 9.73 93.81 -87.74
N ALA A 448 9.18 95.01 -87.56
CA ALA A 448 9.55 95.84 -86.43
C ALA A 448 8.75 95.45 -85.19
N TYR A 449 9.31 95.81 -84.04
CA TYR A 449 8.71 95.47 -82.75
C TYR A 449 7.84 96.61 -82.27
N ILE A 450 6.63 96.27 -81.82
CA ILE A 450 5.69 97.27 -81.34
C ILE A 450 5.64 97.23 -79.81
N THR A 451 5.16 96.12 -79.27
CA THR A 451 4.95 96.01 -77.83
C THR A 451 4.96 94.54 -77.45
N THR A 452 4.83 94.27 -76.15
CA THR A 452 4.68 92.92 -75.63
C THR A 452 3.61 92.95 -74.55
N VAL A 453 2.71 91.98 -74.57
CA VAL A 453 1.68 91.88 -73.56
C VAL A 453 2.02 90.75 -72.61
N VAL A 454 1.46 90.83 -71.41
CA VAL A 454 1.72 89.86 -70.37
C VAL A 454 0.41 89.53 -69.67
N ALA A 455 0.10 88.25 -69.56
CA ALA A 455 -1.02 87.74 -68.77
C ALA A 455 -0.47 86.75 -67.77
N ARG A 456 -1.19 86.58 -66.66
CA ARG A 456 -0.68 85.77 -65.56
C ARG A 456 -1.71 84.80 -65.04
N ASP A 457 -1.31 83.55 -64.95
CA ASP A 457 -2.11 82.48 -64.39
C ASP A 457 -1.35 81.95 -63.18
N PRO A 458 -1.83 82.16 -61.96
CA PRO A 458 -1.07 81.72 -60.78
C PRO A 458 -1.16 80.22 -60.49
N ASP A 459 -2.14 79.53 -61.08
CA ASP A 459 -2.18 78.09 -61.03
C ASP A 459 -0.83 77.52 -61.51
N PHE A 460 -0.54 76.30 -61.10
CA PHE A 460 0.79 75.75 -61.34
C PHE A 460 0.76 74.72 -62.47
N GLY A 461 1.93 74.52 -63.08
CA GLY A 461 2.07 73.53 -64.13
C GLY A 461 1.25 73.86 -65.35
N HIS A 462 0.71 72.82 -65.98
CA HIS A 462 -0.04 72.99 -67.22
C HIS A 462 -1.23 73.91 -67.04
N ASN A 463 -1.89 73.87 -65.88
CA ASN A 463 -3.04 74.75 -65.66
C ASN A 463 -2.67 76.23 -65.59
N GLY A 464 -1.39 76.57 -65.64
CA GLY A 464 -0.97 77.95 -65.46
C GLY A 464 -0.03 78.46 -66.53
N LYS A 465 0.17 77.69 -67.59
CA LYS A 465 0.98 78.12 -68.71
C LYS A 465 0.15 79.01 -69.63
N VAL A 466 0.66 80.19 -69.95
CA VAL A 466 -0.08 81.13 -70.76
C VAL A 466 0.29 80.94 -72.23
N ILE A 467 -0.73 81.03 -73.08
CA ILE A 467 -0.59 80.94 -74.53
C ILE A 467 -1.31 82.14 -75.12
N TYR A 468 -0.62 82.88 -76.00
CA TYR A 468 -1.16 84.10 -76.58
C TYR A 468 -1.59 83.87 -78.02
N ARG A 469 -2.72 84.48 -78.38
CA ARG A 469 -3.32 84.26 -79.68
C ARG A 469 -3.87 85.57 -80.21
N LEU A 470 -3.57 85.86 -81.49
CA LEU A 470 -4.13 87.01 -82.16
C LEU A 470 -5.54 86.67 -82.65
N VAL A 471 -6.54 87.38 -82.13
CA VAL A 471 -7.90 87.15 -82.59
C VAL A 471 -8.04 87.68 -84.01
N GLU A 472 -8.71 86.90 -84.86
CA GLU A 472 -8.88 87.28 -86.26
C GLU A 472 -9.91 88.39 -86.39
N THR A 473 -9.45 89.59 -86.75
CA THR A 473 -10.34 90.71 -87.01
C THR A 473 -9.99 91.33 -88.36
N GLU A 474 -10.97 91.97 -88.98
CA GLU A 474 -10.78 92.56 -90.30
C GLU A 474 -10.27 93.99 -90.19
N VAL A 475 -9.38 94.35 -91.10
CA VAL A 475 -8.81 95.69 -91.17
C VAL A 475 -8.80 96.11 -92.63
N MET A 476 -9.73 96.97 -93.01
CA MET A 476 -9.90 97.35 -94.40
C MET A 476 -10.03 96.11 -95.28
N GLY A 477 -11.01 95.28 -94.92
CA GLY A 477 -11.31 94.07 -95.68
C GLY A 477 -10.44 92.88 -95.33
N ALA A 478 -9.12 93.06 -95.44
CA ALA A 478 -8.17 91.97 -95.25
C ALA A 478 -8.08 91.58 -93.77
N PRO A 479 -7.37 90.48 -93.48
CA PRO A 479 -7.29 90.03 -92.08
C PRO A 479 -6.12 90.61 -91.30
N ILE A 480 -6.36 90.77 -90.00
CA ILE A 480 -5.37 91.36 -89.10
C ILE A 480 -4.06 90.61 -89.18
N THR A 481 -4.13 89.29 -89.37
CA THR A 481 -2.96 88.42 -89.32
C THR A 481 -1.91 88.77 -90.36
N THR A 482 -2.22 89.64 -91.32
CA THR A 482 -1.29 90.01 -92.35
C THR A 482 -0.48 91.25 -91.99
N TYR A 483 -0.99 92.11 -91.12
CA TYR A 483 -0.26 93.29 -90.69
C TYR A 483 0.69 93.00 -89.54
N VAL A 484 0.31 92.07 -88.66
CA VAL A 484 0.97 91.89 -87.37
C VAL A 484 1.08 90.40 -87.08
N SER A 485 2.09 90.05 -86.31
CA SER A 485 2.26 88.70 -85.79
C SER A 485 2.50 88.79 -84.29
N LEU A 486 2.20 87.70 -83.59
CA LEU A 486 2.34 87.64 -82.14
C LEU A 486 3.06 86.35 -81.78
N ASP A 487 4.18 86.47 -81.08
CA ASP A 487 4.85 85.30 -80.53
C ASP A 487 3.93 84.73 -79.45
N PRO A 488 3.39 83.51 -79.64
CA PRO A 488 2.35 83.03 -78.70
C PRO A 488 2.86 82.74 -77.30
N ALA A 489 4.17 82.66 -77.11
CA ALA A 489 4.74 82.36 -75.80
C ALA A 489 5.12 83.63 -75.04
N THR A 490 5.80 84.55 -75.71
CA THR A 490 6.23 85.80 -75.09
C THR A 490 5.15 86.87 -75.16
N GLY A 491 4.27 86.80 -76.14
CA GLY A 491 3.33 87.88 -76.36
C GLY A 491 3.93 89.09 -77.02
N ALA A 492 4.97 88.91 -77.81
CA ALA A 492 5.61 90.02 -78.52
C ALA A 492 4.90 90.24 -79.84
N VAL A 493 4.56 91.49 -80.13
CA VAL A 493 3.86 91.86 -81.34
C VAL A 493 4.88 92.45 -82.32
N TYR A 494 4.98 91.85 -83.50
CA TYR A 494 5.91 92.28 -84.54
C TYR A 494 5.12 92.69 -85.78
N ALA A 495 5.47 93.83 -86.35
CA ALA A 495 4.79 94.34 -87.52
C ALA A 495 5.31 93.65 -88.77
N LEU A 496 4.39 93.08 -89.56
CA LEU A 496 4.78 92.40 -90.79
C LEU A 496 4.93 93.38 -91.95
N ARG A 497 4.06 94.39 -92.01
CA ARG A 497 4.06 95.35 -93.10
C ARG A 497 4.62 96.69 -92.61
N THR A 498 4.88 97.58 -93.57
CA THR A 498 5.18 98.97 -93.25
C THR A 498 3.87 99.76 -93.30
N PHE A 499 3.56 100.48 -92.23
CA PHE A 499 2.28 101.16 -92.10
C PHE A 499 2.36 102.57 -92.66
N ASN A 500 1.24 103.03 -93.21
CA ASN A 500 1.14 104.37 -93.78
C ASN A 500 0.02 105.12 -93.09
N HIS A 501 0.36 106.24 -92.45
CA HIS A 501 -0.63 107.03 -91.72
C HIS A 501 -1.69 107.58 -92.65
N GLU A 502 -1.27 108.16 -93.79
CA GLU A 502 -2.21 108.72 -94.73
C GLU A 502 -3.33 107.74 -95.08
N ILE A 503 -3.08 106.45 -94.92
CA ILE A 503 -4.06 105.42 -95.22
C ILE A 503 -4.71 104.91 -93.95
N LEU A 504 -3.90 104.44 -93.02
CA LEU A 504 -4.36 103.81 -91.79
C LEU A 504 -3.77 104.55 -90.60
N GLN A 505 -4.64 104.98 -89.68
CA GLN A 505 -4.22 105.74 -88.51
C GLN A 505 -4.04 104.86 -87.28
N GLN A 506 -5.01 103.99 -87.01
CA GLN A 506 -5.05 103.20 -85.78
C GLN A 506 -5.35 101.76 -86.09
N LEU A 507 -4.67 100.86 -85.40
CA LEU A 507 -4.77 99.41 -85.61
C LEU A 507 -5.15 98.76 -84.29
N ASP A 508 -6.29 98.09 -84.25
CA ASP A 508 -6.80 97.53 -83.01
C ASP A 508 -6.60 96.01 -83.00
N LEU A 509 -5.56 95.57 -82.30
CA LEU A 509 -5.35 94.15 -82.08
C LEU A 509 -6.23 93.66 -80.94
N ARG A 510 -6.74 92.44 -81.06
CA ARG A 510 -7.49 91.79 -79.99
C ARG A 510 -6.80 90.46 -79.69
N ILE A 511 -6.16 90.37 -78.53
CA ILE A 511 -5.38 89.19 -78.16
C ILE A 511 -6.10 88.44 -77.06
N GLN A 512 -6.08 87.11 -77.16
CA GLN A 512 -6.60 86.26 -76.10
C GLN A 512 -5.46 85.51 -75.44
N ALA A 513 -5.50 85.48 -74.11
CA ALA A 513 -4.59 84.70 -73.29
C ALA A 513 -5.35 83.47 -72.79
N SER A 514 -4.73 82.30 -72.93
CA SER A 514 -5.35 81.04 -72.58
C SER A 514 -4.40 80.25 -71.69
N ASP A 515 -4.96 79.48 -70.76
CA ASP A 515 -4.14 78.57 -69.98
C ASP A 515 -4.17 77.18 -70.61
N GLY A 516 -3.23 76.34 -70.18
CA GLY A 516 -3.19 74.97 -70.66
C GLY A 516 -4.05 74.05 -69.81
N GLY A 517 -5.32 74.43 -69.61
CA GLY A 517 -6.19 73.74 -68.69
C GLY A 517 -7.36 73.05 -69.37
N SER A 518 -8.04 72.22 -68.61
CA SER A 518 -9.18 71.44 -69.09
C SER A 518 -10.30 71.54 -68.06
N PRO A 519 -11.32 72.36 -68.31
CA PRO A 519 -11.54 73.24 -69.49
C PRO A 519 -10.49 74.35 -69.60
N GLN A 520 -10.20 74.80 -70.81
CA GLN A 520 -9.31 75.94 -70.98
C GLN A 520 -10.00 77.22 -70.52
N LEU A 521 -9.24 78.11 -69.90
CA LEU A 521 -9.74 79.40 -69.45
C LEU A 521 -9.02 80.49 -70.23
N THR A 522 -9.79 81.46 -70.72
CA THR A 522 -9.25 82.51 -71.57
C THR A 522 -9.71 83.88 -71.09
N SER A 523 -9.00 84.90 -71.56
CA SER A 523 -9.37 86.29 -71.32
C SER A 523 -8.79 87.13 -72.44
N SER A 524 -9.50 88.18 -72.81
CA SER A 524 -9.11 88.99 -73.96
C SER A 524 -8.70 90.39 -73.54
N ALA A 525 -7.74 90.95 -74.27
CA ALA A 525 -7.32 92.33 -74.15
C ALA A 525 -7.19 92.91 -75.55
N ILE A 526 -7.04 94.23 -75.62
CA ILE A 526 -6.92 94.91 -76.90
C ILE A 526 -5.71 95.82 -76.88
N ILE A 527 -4.92 95.76 -77.94
CA ILE A 527 -3.78 96.65 -78.14
C ILE A 527 -4.18 97.70 -79.17
N LYS A 528 -4.22 98.97 -78.75
CA LYS A 528 -4.54 100.08 -79.64
C LYS A 528 -3.22 100.64 -80.15
N VAL A 529 -2.78 100.14 -81.30
CA VAL A 529 -1.56 100.63 -81.94
C VAL A 529 -1.87 101.94 -82.66
N LYS A 530 -1.07 102.96 -82.38
CA LYS A 530 -1.24 104.28 -82.95
C LYS A 530 -0.13 104.55 -83.96
N ILE A 531 -0.51 104.87 -85.19
CA ILE A 531 0.41 105.32 -86.21
C ILE A 531 0.33 106.84 -86.26
N VAL A 532 1.47 107.50 -86.09
CA VAL A 532 1.52 108.95 -86.08
C VAL A 532 2.24 109.43 -87.33
N ASP A 533 1.91 110.64 -87.75
CA ASP A 533 2.35 111.13 -89.04
C ASP A 533 3.79 111.61 -88.99
N GLN A 534 4.43 111.61 -90.17
CA GLN A 534 5.73 112.21 -90.38
C GLN A 534 5.72 112.95 -91.71
N ASN A 535 6.83 113.59 -92.05
CA ASN A 535 6.89 114.47 -93.22
C ASN A 535 7.47 113.72 -94.42
N ASP A 536 6.60 112.93 -95.05
CA ASP A 536 6.94 112.25 -96.28
C ASP A 536 5.98 112.61 -97.42
N ASN A 537 5.19 113.66 -97.26
CA ASN A 537 4.33 114.18 -98.33
C ASN A 537 4.55 115.70 -98.40
N ALA A 538 5.35 116.13 -99.36
CA ALA A 538 5.54 117.55 -99.61
C ALA A 538 4.29 118.12 -100.27
N PRO A 539 3.90 119.35 -99.93
CA PRO A 539 2.63 119.87 -100.45
C PRO A 539 2.76 120.25 -101.92
N VAL A 540 1.62 120.21 -102.61
CA VAL A 540 1.58 120.42 -104.05
C VAL A 540 0.64 121.57 -104.36
N ILE A 541 1.00 122.37 -105.35
CA ILE A 541 0.20 123.52 -105.75
C ILE A 541 -0.90 123.05 -106.68
N VAL A 542 -2.14 123.41 -106.35
CA VAL A 542 -3.32 122.96 -107.09
C VAL A 542 -3.78 124.07 -108.02
N GLN A 543 -4.20 125.19 -107.43
CA GLN A 543 -4.51 126.39 -108.19
C GLN A 543 -3.36 127.36 -108.03
N PRO A 544 -2.72 127.84 -109.10
CA PRO A 544 -3.06 127.68 -110.52
C PRO A 544 -2.69 126.29 -111.03
N ALA A 545 -3.32 125.88 -112.13
CA ALA A 545 -2.94 124.62 -112.76
C ALA A 545 -1.48 124.68 -113.21
N LEU A 546 -0.75 123.60 -112.93
CA LEU A 546 0.69 123.55 -113.11
C LEU A 546 1.04 122.85 -114.42
N SER A 547 2.05 123.39 -115.11
CA SER A 547 2.53 122.83 -116.37
C SER A 547 4.04 122.60 -116.28
N ASN A 548 4.43 121.36 -115.97
CA ASN A 548 5.84 121.01 -115.79
C ASN A 548 6.53 122.08 -114.92
N GLY A 549 5.85 122.45 -113.84
CA GLY A 549 6.41 123.37 -112.88
C GLY A 549 6.27 124.83 -113.22
N SER A 550 5.42 125.18 -114.17
CA SER A 550 5.25 126.56 -114.59
C SER A 550 3.78 126.85 -114.85
N ALA A 551 3.45 128.13 -114.88
CA ALA A 551 2.09 128.56 -115.13
C ALA A 551 2.12 129.98 -115.70
N GLU A 552 0.96 130.43 -116.17
CA GLU A 552 0.84 131.78 -116.73
C GLU A 552 -0.53 132.33 -116.37
N VAL A 553 -0.56 133.62 -116.06
CA VAL A 553 -1.80 134.38 -115.88
C VAL A 553 -1.53 135.78 -116.42
N VAL A 554 -2.51 136.37 -117.08
CA VAL A 554 -2.32 137.68 -117.69
C VAL A 554 -2.71 138.77 -116.71
N VAL A 555 -2.38 140.02 -117.04
CA VAL A 555 -2.65 141.17 -116.20
C VAL A 555 -3.13 142.30 -117.10
N PRO A 556 -4.33 142.85 -116.91
CA PRO A 556 -4.65 144.11 -117.61
C PRO A 556 -3.84 145.25 -117.02
N SER A 557 -3.22 146.05 -117.89
CA SER A 557 -2.49 147.22 -117.42
C SER A 557 -3.44 148.24 -116.81
N ARG A 558 -4.73 148.17 -117.13
CA ARG A 558 -5.75 149.04 -116.54
C ARG A 558 -6.20 148.38 -115.24
N ALA A 559 -5.46 148.66 -114.17
CA ALA A 559 -5.70 148.05 -112.87
C ALA A 559 -4.88 148.78 -111.82
N PRO A 560 -5.30 148.71 -110.55
CA PRO A 560 -4.60 149.47 -109.51
C PRO A 560 -3.47 148.74 -108.81
N HIS A 561 -2.80 149.45 -107.90
CA HIS A 561 -1.80 148.86 -107.03
C HIS A 561 -2.45 147.84 -106.10
N GLY A 562 -1.67 146.84 -105.70
CA GLY A 562 -2.18 145.79 -104.84
C GLY A 562 -3.28 145.03 -105.53
N PHE A 563 -2.95 144.46 -106.69
CA PHE A 563 -3.96 143.86 -107.54
C PHE A 563 -4.16 142.38 -107.21
N LEU A 564 -5.37 141.90 -107.50
CA LEU A 564 -5.74 140.51 -107.27
C LEU A 564 -5.55 139.73 -108.57
N VAL A 565 -4.32 139.24 -108.78
CA VAL A 565 -4.06 138.51 -110.02
C VAL A 565 -4.59 137.08 -109.93
N THR A 566 -4.03 136.29 -109.02
CA THR A 566 -4.23 134.85 -108.98
C THR A 566 -4.05 134.42 -107.53
N HIS A 567 -4.57 133.25 -107.23
CA HIS A 567 -4.64 132.77 -105.86
C HIS A 567 -4.01 131.38 -105.79
N ILE A 568 -2.80 131.30 -105.23
CA ILE A 568 -2.04 130.07 -105.23
C ILE A 568 -2.50 129.23 -104.03
N LYS A 569 -3.32 128.23 -104.31
CA LYS A 569 -3.76 127.26 -103.33
C LYS A 569 -2.91 125.99 -103.43
N ALA A 570 -2.67 125.35 -102.29
CA ALA A 570 -1.90 124.12 -102.26
C ALA A 570 -2.51 123.16 -101.25
N LYS A 571 -2.19 121.88 -101.42
CA LYS A 571 -2.72 120.83 -100.55
C LYS A 571 -1.59 119.92 -100.09
N ASP A 572 -1.76 119.39 -98.88
CA ASP A 572 -0.81 118.46 -98.27
C ASP A 572 -1.56 117.25 -97.75
N ALA A 573 -0.91 116.08 -97.79
CA ALA A 573 -1.55 114.84 -97.39
C ALA A 573 -1.43 114.56 -95.89
N ASP A 574 -0.39 115.08 -95.25
CA ASP A 574 -0.15 114.82 -93.83
C ASP A 574 -1.14 115.55 -92.96
N GLU A 575 -0.85 115.63 -91.66
CA GLU A 575 -1.73 116.32 -90.73
C GLU A 575 -0.90 117.25 -89.86
N GLY A 576 -1.59 118.10 -89.11
CA GLY A 576 -0.95 118.92 -88.10
C GLY A 576 0.10 119.84 -88.69
N VAL A 577 1.26 119.90 -88.01
CA VAL A 577 2.32 120.81 -88.44
C VAL A 577 2.69 120.56 -89.89
N ASN A 578 2.71 119.29 -90.31
CA ASN A 578 3.16 118.99 -91.66
C ASN A 578 2.16 119.39 -92.73
N ALA A 579 0.97 119.86 -92.35
CA ALA A 579 -0.01 120.42 -93.29
C ALA A 579 -0.25 121.89 -92.98
N GLU A 580 0.80 122.59 -92.56
CA GLU A 580 0.77 124.03 -92.32
C GLU A 580 1.48 124.69 -93.50
N LEU A 581 0.70 125.22 -94.42
CA LEU A 581 1.24 125.73 -95.69
C LEU A 581 1.56 127.21 -95.57
N THR A 582 2.80 127.58 -95.88
CA THR A 582 3.23 128.96 -95.90
C THR A 582 3.84 129.28 -97.26
N TYR A 583 3.52 130.47 -97.75
CA TYR A 583 3.78 130.86 -99.13
C TYR A 583 4.81 131.98 -99.19
N SER A 584 5.68 131.93 -100.20
CA SER A 584 6.64 133.00 -100.44
C SER A 584 6.79 133.23 -101.94
N ILE A 585 6.66 134.48 -102.37
CA ILE A 585 6.98 134.87 -103.75
C ILE A 585 8.26 135.68 -103.68
N ALA A 586 9.36 135.12 -104.17
CA ALA A 586 10.64 135.72 -103.82
C ALA A 586 11.67 135.57 -104.91
N ASP A 587 12.82 136.22 -104.69
CA ASP A 587 13.96 136.23 -105.60
C ASP A 587 13.53 136.56 -107.02
N GLU A 588 13.35 137.85 -107.27
CA GLU A 588 13.03 138.35 -108.60
C GLU A 588 13.94 139.50 -108.99
N GLY A 589 14.93 139.83 -108.17
CA GLY A 589 15.75 141.02 -108.38
C GLY A 589 15.00 142.28 -108.02
N ARG A 590 14.43 142.93 -109.04
CA ARG A 590 13.50 144.03 -108.80
C ARG A 590 12.30 143.54 -107.99
N ASN A 591 11.82 144.37 -107.06
CA ASN A 591 10.62 144.03 -106.30
C ASN A 591 9.41 144.25 -107.20
N VAL A 592 8.91 143.18 -107.81
CA VAL A 592 7.78 143.26 -108.72
C VAL A 592 6.48 142.83 -108.03
N PHE A 593 6.47 141.64 -107.42
CA PHE A 593 5.26 141.11 -106.81
C PHE A 593 5.47 140.86 -105.32
N THR A 594 4.37 140.92 -104.57
CA THR A 594 4.37 140.69 -103.13
C THR A 594 3.28 139.69 -102.78
N ILE A 595 3.58 138.78 -101.86
CA ILE A 595 2.70 137.66 -101.56
C ILE A 595 2.12 137.79 -100.16
N ASN A 596 0.89 137.33 -100.00
CA ASN A 596 0.26 137.17 -98.69
C ASN A 596 0.59 135.77 -98.19
N LYS A 597 1.42 135.68 -97.15
CA LYS A 597 1.88 134.38 -96.66
C LYS A 597 0.73 133.53 -96.16
N ALA A 598 -0.36 134.15 -95.75
CA ALA A 598 -1.49 133.41 -95.19
C ALA A 598 -2.21 132.62 -96.28
N THR A 599 -2.85 133.33 -97.19
CA THR A 599 -3.73 132.75 -98.20
C THR A 599 -3.13 132.89 -99.60
N GLY A 600 -1.81 132.87 -99.71
CA GLY A 600 -1.14 132.87 -100.99
C GLY A 600 -1.75 133.77 -102.04
N GLU A 601 -2.01 135.02 -101.69
CA GLU A 601 -2.56 136.00 -102.62
C GLU A 601 -1.43 136.93 -103.08
N VAL A 602 -1.25 137.04 -104.39
CA VAL A 602 -0.13 137.76 -104.97
C VAL A 602 -0.63 139.08 -105.53
N PHE A 603 0.07 140.17 -105.17
CA PHE A 603 -0.26 141.53 -105.52
C PHE A 603 0.98 142.15 -106.15
N LEU A 604 0.85 143.38 -106.65
CA LEU A 604 1.94 144.04 -107.35
C LEU A 604 2.52 145.18 -106.52
N VAL A 605 3.84 145.33 -106.61
CA VAL A 605 4.55 146.40 -105.91
C VAL A 605 4.69 147.65 -106.78
N ALA A 606 4.98 147.46 -108.06
CA ALA A 606 5.16 148.56 -108.99
C ALA A 606 3.83 149.01 -109.56
N ASP A 607 3.82 150.25 -110.08
CA ASP A 607 2.62 150.76 -110.73
C ASP A 607 2.38 150.02 -112.05
N VAL A 608 1.34 150.43 -112.76
CA VAL A 608 1.15 149.99 -114.14
C VAL A 608 2.24 150.65 -114.96
N SER A 609 3.39 149.99 -115.09
CA SER A 609 4.58 150.59 -115.70
C SER A 609 4.57 150.46 -117.22
N GLU A 610 4.24 149.28 -117.73
CA GLU A 610 4.26 149.04 -119.17
C GLU A 610 2.84 148.97 -119.71
N ALA A 611 2.71 149.28 -121.01
CA ALA A 611 1.40 149.26 -121.66
C ALA A 611 0.95 147.83 -121.93
N ILE A 612 1.70 147.10 -122.76
CA ILE A 612 1.37 145.72 -123.10
C ILE A 612 2.66 145.00 -123.48
N GLY A 613 2.59 143.67 -123.45
CA GLY A 613 3.61 142.84 -124.06
C GLY A 613 4.83 142.56 -123.23
N GLN A 614 4.70 142.47 -121.92
CA GLN A 614 5.83 142.28 -121.03
C GLN A 614 5.85 140.87 -120.46
N VAL A 615 7.06 140.31 -120.37
CA VAL A 615 7.29 139.00 -119.76
C VAL A 615 8.05 139.20 -118.46
N PHE A 616 7.54 138.61 -117.38
CA PHE A 616 8.16 138.70 -116.06
C PHE A 616 8.15 137.32 -115.40
N ARG A 617 9.31 136.86 -114.96
CA ARG A 617 9.41 135.58 -114.27
C ARG A 617 9.92 135.78 -112.84
N ALA A 618 9.33 135.03 -111.91
CA ALA A 618 9.79 134.94 -110.54
C ALA A 618 9.50 133.50 -110.08
N THR A 619 9.69 133.25 -108.78
CA THR A 619 9.35 131.94 -108.23
C THR A 619 8.51 132.14 -106.97
N VAL A 620 7.63 131.17 -106.72
CA VAL A 620 6.76 131.18 -105.54
C VAL A 620 6.74 129.77 -104.97
N SER A 621 7.10 129.66 -103.68
CA SER A 621 7.29 128.38 -103.02
C SER A 621 6.28 128.20 -101.90
N VAL A 622 5.90 126.93 -101.70
CA VAL A 622 5.00 126.52 -100.63
C VAL A 622 5.76 125.54 -99.75
N SER A 623 5.67 125.73 -98.44
CA SER A 623 6.36 124.87 -97.48
C SER A 623 5.41 124.48 -96.35
N ASP A 624 5.79 123.42 -95.64
CA ASP A 624 5.09 122.97 -94.45
C ASP A 624 6.01 123.10 -93.24
N SER A 625 5.45 122.83 -92.05
CA SER A 625 6.12 123.17 -90.80
C SER A 625 7.04 122.08 -90.26
N GLY A 626 6.72 120.81 -90.50
CA GLY A 626 7.46 119.71 -89.91
C GLY A 626 8.97 119.79 -90.10
N ARG A 627 9.71 119.00 -89.33
CA ARG A 627 11.17 118.99 -89.38
C ARG A 627 11.66 117.61 -89.81
N PRO A 628 12.38 117.48 -90.95
CA PRO A 628 12.68 118.54 -91.92
C PRO A 628 11.45 118.95 -92.71
N PRO A 629 11.32 120.23 -93.07
CA PRO A 629 10.22 120.64 -93.95
C PRO A 629 10.54 120.31 -95.40
N LEU A 630 9.49 120.15 -96.19
CA LEU A 630 9.61 120.03 -97.63
C LEU A 630 8.76 121.10 -98.30
N SER A 631 9.06 121.34 -99.57
CA SER A 631 8.44 122.46 -100.27
C SER A 631 8.45 122.18 -101.75
N SER A 632 7.51 122.81 -102.44
CA SER A 632 7.51 122.78 -103.90
C SER A 632 7.45 124.21 -104.42
N THR A 633 7.82 124.36 -105.69
CA THR A 633 7.94 125.65 -106.34
C THR A 633 7.05 125.71 -107.58
N ALA A 634 6.56 126.92 -107.85
CA ALA A 634 5.83 127.23 -109.07
C ALA A 634 6.40 128.51 -109.63
N THR A 635 6.72 128.50 -110.92
CA THR A 635 7.23 129.69 -111.61
C THR A 635 6.12 130.20 -112.52
N ILE A 636 5.62 131.39 -112.23
CA ILE A 636 4.46 131.95 -112.91
C ILE A 636 4.85 133.24 -113.60
N THR A 637 4.38 133.40 -114.83
CA THR A 637 4.63 134.60 -115.62
C THR A 637 3.35 135.42 -115.70
N PHE A 638 3.49 136.74 -115.71
CA PHE A 638 2.40 137.68 -115.85
C PHE A 638 2.60 138.48 -117.14
N LEU A 639 1.50 138.90 -117.75
CA LEU A 639 1.57 139.73 -118.95
C LEU A 639 0.56 140.87 -118.85
N VAL A 640 0.87 141.98 -119.49
CA VAL A 640 0.04 143.18 -119.47
C VAL A 640 -0.75 143.27 -120.77
N THR A 641 -2.07 143.45 -120.65
CA THR A 641 -2.96 143.43 -121.80
C THR A 641 -3.89 144.64 -121.80
N HIS A 642 -4.63 144.79 -122.90
CA HIS A 642 -5.66 145.82 -123.03
C HIS A 642 -6.94 145.23 -123.60
N LYS B 1 -20.59 59.92 -37.77
CA LYS B 1 -21.73 59.25 -37.07
C LYS B 1 -21.75 57.75 -37.38
N THR B 2 -22.29 56.95 -36.47
CA THR B 2 -22.27 55.50 -36.58
C THR B 2 -23.65 55.01 -37.01
N VAL B 3 -23.73 54.47 -38.23
CA VAL B 3 -24.95 53.88 -38.77
C VAL B 3 -24.86 52.37 -38.69
N ARG B 4 -25.95 51.73 -38.27
CA ARG B 4 -25.93 50.34 -37.86
C ARG B 4 -26.80 49.48 -38.76
N TYR B 5 -26.23 48.36 -39.20
CA TYR B 5 -26.97 47.36 -39.95
C TYR B 5 -26.86 46.02 -39.22
N ARG B 6 -27.36 44.98 -39.88
CA ARG B 6 -27.33 43.62 -39.36
C ARG B 6 -27.37 42.68 -40.54
N THR B 7 -26.49 41.68 -40.56
CA THR B 7 -26.47 40.64 -41.58
C THR B 7 -26.46 39.28 -40.89
N TYR B 8 -26.50 38.22 -41.69
CA TYR B 8 -26.44 36.85 -41.18
C TYR B 8 -25.30 36.12 -41.85
N GLU B 9 -24.45 35.47 -41.05
CA GLU B 9 -23.20 34.94 -41.57
C GLU B 9 -23.45 34.08 -42.80
N GLU B 10 -22.46 34.05 -43.69
CA GLU B 10 -22.47 33.15 -44.82
C GLU B 10 -23.75 33.26 -45.63
N ASP B 11 -24.28 34.47 -45.71
CA ASP B 11 -25.43 34.68 -46.58
C ASP B 11 -24.99 34.66 -48.04
N GLU B 12 -25.97 34.66 -48.93
CA GLU B 12 -25.72 34.69 -50.36
C GLU B 12 -24.94 35.95 -50.71
N PRO B 13 -23.75 35.84 -51.30
CA PRO B 13 -23.04 37.03 -51.76
C PRO B 13 -23.97 37.97 -52.52
N GLY B 14 -23.75 39.27 -52.36
CA GLY B 14 -24.53 40.26 -53.07
C GLY B 14 -25.90 40.54 -52.49
N THR B 15 -26.15 40.16 -51.25
CA THR B 15 -27.44 40.40 -50.62
C THR B 15 -27.46 41.79 -50.00
N VAL B 16 -28.67 42.33 -49.88
CA VAL B 16 -28.88 43.73 -49.55
C VAL B 16 -28.89 43.88 -48.04
N ILE B 17 -27.87 44.55 -47.49
CA ILE B 17 -27.89 44.89 -46.08
C ILE B 17 -28.68 46.17 -45.85
N GLY B 18 -28.48 47.17 -46.70
CA GLY B 18 -29.12 48.45 -46.54
C GLY B 18 -28.52 49.46 -47.50
N THR B 19 -29.11 50.65 -47.49
CA THR B 19 -28.77 51.70 -48.44
C THR B 19 -28.50 52.99 -47.69
N LEU B 20 -27.25 53.45 -47.69
CA LEU B 20 -26.91 54.65 -46.94
C LEU B 20 -27.66 55.87 -47.47
N ALA B 21 -27.61 56.10 -48.78
CA ALA B 21 -28.24 57.28 -49.37
C ALA B 21 -29.71 57.37 -48.96
N GLU B 22 -30.43 56.26 -49.04
CA GLU B 22 -31.86 56.26 -48.72
C GLU B 22 -32.10 56.17 -47.22
N ASP B 23 -31.31 55.35 -46.51
CA ASP B 23 -31.53 55.18 -45.08
C ASP B 23 -31.37 56.49 -44.32
N LEU B 24 -30.38 57.30 -44.72
CA LEU B 24 -30.04 58.52 -44.01
C LEU B 24 -30.62 59.77 -44.65
N HIS B 25 -31.67 59.63 -45.45
CA HIS B 25 -32.30 60.75 -46.15
C HIS B 25 -31.25 61.69 -46.73
N LEU B 26 -30.39 61.10 -47.57
CA LEU B 26 -29.22 61.80 -48.09
C LEU B 26 -29.54 62.40 -49.46
N GLU B 27 -30.12 63.60 -49.45
CA GLU B 27 -30.27 64.37 -50.67
C GLU B 27 -28.97 65.11 -50.98
N GLY B 28 -28.68 65.24 -52.27
CA GLY B 28 -27.38 65.70 -52.73
C GLY B 28 -26.74 64.68 -53.65
N GLU B 29 -25.43 64.51 -53.50
CA GLU B 29 -24.67 63.60 -54.33
C GLU B 29 -24.06 62.51 -53.45
N GLY B 30 -23.49 61.51 -54.10
CA GLY B 30 -22.66 60.56 -53.42
C GLY B 30 -21.73 59.85 -54.38
N SER B 31 -20.45 59.85 -54.09
CA SER B 31 -19.47 58.97 -54.73
C SER B 31 -18.91 58.05 -53.65
N PHE B 32 -19.78 57.18 -53.14
CA PHE B 32 -19.49 56.41 -51.92
C PHE B 32 -18.37 55.41 -52.17
N ARG B 33 -17.32 55.47 -51.35
CA ARG B 33 -16.20 54.56 -51.47
C ARG B 33 -15.68 54.18 -50.10
N LEU B 34 -14.94 53.08 -50.05
CA LEU B 34 -14.23 52.68 -48.85
C LEU B 34 -12.87 53.36 -48.80
N MET B 35 -12.39 53.60 -47.59
CA MET B 35 -11.05 54.15 -47.41
C MET B 35 -9.99 53.06 -47.47
N LYS B 36 -10.24 51.94 -46.80
CA LYS B 36 -9.25 50.89 -46.62
C LYS B 36 -9.46 49.80 -47.66
N GLN B 37 -8.47 49.61 -48.54
CA GLN B 37 -8.43 48.45 -49.43
C GLN B 37 -6.98 47.99 -49.51
N PHE B 38 -6.43 47.57 -48.37
CA PHE B 38 -5.12 46.95 -48.30
C PHE B 38 -5.20 45.43 -48.23
N ASN B 39 -6.21 44.90 -47.53
CA ASN B 39 -6.58 43.50 -47.59
C ASN B 39 -7.86 43.38 -48.44
N ASN B 40 -8.11 42.18 -48.95
CA ASN B 40 -9.25 41.95 -49.83
C ASN B 40 -10.54 42.11 -49.04
N SER B 41 -11.15 43.29 -49.15
CA SER B 41 -12.35 43.58 -48.37
C SER B 41 -13.46 42.60 -48.69
N LEU B 42 -14.28 42.31 -47.68
CA LEU B 42 -15.37 41.36 -47.79
C LEU B 42 -16.72 42.01 -48.06
N ILE B 43 -16.78 43.35 -48.03
CA ILE B 43 -17.99 44.08 -48.35
C ILE B 43 -17.69 45.05 -49.48
N HIS B 44 -18.60 45.15 -50.46
CA HIS B 44 -18.40 46.12 -51.54
C HIS B 44 -19.57 47.09 -51.55
N VAL B 45 -19.29 48.33 -51.97
CA VAL B 45 -20.24 49.43 -51.88
C VAL B 45 -20.50 49.98 -53.28
N ARG B 46 -21.76 50.22 -53.61
CA ARG B 46 -22.16 50.79 -54.90
C ARG B 46 -21.95 52.30 -54.86
N GLU B 47 -21.14 52.81 -55.78
CA GLU B 47 -20.79 54.23 -55.79
C GLU B 47 -22.04 55.11 -55.88
N SER B 48 -23.03 54.70 -56.66
CA SER B 48 -24.17 55.57 -56.94
C SER B 48 -24.84 56.04 -55.66
N ASP B 49 -25.26 55.09 -54.81
CA ASP B 49 -26.16 55.39 -53.70
C ASP B 49 -25.66 54.87 -52.36
N GLY B 50 -24.46 54.32 -52.29
CA GLY B 50 -23.94 53.87 -51.01
C GLY B 50 -24.67 52.67 -50.45
N GLN B 51 -24.98 51.70 -51.29
CA GLN B 51 -25.60 50.45 -50.89
C GLN B 51 -24.55 49.36 -51.01
N LEU B 52 -24.27 48.68 -49.91
CA LEU B 52 -23.19 47.71 -49.88
C LEU B 52 -23.75 46.31 -49.76
N SER B 53 -23.18 45.41 -50.54
CA SER B 53 -23.56 44.00 -50.53
C SER B 53 -22.38 43.14 -50.12
N ILE B 54 -22.72 41.93 -49.66
CA ILE B 54 -21.77 40.92 -49.23
C ILE B 54 -20.91 40.52 -50.42
N GLY B 55 -19.64 40.90 -50.41
CA GLY B 55 -18.75 40.56 -51.50
C GLY B 55 -18.34 39.11 -51.48
N GLU B 56 -17.50 38.75 -50.52
CA GLU B 56 -17.06 37.38 -50.35
C GLU B 56 -17.91 36.70 -49.27
N ARG B 57 -17.57 35.45 -48.96
CA ARG B 57 -18.25 34.75 -47.88
C ARG B 57 -17.84 35.36 -46.55
N ILE B 58 -18.80 35.47 -45.65
CA ILE B 58 -18.57 36.03 -44.32
C ILE B 58 -18.86 34.92 -43.31
N ASP B 59 -17.79 34.38 -42.70
CA ASP B 59 -17.87 33.29 -41.75
C ASP B 59 -17.58 33.85 -40.36
N ARG B 60 -18.64 33.99 -39.54
CA ARG B 60 -18.46 34.56 -38.22
C ARG B 60 -17.42 33.80 -37.41
N GLU B 61 -17.47 32.47 -37.45
CA GLU B 61 -16.59 31.66 -36.62
C GLU B 61 -15.11 31.85 -36.96
N ARG B 62 -14.80 32.50 -38.07
CA ARG B 62 -13.40 32.68 -38.48
C ARG B 62 -12.89 34.08 -38.25
N ILE B 63 -13.76 35.09 -38.25
CA ILE B 63 -13.34 36.46 -37.98
C ILE B 63 -13.52 36.85 -36.52
N CYS B 64 -14.39 36.15 -35.79
CA CYS B 64 -14.65 36.44 -34.38
C CYS B 64 -14.56 35.19 -33.51
N ARG B 65 -14.34 34.00 -34.09
CA ARG B 65 -14.19 32.75 -33.36
C ARG B 65 -15.26 32.61 -32.27
N GLN B 66 -14.85 32.51 -31.01
CA GLN B 66 -15.79 32.30 -29.90
C GLN B 66 -16.20 33.61 -29.24
N SER B 67 -16.09 34.73 -29.94
CA SER B 67 -16.34 36.04 -29.36
C SER B 67 -17.83 36.38 -29.43
N PRO B 68 -18.46 36.77 -28.31
CA PRO B 68 -19.93 36.86 -28.32
C PRO B 68 -20.50 37.77 -29.37
N HIS B 69 -19.82 38.87 -29.69
CA HIS B 69 -20.29 39.82 -30.68
C HIS B 69 -19.35 39.87 -31.86
N CYS B 70 -19.91 40.08 -33.04
CA CYS B 70 -19.12 40.17 -34.27
C CYS B 70 -19.71 41.31 -35.10
N THR B 71 -19.11 42.49 -34.98
CA THR B 71 -19.53 43.66 -35.72
C THR B 71 -18.38 44.06 -36.63
N LEU B 72 -18.64 44.08 -37.94
CA LEU B 72 -17.67 44.55 -38.91
C LEU B 72 -17.78 46.06 -39.05
N ALA B 73 -16.65 46.75 -38.96
CA ALA B 73 -16.62 48.20 -39.03
C ALA B 73 -16.06 48.64 -40.37
N LEU B 74 -16.78 49.52 -41.06
CA LEU B 74 -16.34 50.04 -42.35
C LEU B 74 -16.54 51.55 -42.38
N ASP B 75 -15.56 52.25 -42.95
CA ASP B 75 -15.61 53.70 -43.07
C ASP B 75 -15.77 54.08 -44.54
N VAL B 76 -16.90 54.69 -44.88
CA VAL B 76 -17.19 55.07 -46.26
C VAL B 76 -17.10 56.59 -46.36
N VAL B 77 -16.71 57.07 -47.53
CA VAL B 77 -16.61 58.50 -47.79
C VAL B 77 -17.46 58.84 -49.00
N SER B 78 -18.18 59.94 -48.92
CA SER B 78 -19.01 60.43 -50.01
C SER B 78 -18.62 61.86 -50.33
N VAL B 79 -19.21 62.42 -51.37
CA VAL B 79 -18.95 63.80 -51.78
C VAL B 79 -20.25 64.43 -52.24
N ALA B 80 -20.72 65.43 -51.50
CA ALA B 80 -22.00 66.08 -51.75
C ALA B 80 -21.74 67.58 -51.92
N LYS B 81 -21.78 68.04 -53.17
CA LYS B 81 -21.56 69.45 -53.47
C LYS B 81 -20.16 69.87 -53.05
N GLU B 82 -19.16 69.14 -53.55
CA GLU B 82 -17.75 69.42 -53.34
C GLU B 82 -17.31 69.19 -51.92
N GLN B 83 -18.16 68.67 -51.04
CA GLN B 83 -17.81 68.44 -49.64
C GLN B 83 -17.58 66.95 -49.43
N PHE B 84 -16.38 66.58 -48.98
CA PHE B 84 -16.09 65.20 -48.64
C PHE B 84 -16.61 64.91 -47.23
N LYS B 85 -17.45 63.89 -47.12
CA LYS B 85 -18.03 63.44 -45.87
C LYS B 85 -17.60 62.01 -45.58
N LEU B 86 -17.64 61.64 -44.30
CA LEU B 86 -17.31 60.28 -43.88
C LEU B 86 -18.42 59.73 -42.99
N ILE B 87 -18.77 58.47 -43.23
CA ILE B 87 -19.80 57.77 -42.47
C ILE B 87 -19.20 56.46 -41.95
N HIS B 88 -19.28 56.26 -40.64
CA HIS B 88 -18.82 55.05 -39.98
C HIS B 88 -19.98 54.09 -39.84
N VAL B 89 -19.78 52.85 -40.25
CA VAL B 89 -20.87 51.88 -40.27
C VAL B 89 -20.45 50.61 -39.55
N GLU B 90 -21.35 50.09 -38.72
CA GLU B 90 -21.15 48.86 -37.96
C GLU B 90 -22.19 47.85 -38.43
N VAL B 91 -21.72 46.75 -39.01
CA VAL B 91 -22.56 45.69 -39.56
C VAL B 91 -22.45 44.51 -38.60
N GLU B 92 -23.46 44.32 -37.76
CA GLU B 92 -23.47 43.15 -36.89
C GLU B 92 -23.57 41.89 -37.72
N VAL B 93 -22.67 40.95 -37.47
CA VAL B 93 -22.66 39.66 -38.14
C VAL B 93 -23.30 38.65 -37.19
N ARG B 94 -24.49 38.17 -37.55
CA ARG B 94 -25.23 37.25 -36.69
C ARG B 94 -24.82 35.80 -36.95
N ASP B 95 -24.84 35.01 -35.87
CA ASP B 95 -24.40 33.63 -35.90
C ASP B 95 -25.57 32.71 -36.22
N ILE B 96 -25.30 31.70 -37.04
CA ILE B 96 -26.23 30.62 -37.33
C ILE B 96 -25.55 29.32 -36.92
N ASN B 97 -26.34 28.29 -36.71
CA ASN B 97 -25.83 27.04 -36.15
C ASN B 97 -25.26 26.14 -37.25
N ASP B 98 -24.25 26.66 -37.95
CA ASP B 98 -23.53 25.88 -38.96
C ASP B 98 -22.30 25.18 -38.37
N ASN B 99 -22.26 25.00 -37.06
CA ASN B 99 -21.19 24.25 -36.40
C ASN B 99 -21.78 23.49 -35.22
N SER B 100 -21.41 22.13 -35.09
CA SER B 100 -21.91 21.13 -34.15
C SER B 100 -20.96 20.95 -32.97
N PRO B 101 -21.50 20.67 -31.79
CA PRO B 101 -20.64 20.26 -30.67
C PRO B 101 -19.73 19.11 -31.09
N ARG B 102 -18.51 19.10 -30.55
CA ARG B 102 -17.55 18.05 -30.85
C ARG B 102 -16.68 17.79 -29.64
N PHE B 103 -16.07 16.59 -29.60
CA PHE B 103 -15.12 16.21 -28.57
C PHE B 103 -13.73 16.03 -29.17
N PRO B 104 -12.67 16.42 -28.43
CA PRO B 104 -11.33 16.43 -29.03
C PRO B 104 -10.88 15.10 -29.61
N GLY B 105 -11.25 13.99 -28.98
CA GLY B 105 -10.78 12.68 -29.41
C GLY B 105 -11.92 11.70 -29.54
N ALA B 106 -11.65 10.62 -30.27
CA ALA B 106 -12.66 9.60 -30.48
C ALA B 106 -12.87 8.72 -29.24
N GLU B 107 -11.89 8.66 -28.35
CA GLU B 107 -12.03 7.88 -27.12
C GLU B 107 -11.46 8.64 -25.94
N ILE B 108 -12.15 8.55 -24.80
CA ILE B 108 -11.67 9.06 -23.53
C ILE B 108 -11.42 7.88 -22.60
N PRO B 109 -10.18 7.49 -22.35
CA PRO B 109 -9.92 6.39 -21.41
C PRO B 109 -9.92 6.90 -19.99
N VAL B 110 -10.54 6.14 -19.09
CA VAL B 110 -10.65 6.55 -17.70
C VAL B 110 -10.47 5.35 -16.78
N GLU B 111 -9.82 5.58 -15.64
CA GLU B 111 -9.56 4.57 -14.63
C GLU B 111 -10.08 5.07 -13.30
N VAL B 112 -10.71 4.17 -12.55
CA VAL B 112 -11.17 4.50 -11.21
C VAL B 112 -11.07 3.25 -10.35
N SER B 113 -10.72 3.45 -9.09
CA SER B 113 -10.63 2.33 -8.16
C SER B 113 -12.03 1.99 -7.65
N GLU B 114 -12.28 0.68 -7.51
CA GLU B 114 -13.53 0.23 -6.92
C GLU B 114 -13.71 0.71 -5.49
N SER B 115 -12.65 1.22 -4.88
CA SER B 115 -12.66 1.65 -3.48
C SER B 115 -12.91 3.13 -3.32
N ALA B 116 -13.34 3.83 -4.37
CA ALA B 116 -13.46 5.28 -4.24
C ALA B 116 -14.82 5.64 -3.65
N PRO B 117 -14.88 6.58 -2.70
CA PRO B 117 -16.17 6.95 -2.11
C PRO B 117 -17.07 7.62 -3.13
N VAL B 118 -18.36 7.66 -2.79
CA VAL B 118 -19.32 8.39 -3.61
C VAL B 118 -18.94 9.85 -3.67
N GLY B 119 -19.23 10.48 -4.81
CA GLY B 119 -18.91 11.87 -5.02
C GLY B 119 -17.56 12.15 -5.63
N THR B 120 -16.72 11.13 -5.80
CA THR B 120 -15.45 11.33 -6.48
C THR B 120 -15.71 11.76 -7.92
N ARG B 121 -15.08 12.86 -8.33
CA ARG B 121 -15.26 13.39 -9.67
C ARG B 121 -14.14 12.90 -10.57
N ILE B 122 -14.50 12.53 -11.79
CA ILE B 122 -13.58 12.10 -12.84
C ILE B 122 -13.69 13.14 -13.95
N PRO B 123 -12.64 13.89 -14.23
CA PRO B 123 -12.71 14.90 -15.29
C PRO B 123 -12.84 14.26 -16.67
N LEU B 124 -13.53 14.99 -17.54
CA LEU B 124 -13.79 14.55 -18.91
C LEU B 124 -13.35 15.64 -19.86
N ASP B 125 -12.96 15.23 -21.07
CA ASP B 125 -12.54 16.19 -22.08
C ASP B 125 -13.69 17.13 -22.40
N ILE B 126 -13.39 18.43 -22.40
CA ILE B 126 -14.45 19.43 -22.54
C ILE B 126 -14.97 19.44 -23.97
N ALA B 127 -16.28 19.61 -24.11
CA ALA B 127 -16.90 19.73 -25.42
C ALA B 127 -16.71 21.14 -25.97
N THR B 128 -16.84 21.27 -27.29
CA THR B 128 -16.69 22.56 -27.94
C THR B 128 -17.70 22.74 -29.06
N ASP B 129 -18.44 23.86 -29.02
CA ASP B 129 -19.31 24.31 -30.10
C ASP B 129 -18.81 25.67 -30.55
N GLU B 130 -18.40 25.78 -31.81
CA GLU B 130 -17.76 27.00 -32.30
C GLU B 130 -18.75 28.12 -32.57
N ASP B 131 -20.04 27.90 -32.34
CA ASP B 131 -21.02 28.97 -32.38
C ASP B 131 -20.98 29.70 -31.03
N VAL B 132 -21.91 30.64 -30.83
CA VAL B 132 -22.01 31.36 -29.57
C VAL B 132 -23.45 31.38 -29.11
N GLY B 133 -23.66 31.89 -27.90
CA GLY B 133 -25.01 32.08 -27.37
C GLY B 133 -25.75 30.77 -27.23
N VAL B 134 -27.03 30.79 -27.58
CA VAL B 134 -27.82 29.56 -27.53
C VAL B 134 -27.25 28.52 -28.48
N ASN B 135 -26.62 28.94 -29.57
CA ASN B 135 -26.04 27.99 -30.50
C ASN B 135 -24.78 27.33 -29.96
N SER B 136 -24.29 27.75 -28.81
CA SER B 136 -23.14 27.12 -28.17
C SER B 136 -23.57 25.81 -27.50
N ILE B 137 -22.61 25.14 -26.84
CA ILE B 137 -22.96 23.91 -26.16
C ILE B 137 -23.93 24.22 -25.02
N GLN B 138 -25.14 23.69 -25.14
CA GLN B 138 -26.17 23.90 -24.13
C GLN B 138 -26.48 22.65 -23.33
N SER B 139 -26.44 21.48 -23.96
CA SER B 139 -26.92 20.26 -23.33
C SER B 139 -25.87 19.17 -23.34
N PHE B 140 -25.84 18.39 -22.26
CA PHE B 140 -25.01 17.19 -22.15
C PHE B 140 -25.89 16.00 -21.86
N GLN B 141 -25.70 14.92 -22.60
CA GLN B 141 -26.49 13.72 -22.47
C GLN B 141 -25.73 12.67 -21.66
N ILE B 142 -26.45 12.00 -20.76
CA ILE B 142 -25.86 10.97 -19.92
C ILE B 142 -26.57 9.65 -20.16
N SER B 143 -25.81 8.56 -20.05
CA SER B 143 -26.36 7.22 -20.16
C SER B 143 -26.96 6.79 -18.83
N GLU B 144 -28.11 6.13 -18.88
CA GLU B 144 -28.79 5.69 -17.67
C GLU B 144 -28.02 4.55 -17.03
N ASN B 145 -27.56 4.75 -15.80
CA ASN B 145 -26.93 3.71 -15.01
C ASN B 145 -27.12 4.05 -13.54
N SER B 146 -26.78 3.11 -12.67
CA SER B 146 -27.05 3.29 -11.25
C SER B 146 -25.92 3.98 -10.51
N HIS B 147 -24.69 3.88 -10.99
CA HIS B 147 -23.52 4.34 -10.24
C HIS B 147 -23.03 5.71 -10.70
N PHE B 148 -22.89 5.92 -12.00
CA PHE B 148 -22.36 7.17 -12.53
C PHE B 148 -23.51 8.12 -12.85
N SER B 149 -23.48 9.33 -12.27
CA SER B 149 -24.36 10.43 -12.61
C SER B 149 -23.48 11.66 -12.74
N ILE B 150 -23.55 12.35 -13.87
CA ILE B 150 -22.62 13.44 -14.11
C ILE B 150 -23.20 14.76 -13.66
N ASP B 151 -22.35 15.79 -13.56
CA ASP B 151 -22.80 17.11 -13.16
C ASP B 151 -22.09 18.13 -14.03
N VAL B 152 -22.84 19.08 -14.54
CA VAL B 152 -22.29 20.15 -15.37
C VAL B 152 -22.03 21.34 -14.45
N GLN B 153 -20.87 21.96 -14.62
CA GLN B 153 -20.52 23.16 -13.88
C GLN B 153 -19.93 24.17 -14.85
N THR B 154 -20.17 25.43 -14.54
CA THR B 154 -19.78 26.54 -15.41
C THR B 154 -18.58 27.26 -14.82
N ARG B 155 -17.72 27.76 -15.69
CA ARG B 155 -16.51 28.46 -15.29
C ARG B 155 -16.69 29.95 -15.37
N ALA B 156 -15.69 30.68 -14.88
CA ALA B 156 -15.73 32.14 -14.93
C ALA B 156 -15.79 32.64 -16.37
N ASP B 157 -15.12 31.95 -17.29
CA ASP B 157 -15.14 32.34 -18.69
C ASP B 157 -16.24 31.63 -19.50
N GLY B 158 -17.25 31.09 -18.81
CA GLY B 158 -18.50 30.74 -19.44
C GLY B 158 -18.56 29.39 -20.10
N VAL B 159 -17.44 28.67 -20.26
CA VAL B 159 -17.52 27.35 -20.87
C VAL B 159 -18.19 26.40 -19.89
N LYS B 160 -19.04 25.52 -20.42
CA LYS B 160 -19.83 24.59 -19.60
C LYS B 160 -19.11 23.24 -19.59
N TYR B 161 -18.35 22.99 -18.53
CA TYR B 161 -17.64 21.71 -18.48
C TYR B 161 -18.48 20.68 -17.73
N ALA B 162 -18.16 19.41 -17.98
CA ALA B 162 -18.93 18.28 -17.46
C ALA B 162 -18.01 17.37 -16.67
N ASP B 163 -18.48 16.92 -15.52
CA ASP B 163 -17.73 16.04 -14.64
C ASP B 163 -18.48 14.72 -14.50
N LEU B 164 -17.75 13.62 -14.59
CA LEU B 164 -18.31 12.30 -14.32
C LEU B 164 -18.27 12.08 -12.81
N VAL B 165 -19.43 11.85 -12.20
CA VAL B 165 -19.48 11.70 -10.75
C VAL B 165 -20.12 10.35 -10.42
N LEU B 166 -19.62 9.72 -9.36
CA LEU B 166 -20.06 8.40 -8.92
C LEU B 166 -20.88 8.54 -7.64
N MET B 167 -22.08 7.97 -7.64
CA MET B 167 -23.01 8.10 -6.53
C MET B 167 -23.09 6.86 -5.64
N LYS B 168 -22.81 5.68 -6.17
CA LYS B 168 -22.99 4.42 -5.45
C LYS B 168 -21.68 3.63 -5.47
N GLU B 169 -21.41 2.90 -4.38
CA GLU B 169 -20.14 2.20 -4.25
C GLU B 169 -19.98 1.18 -5.36
N LEU B 170 -18.77 1.13 -5.91
CA LEU B 170 -18.46 0.20 -6.99
C LEU B 170 -17.98 -1.14 -6.42
N ASP B 171 -18.00 -2.17 -7.27
CA ASP B 171 -17.45 -3.47 -6.92
C ASP B 171 -16.88 -4.09 -8.19
N ARG B 172 -15.56 -4.13 -8.31
CA ARG B 172 -14.94 -4.63 -9.54
C ARG B 172 -15.21 -6.11 -9.73
N GLU B 173 -15.39 -6.85 -8.63
CA GLU B 173 -15.71 -8.27 -8.76
C GLU B 173 -17.13 -8.47 -9.25
N SER B 174 -18.03 -7.55 -8.94
CA SER B 174 -19.38 -7.58 -9.49
C SER B 174 -19.39 -7.06 -10.92
N GLN B 175 -18.80 -5.87 -11.15
CA GLN B 175 -18.75 -5.27 -12.47
C GLN B 175 -17.43 -4.52 -12.62
N SER B 176 -16.70 -4.80 -13.69
CA SER B 176 -15.33 -4.33 -13.84
C SER B 176 -15.12 -3.32 -14.95
N ALA B 177 -16.08 -3.15 -15.86
CA ALA B 177 -15.90 -2.21 -16.95
C ALA B 177 -17.23 -1.57 -17.30
N TYR B 178 -17.13 -0.41 -17.95
CA TYR B 178 -18.28 0.28 -18.50
C TYR B 178 -17.84 0.92 -19.81
N THR B 179 -18.74 0.91 -20.80
CA THR B 179 -18.50 1.60 -22.07
C THR B 179 -19.68 2.52 -22.30
N LEU B 180 -19.44 3.84 -22.27
CA LEU B 180 -20.49 4.83 -22.45
C LEU B 180 -20.04 5.80 -23.53
N GLU B 181 -20.83 5.91 -24.59
CA GLU B 181 -20.52 6.89 -25.62
C GLU B 181 -21.07 8.24 -25.18
N LEU B 182 -20.21 9.27 -25.23
CA LEU B 182 -20.54 10.59 -24.70
C LEU B 182 -20.84 11.53 -25.86
N LEU B 183 -22.01 12.16 -25.85
CA LEU B 183 -22.31 13.12 -26.90
C LEU B 183 -23.13 14.27 -26.36
N ALA B 184 -23.04 15.39 -27.08
CA ALA B 184 -23.79 16.59 -26.72
C ALA B 184 -24.33 17.28 -27.97
N MET B 185 -25.35 18.10 -27.75
CA MET B 185 -26.00 18.89 -28.79
C MET B 185 -26.19 20.31 -28.26
N ASP B 186 -26.30 21.25 -29.19
CA ASP B 186 -26.39 22.66 -28.82
C ASP B 186 -27.84 23.11 -28.75
N GLY B 187 -28.03 24.34 -28.28
CA GLY B 187 -29.34 24.92 -28.13
C GLY B 187 -29.86 25.54 -29.41
N GLY B 188 -31.06 26.09 -29.32
CA GLY B 188 -31.78 26.53 -30.50
C GLY B 188 -32.49 25.38 -31.17
N SER B 189 -33.47 25.74 -32.00
CA SER B 189 -34.38 24.73 -32.54
C SER B 189 -33.67 23.70 -33.42
N PRO B 190 -32.81 24.07 -34.38
CA PRO B 190 -31.95 23.05 -35.03
C PRO B 190 -30.73 22.76 -34.18
N SER B 191 -30.64 21.53 -33.68
CA SER B 191 -29.51 21.10 -32.86
C SER B 191 -28.64 20.15 -33.66
N ARG B 192 -27.33 20.26 -33.44
CA ARG B 192 -26.32 19.42 -34.08
C ARG B 192 -25.61 18.64 -33.00
N SER B 193 -25.33 17.36 -33.26
CA SER B 193 -24.79 16.48 -32.24
C SER B 193 -23.33 16.16 -32.52
N GLY B 194 -22.60 15.82 -31.45
CA GLY B 194 -21.22 15.38 -31.58
C GLY B 194 -20.88 14.41 -30.46
N THR B 195 -19.84 13.59 -30.70
CA THR B 195 -19.65 12.41 -29.86
C THR B 195 -18.18 12.03 -29.68
N THR B 196 -17.96 11.19 -28.66
CA THR B 196 -16.69 10.52 -28.36
C THR B 196 -16.99 9.26 -27.56
N MET B 197 -15.95 8.52 -27.19
CA MET B 197 -16.09 7.29 -26.40
C MET B 197 -15.53 7.45 -24.99
N VAL B 198 -16.31 7.06 -23.98
CA VAL B 198 -15.88 6.98 -22.60
C VAL B 198 -15.71 5.51 -22.26
N ASN B 199 -14.51 5.13 -21.83
CA ASN B 199 -14.22 3.75 -21.44
C ASN B 199 -13.82 3.77 -19.97
N VAL B 200 -14.76 3.41 -19.10
CA VAL B 200 -14.53 3.41 -17.66
C VAL B 200 -13.95 2.05 -17.29
N ARG B 201 -12.73 2.06 -16.77
CA ARG B 201 -12.00 0.85 -16.40
C ARG B 201 -11.87 0.82 -14.88
N VAL B 202 -12.55 -0.12 -14.24
CA VAL B 202 -12.56 -0.19 -12.78
C VAL B 202 -11.31 -0.93 -12.31
N LEU B 203 -10.54 -0.29 -11.42
CA LEU B 203 -9.31 -0.86 -10.93
C LEU B 203 -9.57 -1.65 -9.66
N ASP B 204 -8.85 -2.75 -9.49
CA ASP B 204 -9.11 -3.64 -8.36
C ASP B 204 -8.47 -3.12 -7.09
N PHE B 205 -9.19 -3.28 -5.98
CA PHE B 205 -8.67 -3.11 -4.63
C PHE B 205 -8.76 -4.47 -3.94
N ASN B 206 -7.86 -4.68 -2.97
CA ASN B 206 -7.80 -5.96 -2.25
C ASN B 206 -8.76 -5.93 -1.07
N ASP B 207 -10.05 -6.05 -1.40
CA ASP B 207 -11.12 -5.90 -0.41
C ASP B 207 -11.77 -7.22 -0.05
N ASN B 208 -11.22 -8.35 -0.49
CA ASN B 208 -11.79 -9.66 -0.20
C ASN B 208 -10.68 -10.61 0.23
N SER B 209 -10.74 -11.04 1.49
CA SER B 209 -9.80 -12.04 1.98
C SER B 209 -10.08 -13.37 1.31
N PRO B 210 -9.13 -14.30 1.36
CA PRO B 210 -9.41 -15.66 0.89
C PRO B 210 -10.35 -16.34 1.87
N VAL B 211 -11.05 -17.35 1.40
CA VAL B 211 -11.88 -18.16 2.28
C VAL B 211 -11.82 -19.61 1.78
N PHE B 212 -11.75 -20.53 2.73
CA PHE B 212 -11.56 -21.94 2.41
C PHE B 212 -12.88 -22.57 1.97
N GLU B 213 -12.77 -23.54 1.05
CA GLU B 213 -13.94 -24.29 0.61
C GLU B 213 -14.63 -24.97 1.76
N ARG B 214 -13.89 -25.30 2.83
CA ARG B 214 -14.48 -25.81 4.05
C ARG B 214 -13.80 -25.15 5.23
N SER B 215 -14.61 -24.68 6.18
CA SER B 215 -14.09 -23.94 7.33
C SER B 215 -13.28 -24.85 8.24
N SER B 216 -13.68 -26.10 8.36
CA SER B 216 -12.96 -27.06 9.17
C SER B 216 -12.86 -28.36 8.38
N VAL B 217 -11.90 -29.19 8.75
CA VAL B 217 -11.70 -30.47 8.12
C VAL B 217 -11.04 -31.40 9.13
N MET B 218 -11.46 -32.66 9.12
CA MET B 218 -10.87 -33.67 9.99
C MET B 218 -10.28 -34.78 9.13
N VAL B 219 -9.11 -35.26 9.53
CA VAL B 219 -8.42 -36.32 8.80
C VAL B 219 -7.86 -37.31 9.80
N GLU B 220 -7.95 -38.59 9.46
CA GLU B 220 -7.45 -39.66 10.30
C GLU B 220 -6.07 -40.07 9.83
N LEU B 221 -5.17 -40.28 10.80
CA LEU B 221 -3.77 -40.54 10.52
C LEU B 221 -3.30 -41.74 11.32
N MET B 222 -3.00 -42.85 10.64
CA MET B 222 -2.48 -44.01 11.34
C MET B 222 -1.17 -43.64 12.03
N GLU B 223 -0.99 -44.11 13.26
CA GLU B 223 0.20 -43.68 14.00
C GLU B 223 1.49 -44.21 13.38
N ASP B 224 1.39 -45.19 12.47
CA ASP B 224 2.55 -45.65 11.70
C ASP B 224 2.55 -45.11 10.27
N ALA B 225 1.86 -44.00 10.03
CA ALA B 225 1.86 -43.41 8.70
C ALA B 225 3.26 -42.91 8.34
N PRO B 226 3.72 -43.17 7.12
CA PRO B 226 5.12 -42.89 6.78
C PRO B 226 5.36 -41.41 6.51
N VAL B 227 6.62 -41.02 6.65
CA VAL B 227 7.03 -39.66 6.34
C VAL B 227 6.63 -39.31 4.90
N GLY B 228 6.23 -38.06 4.71
CA GLY B 228 5.68 -37.63 3.44
C GLY B 228 4.22 -37.97 3.21
N HIS B 229 3.60 -38.72 4.13
CA HIS B 229 2.20 -39.09 3.98
C HIS B 229 1.35 -37.84 3.74
N LEU B 230 0.43 -37.94 2.79
CA LEU B 230 -0.43 -36.81 2.42
C LEU B 230 -1.66 -36.82 3.32
N LEU B 231 -1.74 -35.85 4.22
CA LEU B 231 -2.95 -35.71 5.02
C LEU B 231 -4.05 -35.05 4.22
N LEU B 232 -3.75 -33.95 3.52
CA LEU B 232 -4.87 -33.23 2.93
C LEU B 232 -4.41 -32.14 2.01
N ASP B 233 -5.16 -31.94 0.93
CA ASP B 233 -4.88 -30.88 -0.04
C ASP B 233 -5.80 -29.70 0.27
N LEU B 234 -5.27 -28.71 0.99
CA LEU B 234 -6.04 -27.52 1.32
C LEU B 234 -6.34 -26.72 0.05
N ASP B 235 -7.56 -26.17 -0.02
CA ASP B 235 -7.96 -25.35 -1.14
C ASP B 235 -8.64 -24.09 -0.60
N ALA B 236 -8.27 -22.94 -1.15
CA ALA B 236 -8.86 -21.67 -0.76
C ALA B 236 -9.06 -20.83 -2.00
N LEU B 237 -9.89 -19.81 -1.88
CA LEU B 237 -10.28 -19.02 -3.02
C LEU B 237 -10.33 -17.55 -2.66
N ASP B 238 -10.03 -16.70 -3.64
CA ASP B 238 -9.99 -15.25 -3.50
C ASP B 238 -10.55 -14.62 -4.77
N PRO B 239 -11.66 -13.88 -4.68
CA PRO B 239 -12.23 -13.30 -5.91
C PRO B 239 -11.38 -12.21 -6.53
N ASP B 240 -10.49 -11.59 -5.76
CA ASP B 240 -9.76 -10.42 -6.25
C ASP B 240 -8.89 -10.78 -7.45
N GLU B 241 -8.29 -9.75 -8.04
CA GLU B 241 -7.62 -9.85 -9.32
C GLU B 241 -6.11 -9.94 -9.15
N GLY B 242 -5.49 -10.69 -10.05
CA GLY B 242 -4.05 -10.81 -10.06
C GLY B 242 -3.51 -11.23 -8.71
N ALA B 243 -2.44 -10.55 -8.29
CA ALA B 243 -1.74 -10.92 -7.06
C ALA B 243 -2.64 -10.77 -5.83
N ASN B 244 -3.57 -9.82 -5.86
CA ASN B 244 -4.50 -9.67 -4.74
C ASN B 244 -5.39 -10.90 -4.54
N GLY B 245 -5.44 -11.80 -5.52
CA GLY B 245 -6.26 -12.98 -5.40
C GLY B 245 -5.48 -14.28 -5.51
N GLU B 246 -4.16 -14.18 -5.43
CA GLU B 246 -3.28 -15.34 -5.52
C GLU B 246 -2.89 -15.75 -4.10
N ILE B 247 -3.03 -17.03 -3.80
CA ILE B 247 -2.98 -17.51 -2.43
C ILE B 247 -1.70 -18.29 -2.15
N VAL B 248 -1.24 -18.18 -0.91
CA VAL B 248 -0.15 -18.99 -0.38
C VAL B 248 -0.61 -19.53 0.97
N TYR B 249 -0.42 -20.83 1.18
CA TYR B 249 -0.89 -21.50 2.39
C TYR B 249 0.26 -21.66 3.38
N GLY B 250 -0.11 -21.81 4.64
CA GLY B 250 0.88 -22.00 5.68
C GLY B 250 0.18 -22.19 7.01
N PHE B 251 0.95 -22.06 8.09
CA PHE B 251 0.40 -22.21 9.43
C PHE B 251 -0.04 -20.87 10.00
N SER B 252 -1.12 -20.88 10.76
CA SER B 252 -1.51 -19.71 11.54
C SER B 252 -0.39 -19.35 12.50
N PRO B 253 -0.22 -18.06 12.81
CA PRO B 253 0.91 -17.66 13.68
C PRO B 253 0.91 -18.30 15.05
N GLN B 254 -0.24 -18.73 15.58
CA GLN B 254 -0.26 -19.30 16.93
C GLN B 254 0.16 -20.76 16.97
N VAL B 255 0.37 -21.40 15.83
CA VAL B 255 0.63 -22.85 15.83
C VAL B 255 1.97 -23.11 16.51
N PRO B 256 2.02 -23.98 17.52
CA PRO B 256 3.29 -24.25 18.21
C PRO B 256 4.37 -24.75 17.26
N GLN B 257 5.58 -24.88 17.81
CA GLN B 257 6.70 -25.40 17.02
C GLN B 257 6.62 -26.92 16.88
N GLU B 258 6.04 -27.61 17.85
CA GLU B 258 5.85 -29.05 17.72
C GLU B 258 5.09 -29.38 16.43
N VAL B 259 3.98 -28.67 16.19
CA VAL B 259 3.16 -28.95 15.03
C VAL B 259 3.87 -28.54 13.76
N ARG B 260 4.56 -27.40 13.79
CA ARG B 260 5.26 -26.91 12.60
C ARG B 260 6.39 -27.83 12.19
N GLN B 261 7.02 -28.50 13.17
CA GLN B 261 8.07 -29.47 12.88
C GLN B 261 7.48 -30.81 12.46
N LEU B 262 6.31 -31.15 13.00
CA LEU B 262 5.68 -32.43 12.72
C LEU B 262 4.95 -32.46 11.39
N PHE B 263 4.24 -31.38 11.06
CA PHE B 263 3.47 -31.30 9.82
C PHE B 263 4.02 -30.19 8.94
N LYS B 264 3.81 -30.34 7.64
CA LYS B 264 4.31 -29.39 6.67
C LYS B 264 3.20 -29.01 5.70
N ILE B 265 3.17 -27.74 5.32
CA ILE B 265 2.18 -27.20 4.38
C ILE B 265 2.94 -26.62 3.20
N ASP B 266 2.68 -27.14 2.00
CA ASP B 266 3.23 -26.56 0.79
C ASP B 266 2.56 -25.22 0.53
N ALA B 267 3.35 -24.14 0.50
CA ALA B 267 2.77 -22.81 0.37
C ALA B 267 2.03 -22.64 -0.95
N LYS B 268 2.50 -23.27 -2.03
CA LYS B 268 1.87 -23.04 -3.32
C LYS B 268 0.58 -23.84 -3.47
N SER B 269 0.64 -25.15 -3.20
CA SER B 269 -0.51 -26.02 -3.41
C SER B 269 -1.36 -26.20 -2.17
N GLY B 270 -0.79 -26.00 -0.99
CA GLY B 270 -1.52 -26.24 0.23
C GLY B 270 -1.57 -27.68 0.67
N ARG B 271 -0.73 -28.55 0.10
CA ARG B 271 -0.68 -29.94 0.54
C ARG B 271 -0.11 -30.01 1.95
N LEU B 272 -0.80 -30.74 2.82
CA LEU B 272 -0.45 -30.92 4.21
C LEU B 272 0.01 -32.35 4.39
N THR B 273 1.27 -32.50 4.81
CA THR B 273 1.97 -33.77 4.89
C THR B 273 2.59 -33.97 6.26
N LEU B 274 2.81 -35.24 6.60
CA LEU B 274 3.56 -35.62 7.78
C LEU B 274 5.04 -35.69 7.42
N GLU B 275 5.87 -34.95 8.14
CA GLU B 275 7.31 -35.08 8.00
C GLU B 275 7.93 -35.84 9.16
N GLY B 276 7.38 -35.69 10.35
CA GLY B 276 7.83 -36.43 11.52
C GLY B 276 7.11 -37.75 11.69
N GLN B 277 7.02 -38.22 12.92
CA GLN B 277 6.26 -39.41 13.25
C GLN B 277 5.38 -39.13 14.46
N VAL B 278 4.14 -39.63 14.41
CA VAL B 278 3.22 -39.49 15.50
C VAL B 278 3.19 -40.80 16.29
N ASP B 279 2.69 -40.73 17.51
CA ASP B 279 2.59 -41.90 18.38
C ASP B 279 1.32 -41.80 19.21
N PHE B 280 0.32 -42.61 18.84
CA PHE B 280 -0.96 -42.58 19.54
C PHE B 280 -0.78 -42.70 21.05
N GLU B 281 0.20 -43.46 21.50
CA GLU B 281 0.43 -43.64 22.92
C GLU B 281 0.98 -42.41 23.60
N THR B 282 1.34 -41.38 22.83
CA THR B 282 1.89 -40.14 23.37
C THR B 282 0.98 -38.95 23.18
N LYS B 283 0.34 -38.83 22.01
CA LYS B 283 -0.57 -37.73 21.71
C LYS B 283 -1.44 -38.18 20.56
N GLN B 284 -2.75 -38.27 20.78
CA GLN B 284 -3.64 -38.88 19.82
C GLN B 284 -4.54 -37.89 19.10
N THR B 285 -4.45 -36.61 19.41
CA THR B 285 -5.29 -35.63 18.75
C THR B 285 -4.53 -34.33 18.61
N TYR B 286 -4.43 -33.86 17.37
CA TYR B 286 -3.82 -32.59 17.05
C TYR B 286 -4.87 -31.65 16.50
N GLU B 287 -4.77 -30.39 16.89
CA GLU B 287 -5.67 -29.38 16.36
C GLU B 287 -4.89 -28.11 16.10
N PHE B 288 -4.99 -27.59 14.88
CA PHE B 288 -4.27 -26.39 14.56
C PHE B 288 -5.00 -25.66 13.44
N ASP B 289 -4.79 -24.37 13.36
CA ASP B 289 -5.37 -23.54 12.33
C ASP B 289 -4.36 -23.38 11.21
N ALA B 290 -4.68 -23.94 10.04
CA ALA B 290 -3.93 -23.62 8.83
C ALA B 290 -4.48 -22.32 8.27
N GLN B 291 -3.64 -21.57 7.57
CA GLN B 291 -4.11 -20.30 7.05
C GLN B 291 -3.69 -20.10 5.61
N ALA B 292 -4.50 -19.32 4.91
CA ALA B 292 -4.25 -18.92 3.53
C ALA B 292 -4.13 -17.42 3.49
N GLN B 293 -3.23 -16.92 2.65
CA GLN B 293 -2.86 -15.52 2.60
C GLN B 293 -2.79 -15.10 1.14
N ASP B 294 -3.38 -13.96 0.81
CA ASP B 294 -3.25 -13.49 -0.57
C ASP B 294 -1.97 -12.68 -0.70
N MET B 295 -1.43 -12.65 -1.92
CA MET B 295 -0.17 -11.97 -2.19
C MET B 295 -0.49 -10.55 -2.63
N ALA B 296 -0.85 -9.73 -1.65
CA ALA B 296 -1.14 -8.32 -1.86
C ALA B 296 -0.23 -7.51 -0.94
N LEU B 297 -0.16 -6.21 -1.24
CA LEU B 297 0.68 -5.30 -0.47
C LEU B 297 0.48 -5.50 1.03
N ASN B 298 -0.76 -5.33 1.49
CA ASN B 298 -1.16 -5.63 2.86
C ASN B 298 -2.12 -6.80 2.78
N PRO B 299 -1.64 -8.04 2.91
CA PRO B 299 -2.46 -9.18 2.54
C PRO B 299 -3.59 -9.43 3.53
N LEU B 300 -4.55 -10.21 3.08
CA LEU B 300 -5.66 -10.65 3.90
C LEU B 300 -5.54 -12.15 4.10
N THR B 301 -6.02 -12.61 5.25
CA THR B 301 -5.78 -13.96 5.68
C THR B 301 -7.08 -14.64 6.05
N ALA B 302 -7.08 -15.96 5.93
CA ALA B 302 -8.18 -16.79 6.38
C ALA B 302 -7.59 -17.98 7.12
N THR B 303 -8.40 -18.60 7.98
CA THR B 303 -7.97 -19.78 8.70
C THR B 303 -8.98 -20.91 8.52
N CYS B 304 -8.46 -22.12 8.66
CA CYS B 304 -9.20 -23.37 8.56
C CYS B 304 -8.76 -24.25 9.72
N LYS B 305 -9.74 -24.72 10.48
CA LYS B 305 -9.51 -25.55 11.66
C LYS B 305 -9.23 -26.98 11.21
N VAL B 306 -8.03 -27.47 11.45
CA VAL B 306 -7.63 -28.82 11.04
C VAL B 306 -7.54 -29.68 12.29
N ILE B 307 -8.24 -30.81 12.26
CA ILE B 307 -8.20 -31.83 13.29
C ILE B 307 -7.51 -33.05 12.71
N VAL B 308 -6.47 -33.52 13.38
CA VAL B 308 -5.80 -34.77 13.03
C VAL B 308 -6.06 -35.72 14.19
N ARG B 309 -6.89 -36.73 13.99
CA ARG B 309 -7.11 -37.77 14.98
C ARG B 309 -6.19 -38.93 14.65
N VAL B 310 -5.31 -39.28 15.58
CA VAL B 310 -4.34 -40.34 15.39
C VAL B 310 -5.01 -41.67 15.70
N ILE B 311 -4.69 -42.68 14.89
CA ILE B 311 -5.29 -44.01 14.99
C ILE B 311 -4.30 -44.96 15.61
N ASP B 312 -4.77 -45.78 16.52
CA ASP B 312 -3.93 -46.71 17.24
C ASP B 312 -3.58 -47.93 16.38
N VAL B 313 -2.33 -48.34 16.46
CA VAL B 313 -1.82 -49.57 15.86
C VAL B 313 -1.27 -50.42 16.99
N ASN B 314 -1.24 -51.73 16.77
CA ASN B 314 -0.63 -52.63 17.73
C ASN B 314 0.88 -52.53 17.54
N ASP B 315 1.48 -51.55 18.21
CA ASP B 315 2.92 -51.33 18.14
C ASP B 315 3.56 -51.44 19.51
N ASN B 316 2.85 -51.97 20.51
CA ASN B 316 3.44 -52.30 21.79
C ASN B 316 3.04 -53.70 22.19
N ALA B 317 3.97 -54.43 22.79
CA ALA B 317 3.70 -55.77 23.30
C ALA B 317 3.53 -55.71 24.80
N PRO B 318 2.89 -56.72 25.40
CA PRO B 318 2.66 -56.67 26.84
C PRO B 318 3.96 -56.66 27.60
N VAL B 319 3.97 -55.91 28.71
CA VAL B 319 5.08 -55.85 29.65
C VAL B 319 4.67 -56.60 30.91
N ILE B 320 5.56 -57.49 31.37
CA ILE B 320 5.37 -58.30 32.56
C ILE B 320 6.29 -57.77 33.65
N GLY B 321 5.71 -57.38 34.77
CA GLY B 321 6.47 -57.00 35.94
C GLY B 321 6.03 -57.86 37.12
N ILE B 322 6.99 -58.26 37.94
CA ILE B 322 6.69 -59.16 39.06
C ILE B 322 7.27 -58.56 40.33
N THR B 323 6.41 -58.33 41.33
CA THR B 323 6.82 -57.80 42.61
C THR B 323 6.52 -58.80 43.71
N PRO B 324 7.51 -59.30 44.44
CA PRO B 324 7.24 -60.31 45.47
C PRO B 324 6.99 -59.74 46.85
N LEU B 325 6.20 -60.49 47.63
CA LEU B 325 6.00 -60.12 49.03
C LEU B 325 7.33 -60.05 49.76
N THR B 326 8.19 -61.05 49.55
CA THR B 326 9.43 -61.22 50.30
C THR B 326 10.47 -61.70 49.31
N SER B 327 11.64 -61.06 49.30
CA SER B 327 12.65 -61.45 48.33
C SER B 327 14.03 -61.00 48.78
N ILE B 328 15.04 -61.65 48.21
CA ILE B 328 16.45 -61.31 48.43
C ILE B 328 17.07 -61.03 47.07
N SER B 329 17.06 -62.02 46.20
CA SER B 329 17.69 -61.91 44.89
C SER B 329 16.76 -61.18 43.91
N ALA B 330 17.35 -60.69 42.82
CA ALA B 330 16.56 -60.12 41.73
C ALA B 330 15.81 -61.23 41.02
N GLY B 331 14.51 -61.05 40.84
CA GLY B 331 13.70 -62.04 40.17
C GLY B 331 13.53 -63.33 40.94
N VAL B 332 13.46 -63.25 42.26
CA VAL B 332 13.26 -64.43 43.10
C VAL B 332 12.39 -64.06 44.28
N ALA B 333 11.29 -64.78 44.44
CA ALA B 333 10.37 -64.59 45.56
C ALA B 333 10.60 -65.71 46.59
N TYR B 334 10.56 -65.33 47.86
CA TYR B 334 10.68 -66.27 48.96
C TYR B 334 9.35 -66.40 49.68
N ILE B 335 9.11 -67.57 50.25
CA ILE B 335 7.93 -67.74 51.08
C ILE B 335 8.19 -68.88 52.06
N THR B 336 7.73 -68.70 53.29
CA THR B 336 7.96 -69.69 54.34
C THR B 336 7.15 -70.95 54.07
N GLU B 337 7.76 -72.11 54.34
CA GLU B 337 7.04 -73.36 54.20
C GLU B 337 5.81 -73.41 55.11
N ALA B 338 5.69 -72.48 56.06
CA ALA B 338 4.56 -72.42 56.98
C ALA B 338 3.31 -71.82 56.37
N ALA B 339 3.39 -71.21 55.19
CA ALA B 339 2.23 -70.52 54.63
C ALA B 339 1.07 -71.49 54.45
N ALA B 340 -0.13 -71.00 54.70
CA ALA B 340 -1.30 -71.83 54.51
C ALA B 340 -1.71 -71.84 53.04
N ARG B 341 -2.69 -72.68 52.74
CA ARG B 341 -3.34 -72.67 51.44
C ARG B 341 -3.69 -71.26 51.02
N GLU B 342 -3.54 -70.98 49.73
CA GLU B 342 -4.01 -69.72 49.14
C GLU B 342 -3.37 -68.51 49.83
N SER B 343 -2.07 -68.58 50.01
CA SER B 343 -1.29 -67.45 50.49
C SER B 343 -0.69 -66.70 49.30
N PHE B 344 -0.66 -65.38 49.40
CA PHE B 344 -0.12 -64.55 48.34
C PHE B 344 1.40 -64.64 48.34
N VAL B 345 1.99 -64.93 47.18
CA VAL B 345 3.43 -65.04 47.03
C VAL B 345 4.02 -63.85 46.29
N ALA B 346 3.40 -63.46 45.18
CA ALA B 346 3.92 -62.38 44.36
C ALA B 346 2.80 -61.84 43.47
N LEU B 347 2.94 -60.57 43.09
CA LEU B 347 1.96 -59.90 42.25
C LEU B 347 2.54 -59.68 40.86
N ILE B 348 1.80 -60.11 39.85
CA ILE B 348 2.19 -59.96 38.46
C ILE B 348 1.37 -58.84 37.82
N SER B 349 2.05 -57.95 37.11
CA SER B 349 1.45 -56.89 36.34
C SER B 349 1.68 -57.21 34.87
N THR B 350 0.58 -57.38 34.12
CA THR B 350 0.65 -57.58 32.67
C THR B 350 -0.08 -56.40 32.03
N THR B 351 0.67 -55.51 31.38
CA THR B 351 0.03 -54.34 30.78
C THR B 351 0.43 -54.22 29.32
N ASP B 352 -0.38 -53.48 28.56
CA ASP B 352 -0.10 -53.20 27.15
C ASP B 352 -0.51 -51.76 26.87
N ARG B 353 0.44 -50.94 26.39
CA ARG B 353 0.21 -49.52 26.25
C ARG B 353 -0.78 -49.18 25.15
N ASP B 354 -1.08 -50.12 24.26
CA ASP B 354 -2.02 -49.83 23.19
C ASP B 354 -3.43 -49.71 23.76
N SER B 355 -4.39 -49.49 22.87
CA SER B 355 -5.78 -49.32 23.25
C SER B 355 -6.64 -50.37 22.58
N GLY B 356 -7.85 -50.53 23.11
CA GLY B 356 -8.73 -51.54 22.57
C GLY B 356 -8.16 -52.93 22.80
N GLN B 357 -8.58 -53.87 21.93
CA GLN B 357 -8.07 -55.22 22.02
C GLN B 357 -6.55 -55.26 21.90
N ASN B 358 -5.97 -54.28 21.20
CA ASN B 358 -4.52 -54.27 21.10
C ASN B 358 -3.84 -54.10 22.43
N GLY B 359 -4.52 -53.51 23.41
CA GLY B 359 -3.97 -53.30 24.73
C GLY B 359 -4.55 -54.19 25.80
N GLN B 360 -5.32 -55.21 25.45
CA GLN B 360 -5.97 -56.09 26.41
C GLN B 360 -5.16 -57.35 26.53
N VAL B 361 -4.82 -57.73 27.77
CA VAL B 361 -3.83 -58.78 28.01
C VAL B 361 -4.49 -59.99 28.65
N HIS B 362 -4.07 -61.16 28.20
CA HIS B 362 -4.39 -62.44 28.81
C HIS B 362 -3.11 -62.98 29.42
N CYS B 363 -3.17 -63.32 30.71
CA CYS B 363 -2.02 -63.79 31.47
C CYS B 363 -2.23 -65.25 31.83
N THR B 364 -1.17 -66.04 31.71
CA THR B 364 -1.23 -67.46 32.01
C THR B 364 0.04 -67.87 32.75
N LEU B 365 -0.10 -68.76 33.72
CA LEU B 365 1.00 -69.19 34.58
C LEU B 365 1.29 -70.65 34.30
N TYR B 366 2.58 -70.98 34.16
CA TYR B 366 3.05 -72.34 33.95
C TYR B 366 4.01 -72.67 35.07
N GLY B 367 3.86 -73.85 35.64
CA GLY B 367 4.74 -74.28 36.70
C GLY B 367 4.05 -75.29 37.58
N HIS B 368 4.77 -75.67 38.64
CA HIS B 368 4.27 -76.67 39.56
C HIS B 368 2.84 -76.35 39.97
N GLU B 369 2.05 -77.42 40.15
CA GLU B 369 0.65 -77.25 40.50
C GLU B 369 0.46 -76.65 41.88
N HIS B 370 1.53 -76.48 42.67
CA HIS B 370 1.40 -75.88 43.99
C HIS B 370 1.09 -74.39 43.92
N PHE B 371 1.28 -73.75 42.77
CA PHE B 371 0.97 -72.34 42.60
C PHE B 371 -0.02 -72.15 41.46
N ARG B 372 -0.96 -71.24 41.66
CA ARG B 372 -1.95 -70.91 40.66
C ARG B 372 -2.06 -69.39 40.55
N LEU B 373 -2.73 -68.94 39.49
CA LEU B 373 -2.95 -67.54 39.22
C LEU B 373 -4.33 -67.13 39.73
N GLN B 374 -4.39 -66.00 40.42
CA GLN B 374 -5.65 -65.46 40.94
C GLN B 374 -5.63 -63.95 40.69
N GLN B 375 -6.58 -63.47 39.91
CA GLN B 375 -6.57 -62.06 39.52
C GLN B 375 -6.96 -61.19 40.71
N ALA B 376 -6.15 -60.16 40.98
CA ALA B 376 -6.42 -59.24 42.08
C ALA B 376 -7.19 -58.02 41.59
N TYR B 377 -6.73 -57.42 40.50
CA TYR B 377 -7.44 -56.29 39.90
C TYR B 377 -7.02 -56.17 38.45
N GLU B 378 -7.33 -55.02 37.82
CA GLU B 378 -7.09 -54.87 36.39
C GLU B 378 -5.61 -55.08 36.08
N ASP B 379 -5.34 -55.98 35.15
CA ASP B 379 -3.97 -56.26 34.71
C ASP B 379 -3.07 -56.61 35.88
N SER B 380 -3.65 -57.14 36.96
CA SER B 380 -2.90 -57.43 38.18
C SER B 380 -3.34 -58.78 38.71
N TYR B 381 -2.47 -59.78 38.54
CA TYR B 381 -2.72 -61.16 38.90
C TYR B 381 -1.81 -61.57 40.05
N MET B 382 -2.38 -62.30 41.00
CA MET B 382 -1.64 -62.83 42.13
C MET B 382 -1.15 -64.24 41.83
N ILE B 383 0.06 -64.55 42.28
CA ILE B 383 0.50 -65.92 42.44
C ILE B 383 0.11 -66.37 43.84
N VAL B 384 -0.63 -67.46 43.94
CA VAL B 384 -1.06 -67.97 45.23
C VAL B 384 -0.72 -69.45 45.32
N THR B 385 -0.52 -69.90 46.55
CA THR B 385 -0.32 -71.31 46.85
C THR B 385 -1.65 -72.05 46.77
N THR B 386 -1.58 -73.31 46.35
CA THR B 386 -2.76 -74.15 46.27
C THR B 386 -2.75 -75.29 47.28
N SER B 387 -1.57 -75.69 47.74
CA SER B 387 -1.41 -76.75 48.72
C SER B 387 -0.42 -76.28 49.77
N ALA B 388 -0.23 -77.10 50.80
CA ALA B 388 0.84 -76.84 51.74
C ALA B 388 2.19 -77.11 51.09
N LEU B 389 3.19 -76.36 51.51
CA LEU B 389 4.54 -76.49 50.98
C LEU B 389 5.43 -77.14 52.03
N ASP B 390 6.48 -77.81 51.55
CA ASP B 390 7.44 -78.48 52.43
C ASP B 390 8.82 -78.25 51.83
N ARG B 391 9.59 -77.35 52.44
CA ARG B 391 10.94 -77.09 51.96
C ARG B 391 11.74 -78.39 51.83
N GLU B 392 11.53 -79.32 52.76
CA GLU B 392 12.31 -80.55 52.77
C GLU B 392 12.00 -81.43 51.56
N LYS B 393 10.84 -81.26 50.92
CA LYS B 393 10.48 -82.00 49.72
C LYS B 393 10.79 -81.22 48.45
N ILE B 394 10.41 -79.94 48.41
CA ILE B 394 10.69 -79.06 47.28
C ILE B 394 11.04 -77.69 47.82
N ALA B 395 12.26 -77.23 47.55
CA ALA B 395 12.73 -75.95 48.06
C ALA B 395 12.66 -74.83 47.02
N GLU B 396 12.46 -75.16 45.75
CA GLU B 396 12.52 -74.17 44.69
C GLU B 396 11.61 -74.58 43.54
N TYR B 397 11.06 -73.56 42.88
CA TYR B 397 10.16 -73.74 41.77
C TYR B 397 10.56 -72.78 40.66
N ASN B 398 10.68 -73.29 39.44
CA ASN B 398 10.88 -72.46 38.26
C ASN B 398 9.51 -72.31 37.60
N LEU B 399 9.01 -71.07 37.56
CA LEU B 399 7.73 -70.72 36.97
C LEU B 399 7.93 -69.88 35.71
N THR B 400 6.88 -69.83 34.89
CA THR B 400 6.88 -69.03 33.67
C THR B 400 5.54 -68.31 33.52
N VAL B 401 5.61 -67.01 33.25
CA VAL B 401 4.43 -66.19 33.02
C VAL B 401 4.37 -65.86 31.54
N VAL B 402 3.19 -66.01 30.93
CA VAL B 402 2.99 -65.65 29.53
C VAL B 402 1.89 -64.60 29.49
N ALA B 403 2.08 -63.58 28.64
CA ALA B 403 1.16 -62.46 28.56
C ALA B 403 0.97 -62.11 27.09
N GLU B 404 -0.23 -62.34 26.57
CA GLU B 404 -0.54 -62.02 25.17
C GLU B 404 -1.53 -60.87 25.11
N ASP B 405 -1.42 -60.04 24.09
CA ASP B 405 -2.46 -59.05 23.85
C ASP B 405 -3.47 -59.63 22.86
N LEU B 406 -4.57 -58.91 22.64
CA LEU B 406 -5.65 -59.40 21.79
C LEU B 406 -5.64 -58.75 20.42
N GLY B 407 -4.47 -58.38 19.91
CA GLY B 407 -4.35 -57.90 18.56
C GLY B 407 -4.45 -59.01 17.53
N SER B 408 -4.51 -58.61 16.26
CA SER B 408 -4.66 -59.54 15.15
C SER B 408 -3.62 -59.14 14.11
N PRO B 409 -2.42 -59.71 14.17
CA PRO B 409 -1.98 -60.78 15.07
C PRO B 409 -1.56 -60.30 16.44
N PRO B 410 -1.51 -61.20 17.41
CA PRO B 410 -1.23 -60.79 18.79
C PRO B 410 0.24 -60.89 19.18
N PHE B 411 0.61 -60.02 20.11
CA PHE B 411 1.95 -60.01 20.69
C PHE B 411 1.97 -60.90 21.93
N LYS B 412 3.05 -61.67 22.09
CA LYS B 412 3.20 -62.56 23.23
C LYS B 412 4.54 -62.28 23.91
N THR B 413 4.49 -62.05 25.22
CA THR B 413 5.67 -61.82 26.03
C THR B 413 5.78 -62.93 27.07
N VAL B 414 6.97 -63.50 27.21
CA VAL B 414 7.21 -64.54 28.20
C VAL B 414 8.24 -64.05 29.20
N LYS B 415 8.09 -64.50 30.44
CA LYS B 415 9.01 -64.13 31.51
C LYS B 415 9.16 -65.32 32.43
N GLN B 416 10.34 -65.46 33.01
CA GLN B 416 10.60 -66.53 33.96
C GLN B 416 10.71 -65.97 35.37
N TYR B 417 10.35 -66.79 36.33
CA TYR B 417 10.39 -66.38 37.73
C TYR B 417 10.73 -67.60 38.57
N THR B 418 11.29 -67.38 39.75
CA THR B 418 11.67 -68.47 40.61
C THR B 418 11.13 -68.20 42.00
N ILE B 419 10.51 -69.22 42.60
CA ILE B 419 10.04 -69.14 43.97
C ILE B 419 10.90 -70.07 44.81
N ARG B 420 11.32 -69.59 45.97
CA ARG B 420 12.15 -70.37 46.89
C ARG B 420 11.44 -70.45 48.23
N VAL B 421 11.39 -71.65 48.79
CA VAL B 421 10.66 -71.89 50.03
C VAL B 421 11.61 -71.72 51.20
N SER B 422 11.22 -70.89 52.17
CA SER B 422 12.05 -70.57 53.31
C SER B 422 11.89 -71.62 54.41
N ASP B 423 13.01 -71.97 55.06
CA ASP B 423 13.00 -73.06 56.03
C ASP B 423 12.36 -72.61 57.33
N GLU B 424 11.49 -73.47 57.87
CA GLU B 424 11.03 -73.36 59.24
C GLU B 424 11.45 -74.65 59.95
N ASN B 425 11.48 -74.59 61.28
CA ASN B 425 11.93 -75.74 62.07
C ASN B 425 10.76 -76.69 62.28
N ASP B 426 10.40 -77.38 61.18
CA ASP B 426 9.26 -78.27 61.16
C ASP B 426 9.60 -79.71 61.50
N ASN B 427 10.88 -80.07 61.58
CA ASN B 427 11.26 -81.45 61.87
C ASN B 427 12.22 -81.52 63.04
N ALA B 428 12.13 -82.60 63.79
CA ALA B 428 12.97 -82.87 64.93
C ALA B 428 13.97 -83.96 64.61
N PRO B 429 15.08 -84.04 65.35
CA PRO B 429 16.06 -85.09 65.07
C PRO B 429 15.44 -86.46 65.28
N VAL B 430 15.93 -87.44 64.53
CA VAL B 430 15.41 -88.80 64.64
C VAL B 430 16.58 -89.78 64.53
N PHE B 431 16.73 -90.63 65.54
CA PHE B 431 17.80 -91.61 65.55
C PHE B 431 17.52 -92.74 64.56
N ALA B 432 18.61 -93.32 64.03
CA ALA B 432 18.49 -94.51 63.19
C ALA B 432 17.57 -95.54 63.84
N LYS B 433 17.85 -95.90 65.08
CA LYS B 433 17.03 -96.90 65.77
C LYS B 433 16.50 -96.34 67.08
N PRO B 434 15.22 -96.60 67.42
CA PRO B 434 14.68 -96.03 68.66
C PRO B 434 15.37 -96.57 69.91
N VAL B 435 15.72 -97.85 69.92
CA VAL B 435 16.36 -98.50 71.07
C VAL B 435 17.63 -99.16 70.55
N TYR B 436 18.78 -98.67 70.98
CA TYR B 436 20.06 -99.26 70.59
C TYR B 436 20.48 -100.31 71.61
N GLU B 437 21.18 -101.33 71.12
CA GLU B 437 21.64 -102.43 71.95
C GLU B 437 23.09 -102.76 71.61
N VAL B 438 23.95 -102.72 72.61
CA VAL B 438 25.35 -103.10 72.47
C VAL B 438 25.74 -103.85 73.73
N SER B 439 26.82 -104.61 73.64
CA SER B 439 27.32 -105.39 74.76
C SER B 439 28.70 -104.89 75.16
N VAL B 440 29.06 -105.14 76.41
CA VAL B 440 30.36 -104.74 76.95
C VAL B 440 30.89 -105.87 77.82
N LEU B 441 32.13 -106.27 77.57
CA LEU B 441 32.77 -107.30 78.38
C LEU B 441 33.07 -106.75 79.78
N GLU B 442 32.72 -107.52 80.80
CA GLU B 442 33.00 -107.15 82.18
C GLU B 442 34.45 -106.73 82.35
N ASN B 443 34.74 -106.02 83.43
CA ASN B 443 36.11 -105.63 83.77
C ASN B 443 36.79 -104.92 82.59
N ASN B 444 36.12 -103.90 82.06
CA ASN B 444 36.71 -103.09 81.01
C ASN B 444 37.58 -101.99 81.62
N ALA B 445 38.38 -101.34 80.78
CA ALA B 445 39.19 -100.23 81.24
C ALA B 445 38.31 -99.01 81.44
N PRO B 446 38.74 -98.06 82.27
CA PRO B 446 37.97 -96.83 82.44
C PRO B 446 38.24 -95.88 81.28
N GLY B 447 37.19 -95.18 80.87
CA GLY B 447 37.30 -94.30 79.72
C GLY B 447 37.27 -95.02 78.40
N ALA B 448 36.67 -96.20 78.35
CA ALA B 448 36.60 -96.98 77.12
C ALA B 448 35.39 -96.56 76.29
N TYR B 449 35.47 -96.86 75.00
CA TYR B 449 34.43 -96.49 74.05
C TYR B 449 33.44 -97.64 73.90
N ILE B 450 32.16 -97.31 73.89
CA ILE B 450 31.11 -98.31 73.73
C ILE B 450 30.55 -98.26 72.31
N THR B 451 29.93 -97.15 71.95
CA THR B 451 29.27 -97.01 70.66
C THR B 451 29.16 -95.53 70.32
N THR B 452 28.65 -95.26 69.12
CA THR B 452 28.33 -93.92 68.67
C THR B 452 26.90 -93.92 68.15
N VAL B 453 26.16 -92.85 68.44
CA VAL B 453 24.79 -92.71 67.96
C VAL B 453 24.75 -91.52 67.01
N VAL B 454 23.76 -91.53 66.13
CA VAL B 454 23.56 -90.48 65.14
C VAL B 454 22.06 -90.26 64.99
N ALA B 455 21.67 -88.99 64.93
CA ALA B 455 20.30 -88.59 64.66
C ALA B 455 20.27 -87.73 63.39
N ARG B 456 19.06 -87.51 62.87
CA ARG B 456 18.91 -86.85 61.58
C ARG B 456 17.88 -85.73 61.70
N ASP B 457 18.30 -84.52 61.35
CA ASP B 457 17.42 -83.37 61.26
C ASP B 457 17.49 -82.85 59.83
N PRO B 458 16.41 -82.93 59.04
CA PRO B 458 16.48 -82.46 57.65
C PRO B 458 16.37 -80.94 57.51
N ASP B 459 15.89 -80.21 58.52
CA ASP B 459 15.81 -78.77 58.46
C ASP B 459 17.19 -78.18 58.15
N PHE B 460 17.22 -76.91 57.81
CA PHE B 460 18.40 -76.25 57.26
C PHE B 460 19.13 -75.42 58.31
N GLY B 461 20.46 -75.33 58.15
CA GLY B 461 21.24 -74.43 58.98
C GLY B 461 21.17 -74.80 60.44
N HIS B 462 21.13 -73.77 61.30
CA HIS B 462 21.07 -74.02 62.74
C HIS B 462 19.92 -74.96 63.09
N ASN B 463 18.83 -74.91 62.32
CA ASN B 463 17.65 -75.72 62.58
C ASN B 463 17.88 -77.21 62.36
N GLY B 464 19.06 -77.62 61.89
CA GLY B 464 19.29 -79.01 61.57
C GLY B 464 20.58 -79.59 62.12
N LYS B 465 21.34 -78.81 62.88
CA LYS B 465 22.54 -79.32 63.52
C LYS B 465 22.17 -79.92 64.87
N VAL B 466 22.58 -81.16 65.09
CA VAL B 466 22.15 -81.95 66.24
C VAL B 466 23.19 -81.87 67.35
N ILE B 467 22.71 -81.78 68.59
CA ILE B 467 23.52 -81.87 69.79
C ILE B 467 22.88 -82.93 70.67
N TYR B 468 23.71 -83.82 71.21
CA TYR B 468 23.25 -84.93 72.03
C TYR B 468 23.55 -84.64 73.50
N ARG B 469 22.58 -84.95 74.36
CA ARG B 469 22.78 -84.79 75.80
C ARG B 469 22.31 -86.04 76.52
N LEU B 470 22.98 -86.37 77.60
CA LEU B 470 22.67 -87.53 78.41
C LEU B 470 21.61 -87.17 79.44
N VAL B 471 20.47 -87.87 79.40
CA VAL B 471 19.40 -87.63 80.35
C VAL B 471 19.81 -88.13 81.72
N GLU B 472 19.55 -87.32 82.74
CA GLU B 472 19.96 -87.62 84.11
C GLU B 472 19.03 -88.68 84.71
N THR B 473 19.55 -89.90 84.90
CA THR B 473 18.79 -90.99 85.49
C THR B 473 19.66 -91.73 86.49
N GLU B 474 19.01 -92.30 87.52
CA GLU B 474 19.71 -92.97 88.61
C GLU B 474 19.94 -94.44 88.30
N VAL B 475 21.08 -94.97 88.77
CA VAL B 475 21.41 -96.38 88.64
C VAL B 475 22.04 -96.83 89.96
N MET B 476 21.33 -97.67 90.70
CA MET B 476 21.78 -98.11 92.01
C MET B 476 22.16 -96.92 92.88
N GLY B 477 21.23 -95.98 93.02
CA GLY B 477 21.45 -94.82 93.84
C GLY B 477 22.15 -93.67 93.14
N ALA B 478 23.34 -93.93 92.61
CA ALA B 478 24.15 -92.87 91.99
C ALA B 478 23.55 -92.45 90.66
N PRO B 479 24.04 -91.36 90.07
CA PRO B 479 23.52 -90.90 88.78
C PRO B 479 24.27 -91.46 87.59
N ILE B 480 23.50 -91.70 86.52
CA ILE B 480 24.06 -92.32 85.32
C ILE B 480 25.24 -91.52 84.80
N THR B 481 25.25 -90.22 85.04
CA THR B 481 26.32 -89.35 84.55
C THR B 481 27.70 -89.76 85.04
N THR B 482 27.79 -90.65 86.02
CA THR B 482 29.08 -91.06 86.57
C THR B 482 29.63 -92.30 85.89
N TYR B 483 28.76 -93.17 85.34
CA TYR B 483 29.27 -94.38 84.70
C TYR B 483 29.68 -94.09 83.25
N VAL B 484 28.95 -93.22 82.56
CA VAL B 484 29.16 -92.99 81.13
C VAL B 484 29.21 -91.49 80.86
N SER B 485 29.89 -91.13 79.78
CA SER B 485 29.91 -89.77 79.29
C SER B 485 29.53 -89.77 77.81
N LEU B 486 28.89 -88.69 77.38
CA LEU B 486 28.45 -88.58 76.00
C LEU B 486 29.03 -87.30 75.40
N ASP B 487 29.77 -87.44 74.32
CA ASP B 487 30.29 -86.30 73.57
C ASP B 487 29.13 -85.67 72.80
N PRO B 488 28.80 -84.40 73.05
CA PRO B 488 27.58 -83.83 72.44
C PRO B 488 27.65 -83.68 70.93
N ALA B 489 28.84 -83.74 70.33
CA ALA B 489 29.00 -83.51 68.90
C ALA B 489 29.04 -84.79 68.08
N THR B 490 29.87 -85.75 68.49
CA THR B 490 30.00 -87.01 67.75
C THR B 490 28.95 -88.04 68.14
N GLY B 491 28.33 -87.88 69.30
CA GLY B 491 27.42 -88.90 69.78
C GLY B 491 28.10 -90.15 70.28
N ALA B 492 29.35 -90.04 70.73
CA ALA B 492 30.10 -91.19 71.21
C ALA B 492 29.93 -91.35 72.71
N VAL B 493 29.74 -92.60 73.15
CA VAL B 493 29.56 -92.93 74.55
C VAL B 493 30.86 -93.53 75.07
N TYR B 494 31.41 -92.94 76.13
CA TYR B 494 32.65 -93.39 76.75
C TYR B 494 32.32 -93.92 78.14
N ALA B 495 32.90 -95.08 78.48
CA ALA B 495 32.67 -95.71 79.78
C ALA B 495 33.58 -95.07 80.83
N LEU B 496 32.98 -94.56 81.91
CA LEU B 496 33.74 -93.83 82.92
C LEU B 496 34.28 -94.74 84.02
N ARG B 497 33.51 -95.74 84.44
CA ARG B 497 33.96 -96.67 85.48
C ARG B 497 34.15 -98.06 84.87
N THR B 498 34.75 -98.95 85.67
CA THR B 498 34.92 -100.34 85.30
C THR B 498 33.75 -101.14 85.87
N PHE B 499 33.05 -101.87 85.02
CA PHE B 499 31.81 -102.52 85.41
C PHE B 499 32.04 -103.95 85.88
N ASN B 500 31.18 -104.39 86.79
CA ASN B 500 31.20 -105.73 87.35
C ASN B 500 29.86 -106.39 87.11
N HIS B 501 29.85 -107.46 86.30
CA HIS B 501 28.61 -108.17 85.99
C HIS B 501 27.92 -108.66 87.27
N GLU B 502 28.69 -109.25 88.19
CA GLU B 502 28.11 -109.76 89.43
C GLU B 502 27.15 -108.74 90.05
N ILE B 503 27.44 -107.46 89.86
CA ILE B 503 26.65 -106.37 90.45
C ILE B 503 25.68 -105.78 89.43
N LEU B 504 26.19 -105.41 88.25
CA LEU B 504 25.43 -104.63 87.27
C LEU B 504 25.39 -105.39 85.96
N GLN B 505 24.18 -105.70 85.52
CA GLN B 505 23.98 -106.49 84.30
C GLN B 505 23.57 -105.65 83.11
N GLN B 506 22.63 -104.73 83.29
CA GLN B 506 22.12 -103.92 82.20
C GLN B 506 22.11 -102.45 82.59
N LEU B 507 22.57 -101.60 81.67
CA LEU B 507 22.66 -100.16 81.86
C LEU B 507 21.80 -99.50 80.79
N ASP B 508 20.79 -98.77 81.22
CA ASP B 508 19.80 -98.17 80.31
C ASP B 508 20.08 -96.67 80.22
N LEU B 509 20.85 -96.28 79.20
CA LEU B 509 21.12 -94.87 78.96
C LEU B 509 19.97 -94.26 78.17
N ARG B 510 19.65 -93.01 78.48
CA ARG B 510 18.58 -92.27 77.80
C ARG B 510 19.20 -91.01 77.23
N ILE B 511 19.32 -90.95 75.90
CA ILE B 511 19.93 -89.80 75.23
C ILE B 511 18.84 -88.95 74.61
N GLN B 512 19.04 -87.64 74.65
CA GLN B 512 18.21 -86.69 73.94
C GLN B 512 19.01 -86.12 72.77
N ALA B 513 18.40 -86.14 71.57
CA ALA B 513 18.91 -85.42 70.42
C ALA B 513 18.09 -84.16 70.25
N SER B 514 18.78 -83.01 70.13
CA SER B 514 18.13 -81.71 70.01
C SER B 514 18.71 -80.97 68.83
N ASP B 515 17.88 -80.17 68.18
CA ASP B 515 18.30 -79.35 67.05
C ASP B 515 18.64 -77.94 67.52
N GLY B 516 19.40 -77.24 66.69
CA GLY B 516 19.79 -75.88 67.00
C GLY B 516 18.81 -74.85 66.49
N GLY B 517 17.56 -74.97 66.91
CA GLY B 517 16.49 -74.10 66.44
C GLY B 517 15.78 -73.40 67.59
N SER B 518 14.87 -72.52 67.23
CA SER B 518 14.08 -71.79 68.23
C SER B 518 12.64 -71.63 67.76
N PRO B 519 11.66 -72.29 68.40
CA PRO B 519 11.79 -73.19 69.56
C PRO B 519 12.60 -74.45 69.26
N GLN B 520 13.36 -74.94 70.24
CA GLN B 520 14.17 -76.14 70.06
C GLN B 520 13.32 -77.39 70.12
N LEU B 521 13.64 -78.34 69.26
CA LEU B 521 12.93 -79.62 69.17
C LEU B 521 13.85 -80.76 69.60
N THR B 522 13.30 -81.68 70.38
CA THR B 522 14.07 -82.80 70.92
C THR B 522 13.36 -84.11 70.69
N SER B 523 14.13 -85.19 70.72
CA SER B 523 13.59 -86.54 70.68
C SER B 523 14.56 -87.46 71.38
N SER B 524 14.03 -88.45 72.08
CA SER B 524 14.84 -89.28 72.97
C SER B 524 14.90 -90.71 72.46
N ALA B 525 16.05 -91.34 72.72
CA ALA B 525 16.25 -92.75 72.46
C ALA B 525 16.94 -93.36 73.67
N ILE B 526 17.03 -94.69 73.71
CA ILE B 526 17.65 -95.39 74.82
C ILE B 526 18.66 -96.41 74.28
N ILE B 527 19.83 -96.43 74.89
CA ILE B 527 20.86 -97.41 74.62
C ILE B 527 20.84 -98.41 75.76
N LYS B 528 20.51 -99.66 75.47
CA LYS B 528 20.54 -100.71 76.48
C LYS B 528 21.88 -101.44 76.35
N VAL B 529 22.85 -101.00 77.14
CA VAL B 529 24.14 -101.69 77.20
C VAL B 529 23.99 -102.91 78.09
N LYS B 530 24.34 -104.07 77.56
CA LYS B 530 24.30 -105.32 78.30
C LYS B 530 25.72 -105.66 78.71
N ILE B 531 25.91 -105.96 79.99
CA ILE B 531 27.19 -106.35 80.53
C ILE B 531 27.22 -107.87 80.60
N VAL B 532 28.26 -108.46 80.02
CA VAL B 532 28.39 -109.91 79.91
C VAL B 532 29.50 -110.37 80.85
N ASP B 533 29.37 -111.60 81.33
CA ASP B 533 30.23 -112.09 82.40
C ASP B 533 31.60 -112.49 81.86
N GLN B 534 32.56 -112.58 82.77
CA GLN B 534 33.86 -113.19 82.51
C GLN B 534 34.26 -113.97 83.76
N ASN B 535 35.37 -114.69 83.68
CA ASN B 535 35.80 -115.58 84.75
C ASN B 535 36.83 -114.85 85.61
N ASP B 536 36.34 -113.93 86.44
CA ASP B 536 37.13 -113.25 87.45
C ASP B 536 36.63 -113.58 88.84
N ASN B 537 35.85 -114.66 88.96
CA ASN B 537 35.35 -115.16 90.24
C ASN B 537 35.78 -116.62 90.33
N ALA B 538 36.81 -116.89 91.14
CA ALA B 538 37.20 -118.25 91.48
C ALA B 538 36.24 -118.79 92.52
N PRO B 539 35.65 -119.97 92.31
CA PRO B 539 34.65 -120.47 93.27
C PRO B 539 35.30 -121.06 94.50
N VAL B 540 34.55 -121.02 95.58
CA VAL B 540 34.99 -121.57 96.85
C VAL B 540 34.00 -122.60 97.35
N ILE B 541 34.53 -123.51 98.18
CA ILE B 541 33.78 -124.62 98.74
C ILE B 541 33.11 -124.13 100.02
N VAL B 542 31.81 -124.40 100.14
CA VAL B 542 31.03 -123.89 101.27
C VAL B 542 30.80 -125.02 102.26
N GLN B 543 30.11 -126.08 101.83
CA GLN B 543 29.92 -127.26 102.65
C GLN B 543 30.88 -128.34 102.17
N PRO B 544 31.80 -128.86 103.00
CA PRO B 544 31.98 -128.63 104.45
C PRO B 544 32.73 -127.34 104.75
N ALA B 545 32.68 -126.91 106.01
CA ALA B 545 33.38 -125.70 106.42
C ALA B 545 34.89 -125.89 106.23
N LEU B 546 35.55 -124.81 105.80
CA LEU B 546 36.94 -124.85 105.37
C LEU B 546 37.86 -124.25 106.43
N SER B 547 39.05 -124.84 106.57
CA SER B 547 40.11 -124.31 107.42
C SER B 547 41.41 -124.32 106.61
N ASN B 548 41.78 -123.17 106.06
CA ASN B 548 42.92 -123.03 105.16
C ASN B 548 42.99 -124.21 104.19
N GLY B 549 41.84 -124.53 103.61
CA GLY B 549 41.76 -125.57 102.62
C GLY B 549 41.69 -126.98 103.15
N SER B 550 41.25 -127.16 104.39
CA SER B 550 41.15 -128.52 104.94
C SER B 550 39.96 -128.62 105.89
N ALA B 551 39.49 -129.85 106.06
CA ALA B 551 38.38 -130.18 106.95
C ALA B 551 38.46 -131.67 107.25
N GLU B 552 37.59 -132.13 108.15
CA GLU B 552 37.61 -133.52 108.59
C GLU B 552 36.20 -133.97 108.99
N VAL B 553 35.87 -135.22 108.65
CA VAL B 553 34.55 -135.78 108.92
C VAL B 553 34.69 -137.25 109.31
N VAL B 554 33.86 -137.70 110.26
CA VAL B 554 33.88 -139.08 110.75
C VAL B 554 32.70 -139.84 110.16
N VAL B 555 32.80 -141.17 110.18
CA VAL B 555 31.76 -142.04 109.62
C VAL B 555 31.84 -143.44 110.23
N PRO B 556 30.71 -144.08 110.58
CA PRO B 556 30.78 -145.47 111.06
C PRO B 556 31.07 -146.42 109.93
N SER B 557 31.84 -147.47 110.25
CA SER B 557 32.41 -148.36 109.24
C SER B 557 31.44 -149.41 108.73
N ARG B 558 30.24 -149.53 109.31
CA ARG B 558 29.33 -150.61 108.94
C ARG B 558 28.54 -150.23 107.70
N ALA B 559 29.05 -150.58 106.53
CA ALA B 559 28.33 -150.29 105.29
C ALA B 559 29.08 -150.91 104.10
N PRO B 560 28.35 -151.17 102.99
CA PRO B 560 29.01 -151.50 101.71
C PRO B 560 29.29 -150.27 100.86
N HIS B 561 29.59 -150.50 99.58
CA HIS B 561 29.94 -149.41 98.67
C HIS B 561 28.85 -148.36 98.62
N GLY B 562 29.24 -147.13 98.33
CA GLY B 562 28.33 -146.05 98.02
C GLY B 562 27.54 -145.46 99.17
N PHE B 563 28.24 -145.06 100.24
CA PHE B 563 27.59 -144.55 101.43
C PHE B 563 27.59 -143.02 101.46
N LEU B 564 26.59 -142.45 102.16
CA LEU B 564 26.42 -141.01 102.27
C LEU B 564 27.27 -140.49 103.43
N VAL B 565 28.54 -140.21 103.12
CA VAL B 565 29.45 -139.72 104.14
C VAL B 565 29.34 -138.21 104.30
N THR B 566 29.70 -137.48 103.25
CA THR B 566 29.75 -136.03 103.27
C THR B 566 29.33 -135.53 101.90
N HIS B 567 28.98 -134.25 101.84
CA HIS B 567 28.37 -133.67 100.65
C HIS B 567 29.08 -132.36 100.34
N ILE B 568 29.89 -132.36 99.28
CA ILE B 568 30.76 -131.24 98.96
C ILE B 568 29.99 -130.25 98.10
N LYS B 569 29.57 -129.15 98.71
CA LYS B 569 28.90 -128.06 98.00
C LYS B 569 29.87 -126.92 97.76
N ALA B 570 29.67 -126.22 96.66
CA ALA B 570 30.46 -125.04 96.35
C ALA B 570 29.56 -124.04 95.63
N LYS B 571 29.97 -122.78 95.62
CA LYS B 571 29.18 -121.77 94.92
C LYS B 571 30.08 -121.04 93.94
N ASP B 572 29.50 -120.56 92.85
CA ASP B 572 30.21 -119.71 91.91
C ASP B 572 29.47 -118.38 91.78
N ALA B 573 30.26 -117.30 91.63
CA ALA B 573 29.70 -115.96 91.62
C ALA B 573 29.21 -115.55 90.24
N ASP B 574 29.83 -116.09 89.18
CA ASP B 574 29.46 -115.72 87.82
C ASP B 574 28.14 -116.36 87.43
N GLU B 575 27.85 -116.41 86.13
CA GLU B 575 26.60 -116.95 85.63
C GLU B 575 26.88 -117.94 84.51
N GLY B 576 25.87 -118.75 84.18
CA GLY B 576 25.96 -119.62 83.02
C GLY B 576 27.15 -120.56 83.09
N VAL B 577 27.91 -120.62 81.99
CA VAL B 577 29.03 -121.53 81.90
C VAL B 577 30.00 -121.30 83.06
N ASN B 578 30.29 -120.04 83.38
CA ASN B 578 31.29 -119.79 84.42
C ASN B 578 30.77 -120.12 85.81
N ALA B 579 29.50 -120.50 85.94
CA ALA B 579 28.91 -120.98 87.19
C ALA B 579 28.52 -122.45 87.05
N GLU B 580 29.36 -123.22 86.36
CA GLU B 580 29.16 -124.64 86.14
C GLU B 580 30.08 -125.40 87.08
N LEU B 581 29.51 -126.02 88.10
CA LEU B 581 30.31 -126.70 89.12
C LEU B 581 30.70 -128.08 88.64
N THR B 582 32.01 -128.33 88.56
CA THR B 582 32.57 -129.62 88.21
C THR B 582 33.32 -130.16 89.40
N TYR B 583 33.01 -131.39 89.80
CA TYR B 583 33.54 -131.99 91.01
C TYR B 583 34.62 -132.99 90.66
N SER B 584 35.77 -132.89 91.33
CA SER B 584 36.91 -133.73 91.07
C SER B 584 37.46 -134.25 92.39
N ILE B 585 37.74 -135.55 92.43
CA ILE B 585 38.29 -136.23 93.60
C ILE B 585 39.74 -136.55 93.28
N ALA B 586 40.66 -135.81 93.91
CA ALA B 586 42.04 -135.80 93.48
C ALA B 586 42.87 -136.89 94.15
N ASP B 587 44.10 -137.04 93.66
CA ASP B 587 44.93 -138.18 94.02
C ASP B 587 45.12 -138.30 95.53
N GLU B 588 44.92 -139.52 96.03
CA GLU B 588 45.19 -139.87 97.41
C GLU B 588 46.06 -141.12 97.51
N GLY B 589 46.62 -141.58 96.40
CA GLY B 589 47.31 -142.85 96.37
C GLY B 589 46.34 -143.97 96.05
N ARG B 590 45.94 -144.72 97.07
CA ARG B 590 44.95 -145.77 96.87
C ARG B 590 43.69 -145.19 96.24
N ASN B 591 42.99 -146.02 95.47
CA ASN B 591 41.62 -145.69 95.07
C ASN B 591 40.73 -145.87 96.29
N VAL B 592 40.64 -144.83 97.12
CA VAL B 592 39.87 -144.89 98.37
C VAL B 592 38.46 -144.37 98.18
N PHE B 593 38.32 -143.16 97.62
CA PHE B 593 37.02 -142.53 97.43
C PHE B 593 36.78 -142.24 95.95
N THR B 594 35.50 -142.26 95.55
CA THR B 594 35.05 -141.90 94.22
C THR B 594 33.89 -140.92 94.35
N ILE B 595 33.84 -139.92 93.48
CA ILE B 595 32.94 -138.78 93.61
C ILE B 595 31.92 -138.78 92.48
N ASN B 596 30.68 -138.45 92.82
CA ASN B 596 29.59 -138.26 91.85
C ASN B 596 29.65 -136.81 91.38
N LYS B 597 30.08 -136.61 90.15
CA LYS B 597 30.33 -135.25 89.66
C LYS B 597 29.06 -134.43 89.52
N ALA B 598 27.88 -135.05 89.57
CA ALA B 598 26.64 -134.31 89.43
C ALA B 598 26.30 -133.55 90.72
N THR B 599 25.99 -134.29 91.79
CA THR B 599 25.49 -133.71 93.02
C THR B 599 26.52 -133.72 94.14
N GLY B 600 27.80 -133.66 93.78
CA GLY B 600 28.86 -133.53 94.75
C GLY B 600 28.75 -134.42 95.96
N GLU B 601 28.47 -135.70 95.74
CA GLU B 601 28.43 -136.69 96.80
C GLU B 601 29.63 -137.63 96.63
N VAL B 602 30.39 -137.82 97.70
CA VAL B 602 31.60 -138.65 97.67
C VAL B 602 31.31 -139.95 98.40
N PHE B 603 31.69 -141.07 97.78
CA PHE B 603 31.49 -142.41 98.33
C PHE B 603 32.84 -143.12 98.40
N LEU B 604 32.85 -144.30 99.01
CA LEU B 604 34.07 -145.05 99.24
C LEU B 604 34.11 -146.30 98.36
N VAL B 605 35.29 -146.59 97.81
CA VAL B 605 35.45 -147.72 96.90
C VAL B 605 35.88 -148.98 97.63
N ALA B 606 36.80 -148.87 98.60
CA ALA B 606 37.29 -150.04 99.32
C ALA B 606 36.41 -150.36 100.52
N ASP B 607 36.42 -151.64 100.90
CA ASP B 607 35.65 -152.09 102.05
C ASP B 607 36.24 -151.54 103.35
N VAL B 608 35.60 -151.86 104.46
CA VAL B 608 36.11 -151.52 105.78
C VAL B 608 37.10 -152.58 106.21
N SER B 609 38.38 -152.35 105.94
CA SER B 609 39.44 -153.22 106.44
C SER B 609 39.88 -152.80 107.84
N GLU B 610 39.92 -151.50 108.10
CA GLU B 610 40.35 -150.97 109.38
C GLU B 610 39.13 -150.67 110.25
N ALA B 611 39.27 -150.94 111.56
CA ALA B 611 38.21 -150.64 112.50
C ALA B 611 38.20 -149.17 112.87
N ILE B 612 39.34 -148.66 113.36
CA ILE B 612 39.42 -147.31 113.91
C ILE B 612 40.85 -146.79 113.76
N GLY B 613 40.98 -145.47 113.89
CA GLY B 613 42.27 -144.86 114.13
C GLY B 613 43.12 -144.54 112.93
N GLN B 614 42.51 -144.28 111.78
CA GLN B 614 43.26 -144.04 110.54
C GLN B 614 43.13 -142.59 110.10
N VAL B 615 44.25 -142.02 109.67
CA VAL B 615 44.29 -140.68 109.07
C VAL B 615 44.50 -140.85 107.58
N PHE B 616 43.64 -140.21 106.78
CA PHE B 616 43.70 -140.31 105.33
C PHE B 616 43.71 -138.91 104.73
N ARG B 617 44.61 -138.69 103.77
CA ARG B 617 44.84 -137.37 103.20
C ARG B 617 44.54 -137.39 101.71
N ALA B 618 43.78 -136.40 101.26
CA ALA B 618 43.47 -136.26 99.84
C ALA B 618 43.19 -134.80 99.54
N THR B 619 42.80 -134.53 98.30
CA THR B 619 42.30 -133.23 97.89
C THR B 619 41.04 -133.44 97.06
N VAL B 620 40.13 -132.46 97.12
CA VAL B 620 38.89 -132.46 96.36
C VAL B 620 38.67 -131.05 95.83
N SER B 621 38.49 -130.93 94.51
CA SER B 621 38.45 -129.63 93.88
C SER B 621 37.18 -129.42 93.06
N VAL B 622 36.79 -128.16 92.93
CA VAL B 622 35.66 -127.75 92.13
C VAL B 622 36.16 -126.76 91.08
N SER B 623 35.64 -126.89 89.86
CA SER B 623 36.05 -126.01 88.76
C SER B 623 34.84 -125.54 87.97
N ASP B 624 35.05 -124.49 87.18
CA ASP B 624 34.02 -123.93 86.33
C ASP B 624 34.41 -124.10 84.86
N SER B 625 33.54 -123.64 83.97
CA SER B 625 33.67 -123.92 82.54
C SER B 625 34.50 -122.89 81.79
N GLY B 626 34.43 -121.62 82.18
CA GLY B 626 35.07 -120.55 81.43
C GLY B 626 36.52 -120.79 81.08
N ARG B 627 37.06 -119.94 80.23
CA ARG B 627 38.46 -120.02 79.81
C ARG B 627 39.17 -118.71 80.14
N PRO B 628 40.24 -118.73 80.96
CA PRO B 628 40.70 -119.92 81.71
C PRO B 628 39.69 -120.30 82.77
N PRO B 629 39.50 -121.59 83.04
CA PRO B 629 38.69 -121.96 84.21
C PRO B 629 39.44 -121.63 85.49
N LEU B 630 38.68 -121.44 86.57
CA LEU B 630 39.24 -121.18 87.87
C LEU B 630 38.81 -122.27 88.85
N SER B 631 39.62 -122.44 89.89
CA SER B 631 39.41 -123.52 90.85
C SER B 631 40.11 -123.17 92.15
N SER B 632 39.56 -123.68 93.25
CA SER B 632 40.18 -123.58 94.55
C SER B 632 40.38 -124.99 95.11
N THR B 633 41.15 -125.09 96.19
CA THR B 633 41.59 -126.37 96.72
C THR B 633 41.13 -126.55 98.16
N ALA B 634 40.70 -127.78 98.47
CA ALA B 634 40.32 -128.17 99.83
C ALA B 634 40.66 -129.63 100.03
N THR B 635 41.31 -129.95 101.15
CA THR B 635 41.73 -131.31 101.46
C THR B 635 40.91 -131.84 102.62
N ILE B 636 40.18 -132.94 102.39
CA ILE B 636 39.29 -133.52 103.39
C ILE B 636 39.83 -134.86 103.84
N THR B 637 39.74 -135.12 105.15
CA THR B 637 40.09 -136.39 105.75
C THR B 637 38.84 -137.05 106.31
N PHE B 638 38.73 -138.36 106.16
CA PHE B 638 37.63 -139.14 106.72
C PHE B 638 38.17 -140.15 107.72
N LEU B 639 37.40 -140.43 108.77
CA LEU B 639 37.81 -141.34 109.82
C LEU B 639 36.62 -142.13 110.34
N VAL B 640 36.90 -143.37 110.78
CA VAL B 640 35.86 -144.27 111.26
C VAL B 640 36.01 -144.45 112.78
N THR B 641 34.89 -144.81 113.41
CA THR B 641 34.87 -145.07 114.85
C THR B 641 34.35 -146.48 115.15
#